data_6K54
#
_entry.id   6K54
#
_cell.length_a   170.582
_cell.length_b   138.699
_cell.length_c   110.636
_cell.angle_alpha   90.00
_cell.angle_beta   101.99
_cell.angle_gamma   90.00
#
_symmetry.space_group_name_H-M   'C 1 2 1'
#
loop_
_entity.id
_entity.type
_entity.pdbx_description
1 polymer 'GH6 cellobiohydrolase, HMCEL6A'
2 branched beta-D-glucopyranose-(1-4)-beta-D-glucopyranose-(1-4)-beta-D-glucopyranose-(1-4)-alpha-D-glucopyranose
3 branched beta-D-glucopyranose-(1-4)-beta-D-glucopyranose-(1-4)-beta-D-glucopyranose
4 non-polymer 'CALCIUM ION'
5 non-polymer IMIDAZOLE
6 non-polymer 2-{2-[2-(2-{2-[2-(2-ETHOXY-ETHOXY)-ETHOXY]-ETHOXY}-ETHOXY)-ETHOXY]-ETHOXY}-ETHANOL
7 non-polymer 'TRIETHYLENE GLYCOL'
8 non-polymer DI(HYDROXYETHYL)ETHER
9 water water
#
_entity_poly.entity_id   1
_entity_poly.type   'polypeptide(L)'
_entity_poly.pdbx_seq_one_letter_code
;MLDNPFIGAIGYVNPDWATNVISQANQTADPTLAAQMRKVATYSTAVWLDRIAAITAGRGLRGHLDEALRQMQQAGQPVV
ITLVIYDLPNRDCSAAASNGELLVAQNGLARYKAEFIDPIVAILSDPRYAGLRIVTIIEPDSLPNLVTNLSIPACAEAQN
AYIEGIRYAVNRLRTIPNVYIYLDIAHSGWLGWDNNFNGAVNLYTQVVQGMDQGFNSIDGFITNVANYTPLEEPYLPDPN
LTIAGQPVRSASFYEWNPYFDELDYALALRNAFIGRGFPSTIGMLIDTSRNGWGGCSYGRCRPTGPSSDTSSVNAYVDGS
RVDRRYHRGNWCNQAGGIGERPQAAPRSGIDAYVWVKPPGESDGVSQPGIVDPDDPNKKFDPMCDPNGQSRYNSAYPTGA
LPNAPHAGRWFPQQFEILVRNAYPPIQP
;
_entity_poly.pdbx_strand_id   A,B,C
#
# COMPACT_ATOMS: atom_id res chain seq x y z
N MET A 1 11.17 29.09 20.91
CA MET A 1 11.10 27.79 20.27
C MET A 1 12.18 27.62 19.19
N LEU A 2 12.58 26.38 19.00
CA LEU A 2 13.59 26.03 18.02
C LEU A 2 13.01 26.07 16.61
N ASP A 3 13.87 26.35 15.62
CA ASP A 3 13.41 26.26 14.24
C ASP A 3 13.10 24.81 13.86
N ASN A 4 13.84 23.85 14.39
CA ASN A 4 13.63 22.43 14.09
C ASN A 4 13.85 21.62 15.36
N PRO A 5 12.81 21.05 15.97
CA PRO A 5 13.00 20.31 17.22
C PRO A 5 13.83 19.05 17.06
N PHE A 6 13.99 18.55 15.83
CA PHE A 6 14.78 17.35 15.61
C PHE A 6 16.29 17.62 15.49
N ILE A 7 16.69 18.87 15.22
CA ILE A 7 18.10 19.22 15.18
C ILE A 7 18.65 19.29 16.60
N GLY A 8 19.75 18.57 16.84
CA GLY A 8 20.39 18.61 18.14
C GLY A 8 19.69 17.80 19.22
N ALA A 9 18.85 16.85 18.85
CA ALA A 9 18.18 15.99 19.81
C ALA A 9 18.25 14.56 19.33
N ILE A 10 18.16 13.62 20.26
CA ILE A 10 18.10 12.22 19.88
C ILE A 10 16.65 11.78 20.05
N GLY A 11 16.22 10.86 19.20
CA GLY A 11 14.84 10.43 19.25
C GLY A 11 14.57 9.52 20.43
N TYR A 12 13.41 9.74 21.06
CA TYR A 12 12.91 8.84 22.09
C TYR A 12 12.82 7.42 21.58
N VAL A 13 13.31 6.48 22.36
CA VAL A 13 13.15 5.06 22.05
C VAL A 13 12.08 4.50 22.97
N ASN A 14 10.96 4.10 22.39
CA ASN A 14 9.82 3.55 23.13
C ASN A 14 10.11 2.14 23.65
N PRO A 15 10.35 1.95 24.96
CA PRO A 15 10.70 0.62 25.45
C PRO A 15 9.61 -0.42 25.22
N ASP A 16 8.35 0.01 25.16
CA ASP A 16 7.24 -0.93 25.00
C ASP A 16 7.17 -1.48 23.59
N TRP A 17 7.51 -0.67 22.59
CA TRP A 17 7.63 -1.17 21.23
C TRP A 17 8.91 -2.01 21.08
N ALA A 18 10.03 -1.52 21.62
CA ALA A 18 11.28 -2.26 21.52
C ALA A 18 11.17 -3.65 22.14
N THR A 19 10.39 -3.79 23.21
CA THR A 19 10.20 -5.09 23.85
C THR A 19 9.52 -6.08 22.91
N ASN A 20 8.54 -5.62 22.12
CA ASN A 20 7.92 -6.49 21.12
C ASN A 20 8.94 -6.88 20.06
N VAL A 21 9.76 -5.93 19.62
CA VAL A 21 10.78 -6.23 18.62
C VAL A 21 11.74 -7.28 19.15
N ILE A 22 12.27 -7.05 20.36
CA ILE A 22 13.27 -7.97 20.90
C ILE A 22 12.66 -9.33 21.20
N SER A 23 11.43 -9.34 21.69
CA SER A 23 10.77 -10.62 21.93
C SER A 23 10.62 -11.42 20.64
N GLN A 24 10.32 -10.75 19.51
CA GLN A 24 10.25 -11.50 18.26
C GLN A 24 11.63 -11.94 17.80
N ALA A 25 12.64 -11.09 17.99
CA ALA A 25 14.00 -11.49 17.65
C ALA A 25 14.40 -12.75 18.40
N ASN A 26 14.05 -12.83 19.70
CA ASN A 26 14.38 -14.00 20.50
C ASN A 26 13.67 -15.25 20.02
N GLN A 27 12.61 -15.13 19.23
CA GLN A 27 11.91 -16.29 18.70
C GLN A 27 12.21 -16.54 17.23
N THR A 28 13.23 -15.89 16.67
CA THR A 28 13.51 -15.96 15.25
C THR A 28 14.72 -16.87 15.04
N ALA A 29 14.54 -17.91 14.22
CA ALA A 29 15.59 -18.93 14.08
C ALA A 29 16.82 -18.35 13.37
N ASP A 30 16.64 -17.72 12.21
CA ASP A 30 17.70 -17.10 11.42
C ASP A 30 18.49 -16.11 12.26
N PRO A 31 19.76 -16.39 12.57
CA PRO A 31 20.52 -15.50 13.45
C PRO A 31 20.84 -14.14 12.83
N THR A 32 20.89 -14.03 11.50
CA THR A 32 21.10 -12.71 10.92
C THR A 32 19.84 -11.87 10.99
N LEU A 33 18.70 -12.46 10.59
CA LEU A 33 17.43 -11.78 10.72
C LEU A 33 17.18 -11.34 12.16
N ALA A 34 17.48 -12.21 13.12
CA ALA A 34 17.29 -11.88 14.52
C ALA A 34 18.17 -10.70 14.93
N ALA A 35 19.43 -10.67 14.46
CA ALA A 35 20.30 -9.54 14.77
C ALA A 35 19.82 -8.27 14.10
N GLN A 36 19.26 -8.37 12.90
CA GLN A 36 18.65 -7.21 12.27
C GLN A 36 17.48 -6.70 13.09
N MET A 37 16.67 -7.61 13.65
CA MET A 37 15.56 -7.17 14.49
C MET A 37 16.06 -6.45 15.73
N ARG A 38 17.12 -6.97 16.36
CA ARG A 38 17.64 -6.29 17.54
C ARG A 38 18.11 -4.89 17.21
N LYS A 39 18.68 -4.70 16.01
CA LYS A 39 19.10 -3.36 15.62
C LYS A 39 17.91 -2.45 15.38
N VAL A 40 16.84 -2.97 14.77
CA VAL A 40 15.63 -2.17 14.55
C VAL A 40 15.09 -1.65 15.88
N ALA A 41 15.17 -2.47 16.94
CA ALA A 41 14.66 -2.09 18.25
C ALA A 41 15.34 -0.87 18.84
N THR A 42 16.49 -0.43 18.27
CA THR A 42 17.20 0.71 18.81
C THR A 42 16.71 2.04 18.23
N TYR A 43 15.83 2.01 17.24
CA TYR A 43 15.41 3.24 16.59
C TYR A 43 14.18 3.84 17.28
N SER A 44 13.92 5.10 16.92
CA SER A 44 12.93 5.92 17.58
C SER A 44 11.58 5.85 16.86
N THR A 45 10.51 5.57 17.62
CA THR A 45 9.17 5.49 17.09
C THR A 45 8.23 6.38 17.90
N ALA A 46 7.14 6.80 17.27
CA ALA A 46 6.17 7.67 17.93
C ALA A 46 5.27 6.87 18.87
N VAL A 47 4.79 7.55 19.92
CA VAL A 47 3.84 6.99 20.87
C VAL A 47 2.45 7.45 20.48
N TRP A 48 1.56 6.51 20.16
CA TRP A 48 0.20 6.85 19.74
C TRP A 48 -0.73 6.95 20.95
N LEU A 49 -1.44 8.07 21.06
CA LEU A 49 -2.52 8.24 22.04
C LEU A 49 -3.82 7.99 21.28
N ASP A 50 -4.26 6.74 21.27
CA ASP A 50 -5.30 6.30 20.35
C ASP A 50 -6.62 6.03 21.08
N ARG A 51 -6.69 6.36 22.36
CA ARG A 51 -7.94 6.29 23.12
C ARG A 51 -7.67 6.91 24.48
N ILE A 52 -8.76 7.23 25.19
CA ILE A 52 -8.63 7.87 26.49
C ILE A 52 -7.81 7.01 27.42
N ALA A 53 -8.00 5.69 27.35
CA ALA A 53 -7.25 4.78 28.21
C ALA A 53 -5.75 4.85 27.95
N ALA A 54 -5.35 5.20 26.73
CA ALA A 54 -3.92 5.26 26.42
C ALA A 54 -3.19 6.32 27.24
N ILE A 55 -3.91 7.33 27.73
CA ILE A 55 -3.27 8.36 28.54
C ILE A 55 -2.68 7.77 29.82
N THR A 56 -3.32 6.75 30.39
CA THR A 56 -2.89 6.18 31.66
C THR A 56 -2.47 4.72 31.61
N ALA A 57 -2.74 4.00 30.53
CA ALA A 57 -2.50 2.56 30.47
C ALA A 57 -1.01 2.26 30.46
N GLY A 58 -0.61 1.21 31.19
CA GLY A 58 0.81 0.89 31.27
C GLY A 58 1.56 2.06 31.89
N ARG A 59 2.76 2.34 31.36
CA ARG A 59 3.47 3.50 31.88
C ARG A 59 2.70 4.80 31.63
N GLY A 60 1.80 4.83 30.64
CA GLY A 60 0.99 6.01 30.39
C GLY A 60 1.75 7.14 29.75
N LEU A 61 1.06 8.23 29.38
CA LEU A 61 1.76 9.36 28.79
C LEU A 61 2.82 9.89 29.75
N ARG A 62 2.50 10.01 31.04
CA ARG A 62 3.51 10.43 32.01
C ARG A 62 4.71 9.48 32.03
N GLY A 63 4.45 8.18 31.90
CA GLY A 63 5.54 7.22 31.94
C GLY A 63 6.49 7.37 30.76
N HIS A 64 5.94 7.64 29.57
CA HIS A 64 6.78 7.84 28.40
C HIS A 64 7.61 9.10 28.54
N LEU A 65 7.01 10.17 29.08
CA LEU A 65 7.75 11.41 29.26
C LEU A 65 8.82 11.24 30.34
N ASP A 66 8.51 10.54 31.43
CA ASP A 66 9.54 10.23 32.43
C ASP A 66 10.64 9.37 31.83
N GLU A 67 10.30 8.42 30.98
CA GLU A 67 11.31 7.61 30.32
C GLU A 67 12.16 8.48 29.39
N ALA A 68 11.52 9.46 28.71
CA ALA A 68 12.27 10.40 27.88
C ALA A 68 13.25 11.23 28.70
N LEU A 69 12.82 11.73 29.86
CA LEU A 69 13.76 12.40 30.76
C LEU A 69 14.93 11.49 31.12
N ARG A 70 14.65 10.21 31.40
CA ARG A 70 15.71 9.27 31.73
CA ARG A 70 15.69 9.25 31.72
C ARG A 70 16.70 9.12 30.58
N GLN A 71 16.21 8.97 29.35
CA GLN A 71 17.10 8.82 28.20
C GLN A 71 17.90 10.10 27.95
N MET A 72 17.29 11.26 28.23
CA MET A 72 17.99 12.52 28.06
C MET A 72 19.13 12.66 29.07
N GLN A 73 18.85 12.31 30.32
CA GLN A 73 19.89 12.31 31.34
C GLN A 73 21.02 11.36 30.97
N GLN A 74 20.68 10.13 30.53
CA GLN A 74 21.72 9.15 30.22
CA GLN A 74 21.71 9.14 30.21
C GLN A 74 22.57 9.59 29.04
N ALA A 75 21.99 10.27 28.05
CA ALA A 75 22.72 10.67 26.87
C ALA A 75 23.40 12.02 27.01
N GLY A 76 22.96 12.86 27.95
CA GLY A 76 23.52 14.19 28.01
C GLY A 76 23.19 15.07 26.83
N GLN A 77 22.12 14.75 26.09
CA GLN A 77 21.60 15.50 24.97
C GLN A 77 20.08 15.60 25.11
N PRO A 78 19.47 16.64 24.54
CA PRO A 78 18.00 16.69 24.53
C PRO A 78 17.41 15.48 23.82
N VAL A 79 16.23 15.06 24.28
CA VAL A 79 15.45 14.01 23.63
C VAL A 79 14.24 14.66 22.98
N VAL A 80 13.93 14.24 21.75
CA VAL A 80 12.68 14.62 21.08
C VAL A 80 11.76 13.42 21.05
N ILE A 81 10.58 13.56 21.66
CA ILE A 81 9.60 12.49 21.74
C ILE A 81 8.41 12.88 20.87
N THR A 82 7.97 11.96 20.03
CA THR A 82 6.85 12.20 19.12
C THR A 82 5.60 11.52 19.67
N LEU A 83 4.51 12.28 19.75
CA LEU A 83 3.22 11.79 20.22
C LEU A 83 2.20 11.93 19.08
N VAL A 84 1.32 10.95 18.94
CA VAL A 84 0.27 11.01 17.92
C VAL A 84 -1.06 11.20 18.64
N ILE A 85 -1.69 12.34 18.39
CA ILE A 85 -2.99 12.67 18.97
C ILE A 85 -4.04 12.05 18.05
N TYR A 86 -4.73 10.99 18.52
CA TYR A 86 -5.50 10.16 17.58
C TYR A 86 -6.77 9.63 18.25
N ASP A 87 -7.73 10.53 18.53
CA ASP A 87 -9.00 10.06 19.10
C ASP A 87 -10.18 10.96 18.74
N LEU A 88 -10.13 11.67 17.59
CA LEU A 88 -11.30 12.49 17.23
C LEU A 88 -12.57 11.63 17.21
N PRO A 89 -13.73 12.21 17.43
CA PRO A 89 -14.97 11.46 17.23
C PRO A 89 -15.17 11.19 15.74
N ASN A 90 -15.87 10.08 15.44
CA ASN A 90 -16.00 9.57 14.07
C ASN A 90 -14.62 9.36 13.46
N ARG A 91 -13.71 8.82 14.25
CA ARG A 91 -12.34 8.61 13.78
C ARG A 91 -12.33 7.58 12.66
N ASP A 92 -11.36 7.74 11.74
CA ASP A 92 -11.17 6.81 10.63
C ASP A 92 -12.43 6.74 9.77
N CYS A 93 -13.02 7.90 9.48
CA CYS A 93 -14.41 7.88 9.04
C CYS A 93 -14.60 7.22 7.68
N SER A 94 -13.56 7.16 6.86
CA SER A 94 -13.66 6.52 5.56
C SER A 94 -13.29 5.03 5.55
N ALA A 95 -13.07 4.41 6.71
N ALA A 95 -13.08 4.40 6.71
CA ALA A 95 -12.71 2.99 6.76
CA ALA A 95 -12.75 2.98 6.74
C ALA A 95 -13.31 2.36 8.01
C ALA A 95 -13.32 2.37 8.01
N ALA A 96 -13.00 1.09 8.23
CA ALA A 96 -13.53 0.35 9.37
C ALA A 96 -12.49 -0.17 10.34
N ALA A 97 -11.21 -0.26 9.94
CA ALA A 97 -10.22 -0.94 10.76
C ALA A 97 -9.87 -0.15 12.03
N SER A 98 -9.98 1.19 11.99
CA SER A 98 -9.53 1.98 13.14
C SER A 98 -10.59 2.96 13.64
N ASN A 99 -11.88 2.63 13.47
CA ASN A 99 -12.91 3.43 14.11
C ASN A 99 -12.67 3.48 15.62
N GLY A 100 -12.83 4.67 16.20
CA GLY A 100 -12.49 4.88 17.59
C GLY A 100 -13.71 4.85 18.50
N GLU A 101 -13.46 5.23 19.76
CA GLU A 101 -14.42 5.09 20.84
C GLU A 101 -15.42 6.24 20.91
N LEU A 102 -15.14 7.37 20.27
CA LEU A 102 -15.99 8.56 20.37
C LEU A 102 -16.77 8.73 19.08
N LEU A 103 -18.03 9.15 19.20
CA LEU A 103 -18.92 9.37 18.08
C LEU A 103 -19.49 10.78 18.13
N VAL A 104 -19.54 11.44 16.98
CA VAL A 104 -20.05 12.82 16.92
C VAL A 104 -21.48 12.86 17.47
N ALA A 105 -22.28 11.85 17.15
CA ALA A 105 -23.68 11.84 17.57
C ALA A 105 -23.87 11.47 19.04
N GLN A 106 -22.79 11.09 19.73
CA GLN A 106 -22.85 10.75 21.15
C GLN A 106 -21.94 11.67 21.95
N ASN A 107 -22.10 12.98 21.78
CA ASN A 107 -21.31 14.00 22.49
C ASN A 107 -19.82 13.79 22.32
N GLY A 108 -19.40 13.31 21.15
CA GLY A 108 -18.00 12.95 20.97
C GLY A 108 -17.04 14.14 21.06
N LEU A 109 -17.43 15.29 20.50
CA LEU A 109 -16.54 16.43 20.52
C LEU A 109 -16.31 16.93 21.95
N ALA A 110 -17.39 16.99 22.73
CA ALA A 110 -17.27 17.40 24.12
C ALA A 110 -16.39 16.45 24.91
N ARG A 111 -16.52 15.14 24.66
CA ARG A 111 -15.69 14.18 25.39
C ARG A 111 -14.25 14.26 24.91
N TYR A 112 -14.05 14.46 23.61
CA TYR A 112 -12.72 14.69 23.05
C TYR A 112 -11.99 15.80 23.80
N LYS A 113 -12.66 16.94 23.98
CA LYS A 113 -12.02 18.06 24.66
C LYS A 113 -11.77 17.74 26.12
N ALA A 114 -12.80 17.25 26.84
CA ALA A 114 -12.71 17.16 28.29
C ALA A 114 -11.93 15.94 28.75
N GLU A 115 -12.05 14.81 28.05
CA GLU A 115 -11.45 13.57 28.53
C GLU A 115 -10.20 13.17 27.78
N PHE A 116 -9.91 13.80 26.65
CA PHE A 116 -8.72 13.43 25.87
C PHE A 116 -7.72 14.56 25.79
N ILE A 117 -8.09 15.69 25.16
CA ILE A 117 -7.14 16.80 25.01
C ILE A 117 -6.79 17.41 26.37
N ASP A 118 -7.79 17.73 27.20
CA ASP A 118 -7.50 18.43 28.44
C ASP A 118 -6.53 17.65 29.33
N PRO A 119 -6.71 16.35 29.59
CA PRO A 119 -5.72 15.65 30.43
C PRO A 119 -4.35 15.52 29.75
N ILE A 120 -4.29 15.38 28.43
CA ILE A 120 -2.99 15.37 27.75
C ILE A 120 -2.28 16.70 27.94
N VAL A 121 -3.00 17.81 27.73
CA VAL A 121 -2.39 19.14 27.86
C VAL A 121 -1.91 19.37 29.29
N ALA A 122 -2.68 18.92 30.28
CA ALA A 122 -2.27 19.07 31.67
C ALA A 122 -0.95 18.35 31.94
N ILE A 123 -0.78 17.16 31.37
CA ILE A 123 0.46 16.41 31.55
C ILE A 123 1.62 17.10 30.85
N LEU A 124 1.41 17.50 29.58
CA LEU A 124 2.51 18.11 28.83
C LEU A 124 2.92 19.44 29.42
N SER A 125 2.05 20.06 30.22
CA SER A 125 2.29 21.36 30.85
C SER A 125 3.19 21.27 32.08
N ASP A 126 3.46 20.09 32.56
CA ASP A 126 4.32 19.91 33.73
C ASP A 126 5.70 20.49 33.49
N PRO A 127 6.17 21.43 34.32
CA PRO A 127 7.51 21.99 34.10
C PRO A 127 8.62 20.97 34.21
N ARG A 128 8.36 19.78 34.78
CA ARG A 128 9.39 18.76 34.79
C ARG A 128 9.85 18.36 33.39
N TYR A 129 9.04 18.61 32.36
CA TYR A 129 9.33 18.14 31.02
C TYR A 129 9.87 19.25 30.12
N ALA A 130 10.15 20.43 30.67
CA ALA A 130 10.53 21.58 29.85
C ALA A 130 11.77 21.34 29.01
N GLY A 131 12.65 20.43 29.41
CA GLY A 131 13.85 20.18 28.64
C GLY A 131 13.70 19.23 27.48
N LEU A 132 12.55 18.55 27.38
CA LEU A 132 12.26 17.72 26.23
C LEU A 132 11.81 18.60 25.07
N ARG A 133 11.96 18.09 23.86
CA ARG A 133 11.20 18.57 22.71
C ARG A 133 10.07 17.57 22.49
N ILE A 134 8.83 18.06 22.54
CA ILE A 134 7.66 17.21 22.43
C ILE A 134 6.99 17.55 21.10
N VAL A 135 6.96 16.58 20.20
CA VAL A 135 6.34 16.76 18.87
C VAL A 135 4.99 16.08 18.91
N THR A 136 3.93 16.79 18.51
CA THR A 136 2.59 16.23 18.48
C THR A 136 2.11 16.18 17.03
N ILE A 137 1.85 14.97 16.55
CA ILE A 137 1.23 14.74 15.24
C ILE A 137 -0.28 14.77 15.44
N ILE A 138 -0.98 15.67 14.74
CA ILE A 138 -2.38 15.94 15.06
C ILE A 138 -3.29 15.15 14.11
N GLU A 139 -3.95 14.12 14.65
CA GLU A 139 -5.09 13.39 14.10
C GLU A 139 -4.92 12.93 12.65
N PRO A 140 -4.02 11.99 12.41
CA PRO A 140 -3.88 11.41 11.06
C PRO A 140 -5.21 11.06 10.42
N ASP A 141 -5.31 11.36 9.12
CA ASP A 141 -6.40 10.97 8.20
C ASP A 141 -7.63 11.88 8.29
N SER A 142 -7.82 12.58 9.40
CA SER A 142 -9.08 13.29 9.59
C SER A 142 -9.30 14.38 8.53
N LEU A 143 -8.38 15.34 8.42
CA LEU A 143 -8.58 16.40 7.42
C LEU A 143 -8.50 15.90 5.98
N PRO A 144 -7.58 14.98 5.64
CA PRO A 144 -7.62 14.44 4.27
C PRO A 144 -8.97 13.81 3.92
N ASN A 145 -9.61 13.14 4.87
CA ASN A 145 -10.94 12.59 4.61
C ASN A 145 -11.96 13.68 4.26
N LEU A 146 -11.82 14.89 4.81
CA LEU A 146 -12.71 15.98 4.43
C LEU A 146 -12.48 16.46 3.01
N VAL A 147 -11.29 16.25 2.46
CA VAL A 147 -11.03 16.64 1.07
C VAL A 147 -11.70 15.64 0.12
N THR A 148 -11.55 14.34 0.37
CA THR A 148 -11.90 13.35 -0.63
C THR A 148 -13.13 12.52 -0.30
N ASN A 149 -13.62 12.53 0.94
CA ASN A 149 -14.62 11.55 1.34
C ASN A 149 -15.90 12.18 1.89
N LEU A 150 -16.24 13.38 1.44
CA LEU A 150 -17.50 13.97 1.91
C LEU A 150 -18.73 13.23 1.40
N SER A 151 -18.58 12.34 0.42
CA SER A 151 -19.71 11.49 0.05
C SER A 151 -19.99 10.39 1.06
N ILE A 152 -19.20 10.27 2.11
CA ILE A 152 -19.43 9.30 3.19
C ILE A 152 -20.05 10.04 4.36
N PRO A 153 -21.29 9.71 4.76
CA PRO A 153 -21.94 10.48 5.84
C PRO A 153 -21.11 10.56 7.13
N ALA A 154 -20.41 9.49 7.51
CA ALA A 154 -19.60 9.53 8.72
C ALA A 154 -18.52 10.61 8.65
N CYS A 155 -18.00 10.89 7.45
CA CYS A 155 -17.03 11.98 7.29
C CYS A 155 -17.73 13.33 7.24
N ALA A 156 -18.71 13.47 6.35
CA ALA A 156 -19.34 14.78 6.16
C ALA A 156 -20.02 15.27 7.45
N GLU A 157 -20.64 14.35 8.21
CA GLU A 157 -21.29 14.77 9.43
CA GLU A 157 -21.28 14.73 9.46
C GLU A 157 -20.27 15.13 10.52
N ALA A 158 -19.01 14.74 10.35
CA ALA A 158 -17.98 15.01 11.35
C ALA A 158 -17.16 16.26 11.04
N GLN A 159 -17.43 16.94 9.92
CA GLN A 159 -16.42 17.90 9.44
C GLN A 159 -16.24 19.07 10.40
N ASN A 160 -17.32 19.57 11.02
CA ASN A 160 -17.12 20.69 11.93
C ASN A 160 -16.58 20.22 13.26
N ALA A 161 -16.85 18.97 13.65
CA ALA A 161 -16.21 18.42 14.84
C ALA A 161 -14.71 18.25 14.64
N TYR A 162 -14.29 17.81 13.45
CA TYR A 162 -12.86 17.76 13.12
C TYR A 162 -12.21 19.14 13.22
N ILE A 163 -12.81 20.14 12.56
CA ILE A 163 -12.22 21.48 12.56
CA ILE A 163 -12.20 21.46 12.55
C ILE A 163 -12.08 22.00 13.98
N GLU A 164 -13.17 21.94 14.74
CA GLU A 164 -13.16 22.53 16.08
C GLU A 164 -12.29 21.71 17.03
N GLY A 165 -12.30 20.38 16.89
CA GLY A 165 -11.47 19.57 17.76
C GLY A 165 -10.00 19.78 17.47
N ILE A 166 -9.64 19.88 16.20
CA ILE A 166 -8.24 20.10 15.86
C ILE A 166 -7.78 21.49 16.28
N ARG A 167 -8.60 22.53 16.02
CA ARG A 167 -8.24 23.85 16.53
C ARG A 167 -8.12 23.86 18.05
N TYR A 168 -9.02 23.15 18.74
CA TYR A 168 -8.95 23.09 20.20
C TYR A 168 -7.64 22.46 20.65
N ALA A 169 -7.28 21.32 20.07
CA ALA A 169 -6.02 20.67 20.43
C ALA A 169 -4.84 21.60 20.16
N VAL A 170 -4.79 22.22 18.97
CA VAL A 170 -3.61 23.02 18.63
C VAL A 170 -3.56 24.28 19.51
N ASN A 171 -4.71 24.91 19.75
CA ASN A 171 -4.72 26.13 20.56
C ASN A 171 -4.22 25.85 21.97
N ARG A 172 -4.64 24.73 22.57
CA ARG A 172 -4.16 24.39 23.90
C ARG A 172 -2.69 23.97 23.86
N LEU A 173 -2.30 23.15 22.89
CA LEU A 173 -0.91 22.69 22.82
C LEU A 173 0.05 23.85 22.60
N ARG A 174 -0.38 24.89 21.87
CA ARG A 174 0.49 26.02 21.56
C ARG A 174 0.80 26.87 22.78
N THR A 175 0.07 26.70 23.88
CA THR A 175 0.43 27.35 25.14
C THR A 175 1.61 26.69 25.84
N ILE A 176 2.15 25.60 25.30
CA ILE A 176 3.25 24.87 25.93
C ILE A 176 4.51 25.13 25.11
N PRO A 177 5.51 25.84 25.63
CA PRO A 177 6.57 26.38 24.75
C PRO A 177 7.50 25.34 24.16
N ASN A 178 7.55 24.11 24.67
CA ASN A 178 8.40 23.07 24.08
C ASN A 178 7.60 22.03 23.28
N VAL A 179 6.40 22.38 22.84
CA VAL A 179 5.57 21.48 22.03
C VAL A 179 5.59 21.98 20.59
N TYR A 180 5.93 21.07 19.68
CA TYR A 180 6.05 21.36 18.26
C TYR A 180 4.95 20.60 17.54
N ILE A 181 4.20 21.31 16.70
CA ILE A 181 2.90 20.83 16.24
C ILE A 181 2.95 20.63 14.74
N TYR A 182 2.64 19.42 14.29
CA TYR A 182 2.54 19.11 12.86
C TYR A 182 1.18 18.52 12.55
N LEU A 183 0.50 19.14 11.57
CA LEU A 183 -0.75 18.60 11.03
C LEU A 183 -0.45 17.46 10.05
N ASP A 184 -1.26 16.41 10.10
CA ASP A 184 -1.17 15.33 9.12
C ASP A 184 -1.83 15.74 7.82
N ILE A 185 -1.20 15.40 6.69
CA ILE A 185 -1.74 15.78 5.40
C ILE A 185 -1.54 14.64 4.40
N ALA A 186 -1.83 13.41 4.83
CA ALA A 186 -2.00 12.24 3.97
C ALA A 186 -0.67 11.95 3.25
N HIS A 187 -0.72 11.59 1.98
CA HIS A 187 0.47 11.20 1.21
C HIS A 187 0.13 11.45 -0.25
N SER A 188 1.16 11.33 -1.11
CA SER A 188 1.00 11.71 -2.51
C SER A 188 -0.03 10.83 -3.21
N GLY A 189 -0.14 9.57 -2.81
CA GLY A 189 -1.13 8.68 -3.38
C GLY A 189 -2.53 8.88 -2.84
N TRP A 190 -2.75 9.95 -2.09
CA TRP A 190 -4.08 10.35 -1.60
C TRP A 190 -4.44 11.74 -2.13
N LEU A 191 -3.62 12.75 -1.89
CA LEU A 191 -3.97 14.12 -2.22
C LEU A 191 -3.15 14.71 -3.37
N GLY A 192 -2.45 13.86 -4.14
CA GLY A 192 -1.55 14.40 -5.17
C GLY A 192 -2.27 14.99 -6.36
N TRP A 193 -3.40 14.40 -6.77
CA TRP A 193 -4.17 14.93 -7.90
C TRP A 193 -4.48 16.41 -7.70
N ASP A 194 -4.47 17.16 -8.82
CA ASP A 194 -4.69 18.61 -8.79
C ASP A 194 -5.85 19.01 -7.89
N ASN A 195 -7.02 18.39 -8.08
CA ASN A 195 -8.20 18.80 -7.33
C ASN A 195 -8.04 18.52 -5.84
N ASN A 196 -7.48 17.35 -5.49
CA ASN A 196 -7.25 17.03 -4.08
C ASN A 196 -6.17 17.93 -3.47
N PHE A 197 -5.09 18.17 -4.22
CA PHE A 197 -4.01 19.03 -3.75
C PHE A 197 -4.51 20.43 -3.45
N ASN A 198 -5.23 21.04 -4.40
CA ASN A 198 -5.76 22.38 -4.19
C ASN A 198 -6.81 22.41 -3.09
N GLY A 199 -7.67 21.39 -3.03
CA GLY A 199 -8.65 21.33 -1.95
C GLY A 199 -7.97 21.25 -0.59
N ALA A 200 -6.88 20.50 -0.51
CA ALA A 200 -6.14 20.38 0.74
C ALA A 200 -5.48 21.70 1.12
N VAL A 201 -4.85 22.39 0.16
CA VAL A 201 -4.23 23.66 0.50
C VAL A 201 -5.28 24.65 1.01
N ASN A 202 -6.44 24.71 0.35
CA ASN A 202 -7.53 25.56 0.82
C ASN A 202 -7.97 25.17 2.22
N LEU A 203 -8.22 23.87 2.44
CA LEU A 203 -8.74 23.41 3.74
C LEU A 203 -7.76 23.71 4.86
N TYR A 204 -6.50 23.34 4.69
CA TYR A 204 -5.58 23.51 5.79
C TYR A 204 -5.29 24.98 6.04
N THR A 205 -5.32 25.81 4.99
CA THR A 205 -5.16 27.24 5.21
C THR A 205 -6.31 27.79 6.05
N GLN A 206 -7.56 27.38 5.76
CA GLN A 206 -8.68 27.83 6.59
C GLN A 206 -8.58 27.30 8.01
N VAL A 207 -8.21 26.04 8.17
CA VAL A 207 -8.11 25.47 9.52
C VAL A 207 -7.11 26.26 10.35
N VAL A 208 -5.93 26.53 9.79
CA VAL A 208 -4.86 27.15 10.58
C VAL A 208 -5.13 28.64 10.79
N GLN A 209 -5.64 29.35 9.78
CA GLN A 209 -5.81 30.78 9.99
C GLN A 209 -6.91 31.07 11.01
N GLY A 210 -7.83 30.14 11.24
CA GLY A 210 -8.76 30.29 12.34
C GLY A 210 -8.23 29.91 13.71
N MET A 211 -6.97 29.50 13.82
CA MET A 211 -6.39 29.20 15.13
C MET A 211 -5.95 30.50 15.82
N ASP A 212 -5.74 30.39 17.14
CA ASP A 212 -5.46 31.58 17.95
C ASP A 212 -4.22 32.31 17.46
N GLN A 213 -3.19 31.57 17.06
CA GLN A 213 -1.95 32.17 16.59
C GLN A 213 -1.89 32.30 15.08
N GLY A 214 -3.00 32.02 14.39
CA GLY A 214 -3.02 32.06 12.94
C GLY A 214 -1.97 31.14 12.36
N PHE A 215 -1.22 31.65 11.39
CA PHE A 215 -0.20 30.85 10.71
C PHE A 215 0.99 30.54 11.59
N ASN A 216 1.08 31.13 12.78
CA ASN A 216 2.14 30.76 13.73
C ASN A 216 1.71 29.63 14.66
N SER A 217 0.52 29.06 14.47
CA SER A 217 -0.01 28.08 15.41
C SER A 217 0.61 26.71 15.26
N ILE A 218 1.18 26.39 14.09
CA ILE A 218 1.78 25.08 13.86
C ILE A 218 3.22 25.27 13.39
N ASP A 219 3.98 24.19 13.47
CA ASP A 219 5.35 24.17 12.98
C ASP A 219 5.49 23.50 11.63
N GLY A 220 4.43 22.87 11.12
CA GLY A 220 4.51 22.28 9.78
C GLY A 220 3.51 21.14 9.63
N PHE A 221 3.84 20.22 8.71
CA PHE A 221 2.93 19.18 8.28
C PHE A 221 3.70 17.87 8.16
N ILE A 222 3.01 16.75 8.29
CA ILE A 222 3.64 15.45 8.11
C ILE A 222 2.89 14.71 7.02
N THR A 223 3.63 13.98 6.18
CA THR A 223 3.04 13.15 5.14
C THR A 223 3.42 11.69 5.38
N ASN A 224 2.62 10.80 4.80
CA ASN A 224 2.87 9.35 4.69
C ASN A 224 2.65 8.59 5.99
N VAL A 225 1.96 9.19 6.98
CA VAL A 225 1.73 8.51 8.25
C VAL A 225 1.03 7.19 7.99
N ALA A 226 1.64 6.11 8.50
CA ALA A 226 1.14 4.74 8.41
C ALA A 226 0.98 4.27 6.97
N ASN A 227 1.55 4.97 5.98
CA ASN A 227 1.45 4.46 4.62
C ASN A 227 2.83 4.00 4.15
N TYR A 228 2.93 3.72 2.85
CA TYR A 228 4.08 3.02 2.28
C TYR A 228 4.66 3.76 1.07
N THR A 229 4.20 4.95 0.80
CA THR A 229 4.56 5.62 -0.44
C THR A 229 6.03 6.04 -0.37
N PRO A 230 6.82 5.79 -1.42
CA PRO A 230 8.27 6.03 -1.31
C PRO A 230 8.63 7.49 -1.14
N LEU A 231 9.74 7.72 -0.43
CA LEU A 231 10.38 9.04 -0.44
C LEU A 231 10.60 9.54 -1.85
N GLU A 232 11.08 8.66 -2.73
CA GLU A 232 11.52 9.07 -4.05
C GLU A 232 11.32 7.91 -5.00
N GLU A 233 10.82 8.22 -6.20
CA GLU A 233 10.80 7.27 -7.30
C GLU A 233 11.97 7.63 -8.20
N PRO A 234 13.15 7.09 -7.95
CA PRO A 234 14.35 7.59 -8.66
C PRO A 234 14.32 7.30 -10.15
N TYR A 235 13.59 6.27 -10.59
CA TYR A 235 13.56 5.90 -12.00
C TYR A 235 12.31 6.42 -12.70
N LEU A 236 11.50 7.20 -12.00
CA LEU A 236 10.40 7.95 -12.62
C LEU A 236 10.45 9.39 -12.14
N PRO A 237 11.54 10.11 -12.44
CA PRO A 237 11.72 11.45 -11.87
C PRO A 237 10.92 12.52 -12.58
N ASP A 238 10.39 12.25 -13.76
CA ASP A 238 9.73 13.27 -14.58
C ASP A 238 8.34 12.76 -14.92
N PRO A 239 7.29 13.25 -14.25
CA PRO A 239 5.93 12.76 -14.51
C PRO A 239 5.42 13.03 -15.92
N ASN A 240 6.05 13.95 -16.64
CA ASN A 240 5.64 14.29 -18.00
C ASN A 240 6.48 13.59 -19.05
N LEU A 241 7.41 12.73 -18.66
CA LEU A 241 8.20 11.97 -19.62
C LEU A 241 7.28 11.18 -20.55
N THR A 242 7.51 11.34 -21.85
CA THR A 242 6.69 10.71 -22.88
C THR A 242 7.19 9.30 -23.16
N ILE A 243 6.30 8.31 -22.99
CA ILE A 243 6.58 6.94 -23.34
C ILE A 243 5.43 6.47 -24.22
N ALA A 244 5.76 5.96 -25.41
CA ALA A 244 4.75 5.49 -26.36
C ALA A 244 3.65 6.53 -26.55
N GLY A 245 4.06 7.80 -26.69
CA GLY A 245 3.15 8.88 -26.98
C GLY A 245 2.44 9.50 -25.80
N GLN A 246 2.60 8.98 -24.58
CA GLN A 246 1.83 9.43 -23.42
C GLN A 246 2.76 9.78 -22.26
N PRO A 247 2.37 10.75 -21.41
CA PRO A 247 3.16 11.03 -20.21
C PRO A 247 3.05 9.89 -19.20
N VAL A 248 4.16 9.60 -18.50
CA VAL A 248 4.15 8.44 -17.62
C VAL A 248 3.14 8.61 -16.47
N ARG A 249 2.79 9.84 -16.10
CA ARG A 249 1.78 9.99 -15.06
C ARG A 249 0.41 9.51 -15.51
N SER A 250 0.19 9.33 -16.81
CA SER A 250 -1.05 8.75 -17.30
C SER A 250 -1.17 7.25 -17.05
N ALA A 251 -0.09 6.59 -16.60
CA ALA A 251 -0.12 5.17 -16.30
C ALA A 251 -1.25 4.81 -15.35
N SER A 252 -1.73 3.56 -15.47
CA SER A 252 -2.82 3.09 -14.62
C SER A 252 -2.51 3.26 -13.14
N PHE A 253 -1.24 3.05 -12.76
CA PHE A 253 -0.90 3.11 -11.34
C PHE A 253 -1.10 4.51 -10.77
N TYR A 254 -0.93 5.55 -11.59
CA TYR A 254 -0.94 6.92 -11.12
C TYR A 254 -2.20 7.70 -11.47
N GLU A 255 -2.88 7.35 -12.56
CA GLU A 255 -4.14 8.01 -12.97
C GLU A 255 -3.99 9.53 -13.05
N TRP A 256 -2.91 9.98 -13.69
CA TRP A 256 -2.60 11.38 -14.00
C TRP A 256 -2.16 12.18 -12.78
N ASN A 257 -2.04 11.57 -11.61
CA ASN A 257 -1.44 12.21 -10.45
C ASN A 257 0.03 12.48 -10.74
N PRO A 258 0.49 13.73 -10.71
CA PRO A 258 1.91 13.99 -11.02
C PRO A 258 2.85 13.80 -9.83
N TYR A 259 2.35 13.46 -8.65
CA TYR A 259 3.20 13.27 -7.47
C TYR A 259 3.38 11.76 -7.26
N PHE A 260 4.55 11.24 -7.63
CA PHE A 260 4.84 9.83 -7.49
C PHE A 260 5.47 9.48 -6.15
N ASP A 261 5.92 10.46 -5.38
CA ASP A 261 6.69 10.18 -4.18
C ASP A 261 6.47 11.30 -3.18
N GLU A 262 6.97 11.07 -1.95
CA GLU A 262 6.65 11.97 -0.85
C GLU A 262 7.50 13.23 -0.85
N LEU A 263 8.76 13.15 -1.31
CA LEU A 263 9.59 14.35 -1.39
C LEU A 263 8.99 15.38 -2.34
N ASP A 264 8.57 14.95 -3.54
CA ASP A 264 7.93 15.90 -4.46
C ASP A 264 6.69 16.50 -3.81
N TYR A 265 5.89 15.65 -3.16
CA TYR A 265 4.59 16.07 -2.63
C TYR A 265 4.77 17.01 -1.45
N ALA A 266 5.59 16.60 -0.48
CA ALA A 266 5.80 17.39 0.73
C ALA A 266 6.37 18.77 0.41
N LEU A 267 7.38 18.83 -0.46
CA LEU A 267 7.99 20.12 -0.76
C LEU A 267 7.05 21.01 -1.59
N ALA A 268 6.26 20.42 -2.48
CA ALA A 268 5.28 21.21 -3.23
C ALA A 268 4.19 21.77 -2.30
N LEU A 269 3.71 20.97 -1.35
CA LEU A 269 2.76 21.48 -0.37
C LEU A 269 3.36 22.61 0.45
N ARG A 270 4.61 22.44 0.92
CA ARG A 270 5.24 23.49 1.71
C ARG A 270 5.29 24.80 0.95
N ASN A 271 5.67 24.74 -0.34
CA ASN A 271 5.73 25.94 -1.16
C ASN A 271 4.35 26.54 -1.35
N ALA A 272 3.34 25.69 -1.57
CA ALA A 272 1.98 26.20 -1.72
C ALA A 272 1.52 26.94 -0.47
N PHE A 273 1.82 26.39 0.72
CA PHE A 273 1.38 27.00 1.96
C PHE A 273 2.11 28.32 2.20
N ILE A 274 3.41 28.36 1.92
CA ILE A 274 4.14 29.62 2.04
C ILE A 274 3.51 30.66 1.13
N GLY A 275 3.11 30.25 -0.08
CA GLY A 275 2.44 31.17 -0.98
C GLY A 275 1.09 31.65 -0.48
N ARG A 276 0.48 30.94 0.47
CA ARG A 276 -0.79 31.39 1.06
C ARG A 276 -0.59 32.17 2.36
N GLY A 277 0.66 32.40 2.77
CA GLY A 277 0.93 33.23 3.93
C GLY A 277 1.54 32.50 5.11
N PHE A 278 1.74 31.18 5.06
CA PHE A 278 2.49 30.51 6.11
C PHE A 278 3.94 31.02 6.10
N PRO A 279 4.57 31.17 7.26
CA PRO A 279 5.97 31.59 7.28
C PRO A 279 6.89 30.52 6.71
N SER A 280 8.03 30.95 6.15
CA SER A 280 8.95 29.99 5.54
C SER A 280 9.67 29.15 6.58
N THR A 281 9.44 29.40 7.87
CA THR A 281 9.95 28.56 8.94
C THR A 281 9.18 27.26 9.10
N ILE A 282 8.08 27.02 8.37
CA ILE A 282 7.40 25.74 8.50
C ILE A 282 8.29 24.66 7.90
N GLY A 283 8.22 23.46 8.48
CA GLY A 283 8.94 22.33 7.94
C GLY A 283 8.02 21.13 7.78
N MET A 284 8.45 20.18 6.95
CA MET A 284 7.69 18.97 6.69
C MET A 284 8.37 17.77 7.33
N LEU A 285 7.55 16.85 7.86
CA LEU A 285 7.97 15.51 8.25
C LEU A 285 7.45 14.51 7.22
N ILE A 286 8.16 13.39 7.09
CA ILE A 286 7.72 12.26 6.29
C ILE A 286 7.92 11.00 7.12
N ASP A 287 6.86 10.19 7.22
CA ASP A 287 6.89 8.90 7.92
C ASP A 287 7.55 7.88 6.99
N THR A 288 8.77 7.48 7.33
CA THR A 288 9.56 6.51 6.55
C THR A 288 9.59 5.14 7.22
N SER A 289 8.64 4.89 8.12
CA SER A 289 8.61 3.61 8.84
C SER A 289 8.53 2.41 7.89
N ARG A 290 7.77 2.53 6.80
CA ARG A 290 7.46 1.32 6.01
C ARG A 290 7.46 1.58 4.50
N ASN A 291 8.28 2.50 4.01
CA ASN A 291 8.25 2.85 2.59
C ASN A 291 9.59 2.61 1.89
N GLY A 292 10.38 1.65 2.40
CA GLY A 292 11.68 1.39 1.79
C GLY A 292 11.60 0.56 0.50
N TRP A 293 10.70 -0.42 0.46
CA TRP A 293 10.48 -1.27 -0.72
C TRP A 293 11.75 -2.00 -1.20
N GLY A 294 12.57 -2.45 -0.24
CA GLY A 294 13.58 -3.45 -0.56
C GLY A 294 12.96 -4.83 -0.68
N GLY A 295 13.81 -5.83 -0.91
CA GLY A 295 13.31 -7.19 -1.00
C GLY A 295 12.42 -7.40 -2.23
N CYS A 296 11.55 -8.41 -2.12
CA CYS A 296 10.67 -8.78 -3.21
C CYS A 296 9.31 -9.15 -2.63
N SER A 297 8.26 -8.81 -3.37
CA SER A 297 6.88 -9.04 -2.99
C SER A 297 6.02 -8.57 -4.14
N TYR A 298 4.78 -9.07 -4.19
CA TYR A 298 3.82 -8.72 -5.24
C TYR A 298 4.38 -8.98 -6.64
N GLY A 299 5.18 -10.02 -6.78
CA GLY A 299 5.65 -10.44 -8.08
C GLY A 299 6.85 -9.69 -8.62
N ARG A 300 7.43 -8.76 -7.85
CA ARG A 300 8.53 -7.94 -8.34
C ARG A 300 9.58 -7.79 -7.25
N CYS A 301 10.79 -7.50 -7.68
CA CYS A 301 11.83 -6.99 -6.78
C CYS A 301 12.00 -5.51 -7.07
N ARG A 302 12.71 -4.83 -6.17
CA ARG A 302 12.95 -3.40 -6.33
C ARG A 302 13.63 -3.15 -7.68
N PRO A 303 13.16 -2.19 -8.48
CA PRO A 303 13.83 -1.90 -9.75
C PRO A 303 15.21 -1.31 -9.49
N THR A 304 16.14 -1.59 -10.41
CA THR A 304 17.49 -1.04 -10.30
C THR A 304 17.77 0.00 -11.37
N GLY A 305 16.76 0.42 -12.11
CA GLY A 305 16.88 1.44 -13.12
C GLY A 305 15.54 1.58 -13.81
N PRO A 306 15.41 2.52 -14.74
CA PRO A 306 14.19 2.60 -15.54
C PRO A 306 14.01 1.31 -16.34
N SER A 307 12.75 0.97 -16.55
CA SER A 307 12.43 -0.28 -17.26
C SER A 307 12.92 -0.22 -18.71
N SER A 308 13.44 -1.36 -19.18
CA SER A 308 13.81 -1.51 -20.60
C SER A 308 12.58 -1.54 -21.51
N ASP A 309 11.40 -1.80 -20.96
CA ASP A 309 10.20 -1.97 -21.76
C ASP A 309 9.52 -0.61 -21.94
N THR A 310 9.76 0.01 -23.11
CA THR A 310 9.16 1.29 -23.44
C THR A 310 7.99 1.15 -24.41
N SER A 311 7.41 -0.05 -24.51
CA SER A 311 6.32 -0.31 -25.46
C SER A 311 4.99 0.29 -25.01
N SER A 312 4.81 0.59 -23.72
CA SER A 312 3.61 1.27 -23.26
C SER A 312 3.94 1.95 -21.93
N VAL A 313 3.16 2.99 -21.59
CA VAL A 313 3.41 3.66 -20.31
C VAL A 313 3.20 2.68 -19.16
N ASN A 314 2.17 1.85 -19.23
CA ASN A 314 1.91 0.94 -18.13
C ASN A 314 3.07 -0.02 -17.93
N ALA A 315 3.58 -0.60 -19.02
CA ALA A 315 4.71 -1.52 -18.90
C ALA A 315 5.93 -0.79 -18.36
N TYR A 316 6.20 0.41 -18.86
CA TYR A 316 7.36 1.16 -18.41
C TYR A 316 7.22 1.54 -16.93
N VAL A 317 6.09 2.16 -16.57
CA VAL A 317 5.90 2.59 -15.19
C VAL A 317 5.94 1.40 -14.24
N ASP A 318 5.23 0.32 -14.58
CA ASP A 318 5.16 -0.82 -13.66
C ASP A 318 6.53 -1.50 -13.50
N GLY A 319 7.38 -1.43 -14.53
CA GLY A 319 8.72 -1.97 -14.38
C GLY A 319 9.72 -1.02 -13.74
N SER A 320 9.34 0.24 -13.54
CA SER A 320 10.27 1.25 -13.03
C SER A 320 9.96 1.72 -11.62
N ARG A 321 8.73 1.51 -11.12
CA ARG A 321 8.34 2.11 -9.85
C ARG A 321 8.83 1.27 -8.67
N VAL A 322 9.32 1.94 -7.63
CA VAL A 322 9.72 1.15 -6.47
C VAL A 322 8.51 0.79 -5.61
N ASP A 323 7.46 1.62 -5.64
CA ASP A 323 6.19 1.26 -5.00
C ASP A 323 5.54 0.15 -5.82
N ARG A 324 5.68 -1.10 -5.38
CA ARG A 324 5.21 -2.22 -6.18
C ARG A 324 3.87 -2.76 -5.69
N ARG A 325 3.10 -1.96 -4.96
CA ARG A 325 1.73 -2.36 -4.62
C ARG A 325 0.91 -2.58 -5.88
N TYR A 326 -0.10 -3.43 -5.77
CA TYR A 326 -0.96 -3.69 -6.93
C TYR A 326 -1.72 -2.44 -7.32
N HIS A 327 -2.13 -1.65 -6.33
CA HIS A 327 -2.88 -0.42 -6.53
C HIS A 327 -2.45 0.56 -5.45
N ARG A 328 -2.35 1.84 -5.83
CA ARG A 328 -1.78 2.82 -4.91
C ARG A 328 -2.63 3.04 -3.67
N GLY A 329 -3.93 2.73 -3.72
CA GLY A 329 -4.81 2.84 -2.58
C GLY A 329 -4.75 1.69 -1.59
N ASN A 330 -3.89 0.69 -1.83
CA ASN A 330 -3.77 -0.46 -0.94
C ASN A 330 -3.02 -0.08 0.33
N TRP A 331 -3.74 0.37 1.36
CA TRP A 331 -3.11 0.89 2.56
C TRP A 331 -2.95 -0.14 3.67
N CYS A 332 -3.48 -1.37 3.54
CA CYS A 332 -3.59 -2.26 4.70
C CYS A 332 -2.62 -3.42 4.64
N ASN A 333 -1.73 -3.49 5.63
CA ASN A 333 -0.92 -4.69 5.91
C ASN A 333 -0.12 -5.13 4.69
N GLN A 334 0.63 -4.19 4.11
CA GLN A 334 1.35 -4.45 2.88
C GLN A 334 2.72 -5.08 3.14
N ALA A 335 3.13 -5.93 2.21
CA ALA A 335 4.44 -6.57 2.25
C ALA A 335 5.54 -5.63 1.76
N GLY A 336 5.67 -4.48 2.42
CA GLY A 336 6.70 -3.51 2.10
C GLY A 336 7.96 -3.74 2.91
N GLY A 337 8.75 -2.68 3.07
CA GLY A 337 9.95 -2.75 3.88
C GLY A 337 10.16 -1.47 4.66
N ILE A 338 10.87 -1.59 5.77
CA ILE A 338 11.26 -0.42 6.54
C ILE A 338 12.06 0.52 5.64
N GLY A 339 11.85 1.83 5.80
CA GLY A 339 12.54 2.83 5.00
C GLY A 339 13.69 3.49 5.74
N GLU A 340 14.05 4.70 5.30
CA GLU A 340 15.14 5.44 5.92
C GLU A 340 14.93 5.57 7.42
N ARG A 341 16.02 5.47 8.19
CA ARG A 341 15.92 5.62 9.64
C ARG A 341 15.55 7.07 10.00
N PRO A 342 14.95 7.27 11.17
CA PRO A 342 14.69 8.64 11.64
C PRO A 342 15.97 9.49 11.58
N GLN A 343 15.85 10.69 11.04
CA GLN A 343 17.02 11.56 10.90
C GLN A 343 16.56 12.98 10.64
N ALA A 344 17.33 13.93 11.18
CA ALA A 344 16.99 15.35 11.12
C ALA A 344 17.46 15.99 9.82
N ALA A 345 16.67 16.96 9.33
CA ALA A 345 16.95 17.83 8.19
C ALA A 345 17.57 17.09 6.99
N PRO A 346 16.96 16.02 6.48
CA PRO A 346 17.59 15.30 5.37
C PRO A 346 17.58 16.07 4.06
N ARG A 347 16.78 17.13 3.97
CA ARG A 347 16.61 17.88 2.74
C ARG A 347 16.01 19.22 3.14
N SER A 348 16.41 20.29 2.47
CA SER A 348 15.88 21.61 2.80
C SER A 348 14.35 21.60 2.75
N GLY A 349 13.71 22.15 3.78
CA GLY A 349 12.26 22.13 3.89
C GLY A 349 11.68 20.89 4.54
N ILE A 350 12.50 19.88 4.81
CA ILE A 350 12.10 18.67 5.50
C ILE A 350 12.76 18.72 6.88
N ASP A 351 11.95 18.82 7.93
CA ASP A 351 12.49 18.86 9.29
C ASP A 351 13.12 17.53 9.68
N ALA A 352 12.50 16.42 9.29
CA ALA A 352 13.00 15.10 9.69
C ALA A 352 12.25 14.02 8.92
N TYR A 353 12.92 12.87 8.74
CA TYR A 353 12.23 11.62 8.54
C TYR A 353 12.01 11.03 9.92
N VAL A 354 10.83 10.46 10.14
CA VAL A 354 10.44 9.92 11.44
C VAL A 354 9.74 8.59 11.20
N TRP A 355 9.73 7.77 12.24
CA TRP A 355 8.93 6.54 12.22
C TRP A 355 7.72 6.82 13.10
N VAL A 356 6.61 7.20 12.49
CA VAL A 356 5.42 7.54 13.28
C VAL A 356 4.59 6.28 13.46
N LYS A 357 4.13 5.68 12.37
CA LYS A 357 3.62 4.31 12.46
C LYS A 357 4.73 3.39 12.95
N PRO A 358 4.56 2.65 14.04
CA PRO A 358 5.67 1.80 14.50
C PRO A 358 5.72 0.50 13.72
N PRO A 359 6.84 0.20 13.07
CA PRO A 359 6.94 -1.05 12.28
C PRO A 359 6.59 -2.25 13.14
N GLY A 360 5.76 -3.13 12.58
CA GLY A 360 5.33 -4.33 13.27
C GLY A 360 3.90 -4.28 13.77
N GLU A 361 3.35 -3.08 13.95
CA GLU A 361 1.97 -2.96 14.42
C GLU A 361 0.99 -3.04 13.24
N SER A 362 -0.08 -3.80 13.44
CA SER A 362 -1.05 -4.08 12.38
C SER A 362 -1.82 -2.83 11.95
N ASP A 363 -2.30 -2.85 10.68
CA ASP A 363 -3.24 -1.87 10.16
C ASP A 363 -4.69 -2.31 10.31
N GLY A 364 -4.95 -3.56 10.68
CA GLY A 364 -6.32 -4.04 10.72
C GLY A 364 -6.42 -5.55 10.65
N VAL A 365 -7.49 -6.10 11.23
CA VAL A 365 -7.69 -7.54 11.26
C VAL A 365 -8.02 -8.04 9.85
N SER A 366 -7.57 -9.25 9.51
CA SER A 366 -7.66 -9.67 8.12
C SER A 366 -8.92 -10.48 7.80
N GLN A 367 -9.79 -10.76 8.77
CA GLN A 367 -11.05 -11.40 8.44
C GLN A 367 -12.11 -10.96 9.46
N PRO A 368 -13.39 -11.00 9.09
CA PRO A 368 -14.46 -10.61 10.02
C PRO A 368 -14.76 -11.72 11.02
N GLY A 369 -15.46 -11.36 12.09
CA GLY A 369 -15.84 -12.33 13.10
C GLY A 369 -15.01 -12.29 14.38
N ILE A 370 -14.03 -11.40 14.45
CA ILE A 370 -13.11 -11.31 15.58
C ILE A 370 -13.25 -9.93 16.20
N VAL A 371 -13.58 -9.88 17.49
CA VAL A 371 -13.83 -8.64 18.20
C VAL A 371 -12.66 -8.38 19.15
N ASP A 372 -12.15 -7.15 19.14
CA ASP A 372 -11.03 -6.80 20.03
C ASP A 372 -11.59 -6.24 21.33
N PRO A 373 -11.22 -6.81 22.49
CA PRO A 373 -11.65 -6.23 23.78
C PRO A 373 -11.36 -4.75 23.97
N ASP A 374 -10.16 -4.27 23.61
CA ASP A 374 -9.72 -2.95 24.02
C ASP A 374 -10.14 -1.82 23.08
N ASP A 375 -10.55 -2.16 21.85
CA ASP A 375 -11.07 -1.18 20.89
C ASP A 375 -12.35 -1.80 20.33
N PRO A 376 -13.47 -1.64 21.03
CA PRO A 376 -14.70 -2.33 20.59
C PRO A 376 -15.28 -1.82 19.29
N ASN A 377 -14.80 -0.70 18.74
CA ASN A 377 -15.33 -0.25 17.45
C ASN A 377 -14.39 -0.58 16.29
N LYS A 378 -13.25 -1.21 16.56
CA LYS A 378 -12.39 -1.69 15.48
C LYS A 378 -13.03 -2.90 14.80
N LYS A 379 -13.23 -2.78 13.49
CA LYS A 379 -13.92 -3.79 12.71
C LYS A 379 -13.07 -4.22 11.52
N PHE A 380 -13.52 -5.27 10.86
CA PHE A 380 -12.86 -5.74 9.65
C PHE A 380 -13.15 -4.78 8.52
N ASP A 381 -12.12 -4.39 7.79
CA ASP A 381 -12.25 -3.60 6.59
C ASP A 381 -11.85 -4.45 5.40
N PRO A 382 -12.65 -4.45 4.32
CA PRO A 382 -12.28 -5.26 3.15
C PRO A 382 -10.92 -4.94 2.57
N MET A 383 -10.37 -3.74 2.82
CA MET A 383 -9.02 -3.47 2.32
C MET A 383 -7.97 -4.35 2.98
N CYS A 384 -8.31 -4.98 4.11
CA CYS A 384 -7.43 -5.88 4.84
C CYS A 384 -7.65 -7.35 4.52
N ASP A 385 -8.54 -7.65 3.58
CA ASP A 385 -8.85 -9.02 3.23
C ASP A 385 -7.77 -9.57 2.31
N PRO A 386 -6.97 -10.53 2.76
CA PRO A 386 -5.89 -11.04 1.91
C PRO A 386 -6.41 -11.72 0.66
N ASN A 387 -7.66 -12.18 0.67
CA ASN A 387 -8.26 -12.83 -0.49
C ASN A 387 -9.19 -11.91 -1.27
N GLY A 388 -9.27 -10.63 -0.93
CA GLY A 388 -10.25 -9.74 -1.51
C GLY A 388 -9.67 -8.81 -2.58
N GLN A 389 -10.57 -8.08 -3.22
CA GLN A 389 -10.20 -7.03 -4.16
C GLN A 389 -10.25 -5.67 -3.46
N SER A 390 -9.47 -4.74 -3.99
CA SER A 390 -9.51 -3.37 -3.48
C SER A 390 -10.92 -2.80 -3.61
N ARG A 391 -11.39 -2.10 -2.59
CA ARG A 391 -12.68 -1.45 -2.75
C ARG A 391 -12.57 -0.08 -3.40
N TYR A 392 -11.35 0.35 -3.75
CA TYR A 392 -11.19 1.57 -4.54
C TYR A 392 -11.11 1.26 -6.04
N ASN A 393 -10.64 0.06 -6.41
CA ASN A 393 -10.71 -0.39 -7.79
C ASN A 393 -10.72 -1.92 -7.72
N SER A 394 -11.90 -2.51 -7.92
CA SER A 394 -12.04 -3.95 -7.73
C SER A 394 -11.24 -4.78 -8.74
N ALA A 395 -10.67 -4.15 -9.77
CA ALA A 395 -9.82 -4.90 -10.68
C ALA A 395 -8.49 -5.33 -10.04
N TYR A 396 -8.21 -4.89 -8.81
CA TYR A 396 -6.90 -5.17 -8.23
C TYR A 396 -7.04 -5.85 -6.88
N PRO A 397 -6.15 -6.79 -6.55
CA PRO A 397 -6.15 -7.35 -5.20
C PRO A 397 -5.74 -6.31 -4.17
N THR A 398 -6.09 -6.57 -2.90
CA THR A 398 -5.74 -5.65 -1.82
C THR A 398 -4.27 -5.71 -1.47
N GLY A 399 -3.61 -6.84 -1.75
CA GLY A 399 -2.27 -7.05 -1.28
C GLY A 399 -2.11 -7.25 0.21
N ALA A 400 -3.20 -7.31 0.96
CA ALA A 400 -3.07 -7.41 2.40
C ALA A 400 -2.52 -8.76 2.81
N LEU A 401 -1.63 -8.77 3.80
CA LEU A 401 -1.07 -10.00 4.34
C LEU A 401 -2.08 -10.72 5.23
N PRO A 402 -2.06 -12.05 5.25
CA PRO A 402 -3.02 -12.80 6.06
C PRO A 402 -2.58 -12.90 7.52
N ASN A 403 -3.51 -13.37 8.36
CA ASN A 403 -3.28 -13.61 9.79
C ASN A 403 -2.98 -12.34 10.57
N ALA A 404 -3.51 -11.21 10.11
CA ALA A 404 -3.27 -9.94 10.80
C ALA A 404 -4.21 -9.78 11.99
N PRO A 405 -3.71 -9.29 13.12
CA PRO A 405 -4.57 -8.96 14.25
C PRO A 405 -5.17 -7.57 14.05
N HIS A 406 -6.02 -7.18 15.01
CA HIS A 406 -6.63 -5.85 14.94
C HIS A 406 -5.57 -4.75 14.91
N ALA A 407 -5.95 -3.62 14.31
CA ALA A 407 -5.02 -2.51 14.11
C ALA A 407 -4.30 -2.14 15.41
N GLY A 408 -2.99 -1.96 15.32
CA GLY A 408 -2.17 -1.62 16.45
C GLY A 408 -1.60 -2.80 17.20
N ARG A 409 -2.16 -3.99 17.05
CA ARG A 409 -1.56 -5.13 17.73
C ARG A 409 -0.37 -5.67 16.94
N TRP A 410 0.50 -6.39 17.64
CA TRP A 410 1.74 -6.85 17.05
C TRP A 410 1.47 -7.89 15.97
N PHE A 411 2.10 -7.72 14.81
CA PHE A 411 1.87 -8.51 13.61
C PHE A 411 3.21 -9.14 13.21
N PRO A 412 3.57 -10.26 13.82
CA PRO A 412 4.95 -10.77 13.63
C PRO A 412 5.27 -11.17 12.19
N GLN A 413 4.30 -11.71 11.44
CA GLN A 413 4.58 -12.07 10.06
C GLN A 413 4.95 -10.84 9.23
N GLN A 414 4.25 -9.71 9.45
CA GLN A 414 4.58 -8.50 8.69
C GLN A 414 5.86 -7.88 9.18
N PHE A 415 6.13 -7.95 10.48
CA PHE A 415 7.38 -7.38 10.98
C PHE A 415 8.57 -8.07 10.36
N GLU A 416 8.54 -9.40 10.24
CA GLU A 416 9.66 -10.10 9.62
C GLU A 416 9.85 -9.68 8.18
N ILE A 417 8.74 -9.53 7.43
CA ILE A 417 8.80 -9.07 6.05
C ILE A 417 9.34 -7.65 5.98
N LEU A 418 8.88 -6.76 6.87
CA LEU A 418 9.35 -5.37 6.86
C LEU A 418 10.86 -5.28 7.10
N VAL A 419 11.38 -6.09 8.02
CA VAL A 419 12.82 -6.08 8.29
C VAL A 419 13.59 -6.67 7.12
N ARG A 420 13.14 -7.82 6.61
CA ARG A 420 13.83 -8.41 5.45
C ARG A 420 13.81 -7.47 4.26
N ASN A 421 12.74 -6.68 4.10
CA ASN A 421 12.57 -5.82 2.93
C ASN A 421 13.05 -4.40 3.18
N ALA A 422 13.74 -4.14 4.29
CA ALA A 422 14.16 -2.78 4.62
C ALA A 422 15.09 -2.21 3.54
N TYR A 423 14.96 -0.91 3.29
CA TYR A 423 15.85 -0.23 2.36
C TYR A 423 16.13 1.17 2.88
N PRO A 424 17.40 1.51 3.21
CA PRO A 424 18.56 0.61 3.08
C PRO A 424 18.41 -0.59 4.00
N PRO A 425 18.98 -1.74 3.62
CA PRO A 425 18.84 -2.94 4.44
C PRO A 425 19.38 -2.72 5.84
N ILE A 426 18.78 -3.41 6.81
CA ILE A 426 19.25 -3.31 8.19
C ILE A 426 20.61 -3.98 8.29
N GLN A 427 21.53 -3.31 8.99
CA GLN A 427 22.82 -3.91 9.33
C GLN A 427 22.83 -4.26 10.80
N PRO A 428 23.06 -5.54 11.16
CA PRO A 428 23.13 -5.98 12.56
C PRO A 428 24.09 -5.15 13.40
N MET B 1 -29.36 -33.79 25.45
CA MET B 1 -30.61 -33.46 24.78
C MET B 1 -30.76 -34.29 23.49
N LEU B 2 -31.84 -34.02 22.75
CA LEU B 2 -32.19 -34.83 21.59
C LEU B 2 -31.29 -34.51 20.40
N ASP B 3 -31.05 -35.53 19.57
CA ASP B 3 -30.30 -35.29 18.33
C ASP B 3 -31.13 -34.41 17.38
N ASN B 4 -32.44 -34.60 17.35
CA ASN B 4 -33.34 -33.84 16.48
C ASN B 4 -34.65 -33.53 17.20
N PRO B 5 -34.89 -32.27 17.58
CA PRO B 5 -36.09 -31.95 18.34
C PRO B 5 -37.38 -32.10 17.56
N PHE B 6 -37.32 -32.20 16.23
CA PHE B 6 -38.55 -32.37 15.47
C PHE B 6 -38.98 -33.83 15.37
N ILE B 7 -38.07 -34.78 15.59
CA ILE B 7 -38.44 -36.19 15.62
C ILE B 7 -39.26 -36.47 16.88
N GLY B 8 -40.43 -37.07 16.71
CA GLY B 8 -41.23 -37.44 17.86
C GLY B 8 -42.02 -36.32 18.49
N ALA B 9 -42.14 -35.18 17.84
CA ALA B 9 -42.94 -34.08 18.38
C ALA B 9 -43.86 -33.56 17.29
N ILE B 10 -44.97 -32.98 17.71
CA ILE B 10 -45.85 -32.28 16.77
C ILE B 10 -45.54 -30.79 16.85
N GLY B 11 -45.73 -30.11 15.73
CA GLY B 11 -45.43 -28.69 15.67
C GLY B 11 -46.48 -27.86 16.38
N TYR B 12 -46.01 -26.83 17.07
CA TYR B 12 -46.89 -25.83 17.66
C TYR B 12 -47.77 -25.17 16.59
N VAL B 13 -49.06 -25.09 16.86
CA VAL B 13 -49.99 -24.41 15.95
C VAL B 13 -50.35 -23.07 16.59
N ASN B 14 -49.93 -21.99 15.94
CA ASN B 14 -50.14 -20.65 16.43
C ASN B 14 -51.60 -20.24 16.25
N PRO B 15 -52.38 -20.13 17.32
CA PRO B 15 -53.81 -19.80 17.16
C PRO B 15 -54.05 -18.44 16.56
N ASP B 16 -53.14 -17.50 16.79
CA ASP B 16 -53.34 -16.15 16.29
C ASP B 16 -53.12 -16.09 14.78
N TRP B 17 -52.17 -16.88 14.27
CA TRP B 17 -52.00 -17.02 12.83
C TRP B 17 -53.19 -17.78 12.22
N ALA B 18 -53.57 -18.89 12.85
CA ALA B 18 -54.67 -19.69 12.34
C ALA B 18 -55.97 -18.89 12.27
N THR B 19 -56.23 -18.07 13.29
CA THR B 19 -57.43 -17.23 13.27
C THR B 19 -57.47 -16.36 12.04
N ASN B 20 -56.33 -15.82 11.63
CA ASN B 20 -56.30 -15.03 10.40
C ASN B 20 -56.63 -15.89 9.17
N VAL B 21 -56.09 -17.10 9.13
CA VAL B 21 -56.34 -17.98 7.99
C VAL B 21 -57.83 -18.33 7.92
N ILE B 22 -58.39 -18.78 9.04
CA ILE B 22 -59.79 -19.21 9.05
C ILE B 22 -60.71 -18.03 8.76
N SER B 23 -60.39 -16.86 9.31
CA SER B 23 -61.19 -15.68 9.01
C SER B 23 -61.17 -15.36 7.51
N GLN B 24 -60.02 -15.57 6.85
CA GLN B 24 -60.01 -15.34 5.42
C GLN B 24 -60.79 -16.41 4.67
N ALA B 25 -60.67 -17.67 5.12
CA ALA B 25 -61.45 -18.74 4.51
C ALA B 25 -62.94 -18.44 4.59
N ASN B 26 -63.40 -17.91 5.74
CA ASN B 26 -64.82 -17.61 5.91
C ASN B 26 -65.28 -16.51 4.97
N GLN B 27 -64.36 -15.71 4.44
CA GLN B 27 -64.69 -14.63 3.52
C GLN B 27 -64.38 -14.99 2.08
N THR B 28 -64.08 -16.26 1.79
CA THR B 28 -63.70 -16.69 0.45
C THR B 28 -64.87 -17.40 -0.22
N ALA B 29 -65.23 -16.94 -1.42
CA ALA B 29 -66.43 -17.44 -2.09
C ALA B 29 -66.25 -18.88 -2.57
N ASP B 30 -65.17 -19.16 -3.28
CA ASP B 30 -64.90 -20.48 -3.82
C ASP B 30 -64.77 -21.51 -2.69
N PRO B 31 -65.70 -22.46 -2.58
CA PRO B 31 -65.69 -23.39 -1.42
C PRO B 31 -64.51 -24.32 -1.41
N THR B 32 -63.93 -24.65 -2.58
CA THR B 32 -62.73 -25.48 -2.59
C THR B 32 -61.54 -24.71 -2.03
N LEU B 33 -61.31 -23.50 -2.53
CA LEU B 33 -60.24 -22.67 -2.00
C LEU B 33 -60.45 -22.36 -0.52
N ALA B 34 -61.70 -22.12 -0.11
CA ALA B 34 -61.96 -21.89 1.30
C ALA B 34 -61.61 -23.13 2.13
N ALA B 35 -61.98 -24.32 1.63
CA ALA B 35 -61.61 -25.54 2.33
C ALA B 35 -60.10 -25.73 2.36
N GLN B 36 -59.40 -25.31 1.31
CA GLN B 36 -57.95 -25.38 1.31
C GLN B 36 -57.37 -24.48 2.40
N MET B 37 -57.87 -23.24 2.49
CA MET B 37 -57.40 -22.33 3.53
C MET B 37 -57.61 -22.93 4.91
N ARG B 38 -58.76 -23.57 5.15
CA ARG B 38 -58.99 -24.20 6.45
C ARG B 38 -57.94 -25.26 6.75
N LYS B 39 -57.54 -26.03 5.74
CA LYS B 39 -56.49 -27.02 5.94
C LYS B 39 -55.17 -26.35 6.30
N VAL B 40 -54.82 -25.27 5.59
CA VAL B 40 -53.56 -24.59 5.84
C VAL B 40 -53.48 -24.13 7.30
N ALA B 41 -54.62 -23.73 7.88
CA ALA B 41 -54.68 -23.26 9.25
C ALA B 41 -54.28 -24.33 10.27
N THR B 42 -54.16 -25.59 9.85
CA THR B 42 -53.80 -26.63 10.81
C THR B 42 -52.30 -26.85 10.94
N TYR B 43 -51.50 -26.17 10.12
CA TYR B 43 -50.07 -26.41 10.12
C TYR B 43 -49.36 -25.49 11.11
N SER B 44 -48.10 -25.84 11.38
CA SER B 44 -47.29 -25.23 12.42
C SER B 44 -46.40 -24.15 11.81
N THR B 45 -46.42 -22.95 12.41
CA THR B 45 -45.62 -21.82 11.97
C THR B 45 -44.85 -21.27 13.17
N ALA B 46 -43.79 -20.52 12.88
CA ALA B 46 -42.92 -19.99 13.92
C ALA B 46 -43.50 -18.69 14.50
N VAL B 47 -43.16 -18.42 15.75
CA VAL B 47 -43.55 -17.18 16.41
C VAL B 47 -42.35 -16.23 16.35
N TRP B 48 -42.53 -15.08 15.71
CA TRP B 48 -41.46 -14.10 15.53
C TRP B 48 -41.40 -13.15 16.72
N LEU B 49 -40.21 -13.04 17.33
CA LEU B 49 -39.93 -12.03 18.34
C LEU B 49 -39.12 -10.93 17.66
N ASP B 50 -39.84 -9.95 17.11
CA ASP B 50 -39.25 -8.97 16.19
C ASP B 50 -39.09 -7.60 16.82
N ARG B 51 -39.38 -7.48 18.11
CA ARG B 51 -39.23 -6.24 18.84
C ARG B 51 -39.41 -6.58 20.30
N ILE B 52 -38.89 -5.71 21.16
CA ILE B 52 -39.04 -5.93 22.60
C ILE B 52 -40.51 -6.10 22.96
N ALA B 53 -41.39 -5.31 22.32
CA ALA B 53 -42.82 -5.37 22.61
C ALA B 53 -43.42 -6.73 22.32
N ALA B 54 -42.83 -7.50 21.40
CA ALA B 54 -43.39 -8.81 21.06
C ALA B 54 -43.31 -9.79 22.22
N ILE B 55 -42.44 -9.54 23.19
CA ILE B 55 -42.33 -10.48 24.31
C ILE B 55 -43.62 -10.53 25.11
N THR B 56 -44.35 -9.42 25.20
CA THR B 56 -45.55 -9.35 26.03
C THR B 56 -46.82 -8.92 25.29
N ALA B 57 -46.73 -8.46 24.04
CA ALA B 57 -47.93 -8.04 23.33
C ALA B 57 -48.82 -9.23 22.99
N GLY B 58 -50.13 -9.03 23.06
CA GLY B 58 -51.04 -10.12 22.79
C GLY B 58 -50.90 -11.21 23.82
N ARG B 59 -50.96 -12.46 23.38
CA ARG B 59 -50.69 -13.50 24.38
C ARG B 59 -49.22 -13.51 24.78
N GLY B 60 -48.35 -12.85 24.01
CA GLY B 60 -46.95 -12.74 24.37
C GLY B 60 -46.25 -14.08 24.30
N LEU B 61 -44.92 -14.05 24.52
CA LEU B 61 -44.13 -15.27 24.53
C LEU B 61 -44.65 -16.27 25.57
N ARG B 62 -44.99 -15.80 26.76
CA ARG B 62 -45.53 -16.71 27.77
C ARG B 62 -46.85 -17.32 27.32
N GLY B 63 -47.71 -16.53 26.67
CA GLY B 63 -48.96 -17.08 26.17
C GLY B 63 -48.76 -18.17 25.14
N HIS B 64 -47.75 -18.00 24.27
CA HIS B 64 -47.51 -19.04 23.26
C HIS B 64 -46.99 -20.32 23.91
N LEU B 65 -46.07 -20.18 24.87
CA LEU B 65 -45.55 -21.37 25.55
C LEU B 65 -46.63 -22.05 26.37
N ASP B 66 -47.53 -21.27 26.98
CA ASP B 66 -48.65 -21.85 27.71
C ASP B 66 -49.60 -22.57 26.77
N GLU B 67 -49.86 -21.99 25.60
CA GLU B 67 -50.67 -22.66 24.60
C GLU B 67 -49.99 -23.91 24.08
N ALA B 68 -48.66 -23.88 23.91
CA ALA B 68 -47.93 -25.08 23.52
C ALA B 68 -48.07 -26.17 24.57
N LEU B 69 -48.05 -25.80 25.86
CA LEU B 69 -48.26 -26.79 26.91
C LEU B 69 -49.64 -27.42 26.81
N ARG B 70 -50.64 -26.60 26.49
CA ARG B 70 -52.00 -27.10 26.34
CA ARG B 70 -52.00 -27.10 26.34
C ARG B 70 -52.12 -28.05 25.17
N GLN B 71 -51.46 -27.71 24.05
CA GLN B 71 -51.47 -28.59 22.88
C GLN B 71 -50.75 -29.90 23.18
N MET B 72 -49.71 -29.83 24.03
CA MET B 72 -48.96 -31.03 24.40
C MET B 72 -49.79 -31.94 25.30
N GLN B 73 -50.54 -31.37 26.23
CA GLN B 73 -51.43 -32.16 27.08
C GLN B 73 -52.55 -32.78 26.26
N GLN B 74 -53.15 -31.99 25.37
CA GLN B 74 -54.27 -32.48 24.56
C GLN B 74 -53.83 -33.60 23.62
N ALA B 75 -52.62 -33.50 23.05
CA ALA B 75 -52.13 -34.49 22.10
C ALA B 75 -51.42 -35.67 22.75
N GLY B 76 -51.01 -35.55 24.01
CA GLY B 76 -50.28 -36.62 24.64
C GLY B 76 -48.93 -36.94 24.05
N GLN B 77 -48.32 -36.00 23.33
CA GLN B 77 -46.95 -36.17 22.87
C GLN B 77 -46.27 -34.81 22.86
N PRO B 78 -44.93 -34.77 22.87
CA PRO B 78 -44.24 -33.48 22.98
C PRO B 78 -44.59 -32.55 21.84
N VAL B 79 -44.56 -31.25 22.14
CA VAL B 79 -44.75 -30.19 21.15
C VAL B 79 -43.40 -29.51 20.95
N VAL B 80 -43.08 -29.18 19.70
CA VAL B 80 -41.91 -28.37 19.36
C VAL B 80 -42.40 -27.03 18.86
N ILE B 81 -42.00 -25.95 19.53
CA ILE B 81 -42.39 -24.60 19.15
C ILE B 81 -41.16 -23.88 18.63
N THR B 82 -41.31 -23.14 17.53
CA THR B 82 -40.21 -22.42 16.91
C THR B 82 -40.39 -20.93 17.14
N LEU B 83 -39.36 -20.29 17.70
CA LEU B 83 -39.29 -18.86 17.93
C LEU B 83 -38.21 -18.26 17.06
N VAL B 84 -38.47 -17.08 16.49
CA VAL B 84 -37.46 -16.36 15.73
C VAL B 84 -36.96 -15.21 16.59
N ILE B 85 -35.66 -15.23 16.87
CA ILE B 85 -34.99 -14.18 17.65
C ILE B 85 -34.55 -13.12 16.64
N TYR B 86 -35.22 -11.97 16.62
CA TYR B 86 -35.09 -11.06 15.49
C TYR B 86 -35.14 -9.59 15.94
N ASP B 87 -34.10 -9.12 16.66
CA ASP B 87 -34.09 -7.72 17.05
C ASP B 87 -32.67 -7.16 17.21
N LEU B 88 -31.70 -7.65 16.45
CA LEU B 88 -30.34 -7.11 16.58
C LEU B 88 -30.30 -5.61 16.26
N PRO B 89 -29.38 -4.88 16.86
CA PRO B 89 -29.16 -3.48 16.45
C PRO B 89 -28.72 -3.43 15.00
N ASN B 90 -29.19 -2.39 14.28
CA ASN B 90 -28.94 -2.26 12.85
C ASN B 90 -29.42 -3.50 12.09
N ARG B 91 -30.58 -4.01 12.51
CA ARG B 91 -31.17 -5.20 11.92
C ARG B 91 -31.43 -5.01 10.44
N ASP B 92 -31.16 -6.05 9.63
CA ASP B 92 -31.45 -5.99 8.20
C ASP B 92 -30.72 -4.79 7.59
N CYS B 93 -29.42 -4.70 7.89
CA CYS B 93 -28.67 -3.47 7.64
C CYS B 93 -28.59 -3.11 6.16
N SER B 94 -28.81 -4.05 5.24
CA SER B 94 -28.73 -3.70 3.83
C SER B 94 -30.05 -3.18 3.28
N ALA B 95 -31.13 -3.29 4.05
CA ALA B 95 -32.39 -2.68 3.64
C ALA B 95 -32.23 -1.16 3.57
N ALA B 96 -33.00 -0.55 2.67
CA ALA B 96 -32.99 0.90 2.52
C ALA B 96 -32.96 1.58 3.88
N ALA B 97 -33.97 1.30 4.71
CA ALA B 97 -34.00 1.70 6.10
C ALA B 97 -34.43 0.50 6.95
N SER B 98 -33.74 0.30 8.06
CA SER B 98 -33.99 -0.89 8.87
C SER B 98 -35.31 -0.74 9.62
N ASN B 99 -36.14 -1.78 9.58
CA ASN B 99 -37.36 -1.79 10.39
C ASN B 99 -37.07 -2.06 11.86
N GLY B 100 -35.83 -2.36 12.22
CA GLY B 100 -35.53 -2.72 13.60
C GLY B 100 -35.41 -1.50 14.50
N GLU B 101 -35.92 -1.65 15.73
CA GLU B 101 -35.97 -0.55 16.70
C GLU B 101 -34.61 -0.20 17.30
N LEU B 102 -33.64 -1.12 17.27
CA LEU B 102 -32.39 -0.87 17.98
C LEU B 102 -31.31 -0.43 17.00
N LEU B 103 -30.42 0.44 17.49
CA LEU B 103 -29.42 1.08 16.64
C LEU B 103 -28.05 0.95 17.28
N VAL B 104 -27.06 0.49 16.52
CA VAL B 104 -25.70 0.32 17.04
C VAL B 104 -25.24 1.60 17.72
N ALA B 105 -25.49 2.75 17.10
CA ALA B 105 -25.00 4.03 17.58
C ALA B 105 -25.82 4.63 18.72
N GLN B 106 -26.98 4.04 19.06
CA GLN B 106 -27.78 4.47 20.22
C GLN B 106 -27.88 3.36 21.25
N ASN B 107 -26.74 2.84 21.72
CA ASN B 107 -26.70 1.82 22.76
CA ASN B 107 -26.70 1.82 22.76
C ASN B 107 -27.45 0.55 22.36
N GLY B 108 -27.47 0.24 21.06
CA GLY B 108 -28.24 -0.90 20.58
C GLY B 108 -27.85 -2.22 21.23
N LEU B 109 -26.55 -2.51 21.28
CA LEU B 109 -26.10 -3.81 21.77
C LEU B 109 -26.47 -4.02 23.23
N ALA B 110 -26.29 -2.98 24.05
CA ALA B 110 -26.64 -3.11 25.47
C ALA B 110 -28.12 -3.35 25.64
N ARG B 111 -28.97 -2.64 24.88
CA ARG B 111 -30.41 -2.86 24.96
C ARG B 111 -30.79 -4.24 24.45
N TYR B 112 -30.11 -4.71 23.41
CA TYR B 112 -30.39 -6.05 22.89
C TYR B 112 -30.18 -7.10 23.96
N LYS B 113 -29.08 -6.98 24.71
CA LYS B 113 -28.79 -7.95 25.76
C LYS B 113 -29.80 -7.84 26.90
N ALA B 114 -29.98 -6.63 27.45
CA ALA B 114 -30.70 -6.46 28.70
C ALA B 114 -32.22 -6.41 28.52
N GLU B 115 -32.71 -5.88 27.40
CA GLU B 115 -34.14 -5.66 27.21
C GLU B 115 -34.78 -6.64 26.24
N PHE B 116 -34.00 -7.41 25.49
CA PHE B 116 -34.55 -8.38 24.54
C PHE B 116 -34.10 -9.79 24.91
N ILE B 117 -32.82 -10.10 24.84
CA ILE B 117 -32.35 -11.46 25.11
C ILE B 117 -32.65 -11.86 26.56
N ASP B 118 -32.27 -11.03 27.53
CA ASP B 118 -32.42 -11.41 28.93
C ASP B 118 -33.87 -11.73 29.31
N PRO B 119 -34.88 -10.92 28.97
CA PRO B 119 -36.26 -11.31 29.36
C PRO B 119 -36.76 -12.53 28.59
N ILE B 120 -36.33 -12.75 27.35
CA ILE B 120 -36.68 -14.01 26.67
C ILE B 120 -36.09 -15.19 27.42
N VAL B 121 -34.81 -15.10 27.78
CA VAL B 121 -34.15 -16.22 28.46
C VAL B 121 -34.81 -16.49 29.81
N ALA B 122 -35.22 -15.44 30.53
CA ALA B 122 -35.91 -15.64 31.80
C ALA B 122 -37.21 -16.43 31.61
N ILE B 123 -37.97 -16.10 30.56
CA ILE B 123 -39.23 -16.80 30.30
C ILE B 123 -38.97 -18.25 29.87
N LEU B 124 -38.02 -18.45 28.96
CA LEU B 124 -37.77 -19.80 28.45
C LEU B 124 -37.19 -20.72 29.51
N SER B 125 -36.55 -20.16 30.55
CA SER B 125 -35.98 -20.91 31.66
C SER B 125 -37.00 -21.39 32.67
N ASP B 126 -38.25 -20.97 32.55
CA ASP B 126 -39.28 -21.31 33.51
C ASP B 126 -39.45 -22.83 33.54
N PRO B 127 -39.29 -23.48 34.70
CA PRO B 127 -39.38 -24.95 34.72
C PRO B 127 -40.71 -25.49 34.23
N ARG B 128 -41.76 -24.67 34.20
CA ARG B 128 -43.03 -25.11 33.65
C ARG B 128 -42.94 -25.55 32.18
N TYR B 129 -41.88 -25.15 31.47
CA TYR B 129 -41.77 -25.40 30.04
C TYR B 129 -40.78 -26.51 29.71
N ALA B 130 -40.26 -27.21 30.71
CA ALA B 130 -39.19 -28.17 30.50
C ALA B 130 -39.57 -29.31 29.56
N GLY B 131 -40.85 -29.62 29.45
CA GLY B 131 -41.28 -30.69 28.57
C GLY B 131 -41.50 -30.31 27.12
N LEU B 132 -41.46 -29.02 26.79
CA LEU B 132 -41.51 -28.61 25.40
C LEU B 132 -40.14 -28.77 24.76
N ARG B 133 -40.12 -28.87 23.43
CA ARG B 133 -38.90 -28.61 22.68
C ARG B 133 -39.01 -27.20 22.09
N ILE B 134 -38.01 -26.37 22.38
CA ILE B 134 -38.06 -24.96 22.01
C ILE B 134 -36.94 -24.71 21.01
N VAL B 135 -37.31 -24.40 19.78
CA VAL B 135 -36.35 -24.17 18.69
C VAL B 135 -36.22 -22.66 18.49
N THR B 136 -35.00 -22.15 18.56
CA THR B 136 -34.76 -20.73 18.41
C THR B 136 -33.95 -20.49 17.14
N ILE B 137 -34.56 -19.78 16.20
CA ILE B 137 -33.92 -19.34 14.96
C ILE B 137 -33.22 -18.02 15.25
N ILE B 138 -31.90 -17.98 15.10
CA ILE B 138 -31.13 -16.84 15.57
C ILE B 138 -30.93 -15.87 14.42
N GLU B 139 -31.60 -14.72 14.51
CA GLU B 139 -31.35 -13.46 13.78
C GLU B 139 -31.22 -13.60 12.27
N PRO B 140 -32.31 -13.84 11.56
CA PRO B 140 -32.29 -13.75 10.10
C PRO B 140 -31.75 -12.40 9.62
N ASP B 141 -31.19 -12.39 8.41
CA ASP B 141 -30.73 -11.16 7.72
C ASP B 141 -29.64 -10.43 8.51
N SER B 142 -28.76 -11.13 9.23
CA SER B 142 -27.72 -10.44 9.98
C SER B 142 -26.37 -10.83 9.42
N LEU B 143 -25.76 -11.92 9.87
CA LEU B 143 -24.40 -12.28 9.45
C LEU B 143 -24.20 -12.33 7.94
N PRO B 144 -25.12 -12.83 7.11
CA PRO B 144 -24.88 -12.80 5.65
C PRO B 144 -24.54 -11.41 5.12
N ASN B 145 -25.11 -10.36 5.71
CA ASN B 145 -24.76 -9.00 5.30
C ASN B 145 -23.29 -8.68 5.53
N LEU B 146 -22.65 -9.34 6.50
CA LEU B 146 -21.23 -9.08 6.72
C LEU B 146 -20.37 -9.76 5.68
N VAL B 147 -20.92 -10.72 4.94
CA VAL B 147 -20.18 -11.33 3.85
C VAL B 147 -20.30 -10.49 2.59
N THR B 148 -21.51 -10.03 2.28
CA THR B 148 -21.80 -9.44 0.96
C THR B 148 -22.01 -7.94 0.96
N ASN B 149 -22.23 -7.30 2.11
CA ASN B 149 -22.71 -5.92 2.10
C ASN B 149 -21.87 -4.98 2.97
N LEU B 150 -20.57 -5.25 3.12
CA LEU B 150 -19.76 -4.31 3.90
C LEU B 150 -19.58 -2.96 3.21
N SER B 151 -19.92 -2.84 1.92
CA SER B 151 -19.88 -1.55 1.26
C SER B 151 -21.06 -0.66 1.67
N ILE B 152 -22.02 -1.22 2.39
CA ILE B 152 -23.15 -0.46 2.92
C ILE B 152 -22.79 0.00 4.33
N PRO B 153 -22.77 1.30 4.62
CA PRO B 153 -22.30 1.77 5.93
C PRO B 153 -23.03 1.15 7.11
N ALA B 154 -24.36 0.97 7.05
CA ALA B 154 -25.06 0.39 8.19
C ALA B 154 -24.59 -1.03 8.48
N CYS B 155 -24.14 -1.76 7.46
CA CYS B 155 -23.65 -3.12 7.66
C CYS B 155 -22.24 -3.13 8.23
N ALA B 156 -21.34 -2.35 7.63
CA ALA B 156 -20.01 -2.21 8.21
C ALA B 156 -20.09 -1.74 9.66
N GLU B 157 -21.04 -0.85 9.96
CA GLU B 157 -21.21 -0.36 11.32
C GLU B 157 -21.64 -1.46 12.28
N ALA B 158 -22.39 -2.45 11.78
CA ALA B 158 -23.07 -3.43 12.62
C ALA B 158 -22.20 -4.64 13.00
N GLN B 159 -20.98 -4.74 12.46
CA GLN B 159 -20.23 -6.00 12.54
C GLN B 159 -20.12 -6.52 13.96
N ASN B 160 -19.66 -5.68 14.89
CA ASN B 160 -19.37 -6.22 16.21
C ASN B 160 -20.63 -6.40 17.04
N ALA B 161 -21.64 -5.56 16.81
CA ALA B 161 -22.95 -5.77 17.45
C ALA B 161 -23.54 -7.11 17.04
N TYR B 162 -23.53 -7.42 15.73
CA TYR B 162 -23.98 -8.72 15.26
C TYR B 162 -23.22 -9.85 15.96
N ILE B 163 -21.88 -9.80 15.92
CA ILE B 163 -21.08 -10.90 16.44
C ILE B 163 -21.30 -11.07 17.93
N GLU B 164 -21.17 -9.98 18.69
CA GLU B 164 -21.35 -10.07 20.13
C GLU B 164 -22.81 -10.34 20.50
N GLY B 165 -23.75 -9.79 19.74
CA GLY B 165 -25.15 -10.04 20.07
C GLY B 165 -25.54 -11.49 19.85
N ILE B 166 -25.09 -12.07 18.73
CA ILE B 166 -25.41 -13.46 18.44
C ILE B 166 -24.71 -14.37 19.45
N ARG B 167 -23.45 -14.06 19.78
CA ARG B 167 -22.76 -14.86 20.80
C ARG B 167 -23.49 -14.80 22.14
N TYR B 168 -23.93 -13.61 22.55
CA TYR B 168 -24.66 -13.47 23.82
C TYR B 168 -25.97 -14.26 23.79
N ALA B 169 -26.75 -14.08 22.72
CA ALA B 169 -27.99 -14.83 22.60
C ALA B 169 -27.75 -16.34 22.73
N VAL B 170 -26.77 -16.86 21.99
CA VAL B 170 -26.55 -18.31 22.02
C VAL B 170 -25.98 -18.74 23.36
N ASN B 171 -25.01 -17.98 23.90
CA ASN B 171 -24.46 -18.34 25.21
C ASN B 171 -25.56 -18.43 26.25
N ARG B 172 -26.50 -17.46 26.27
CA ARG B 172 -27.56 -17.53 27.28
C ARG B 172 -28.55 -18.64 26.96
N LEU B 173 -28.96 -18.78 25.70
CA LEU B 173 -29.93 -19.82 25.36
C LEU B 173 -29.38 -21.21 25.63
N ARG B 174 -28.06 -21.39 25.49
CA ARG B 174 -27.44 -22.68 25.72
C ARG B 174 -27.56 -23.15 27.17
N THR B 175 -27.85 -22.25 28.11
CA THR B 175 -28.05 -22.67 29.49
C THR B 175 -29.42 -23.32 29.71
N ILE B 176 -30.28 -23.39 28.72
CA ILE B 176 -31.61 -23.97 28.87
C ILE B 176 -31.62 -25.31 28.14
N PRO B 177 -31.79 -26.44 28.84
CA PRO B 177 -31.47 -27.74 28.22
C PRO B 177 -32.46 -28.18 27.14
N ASN B 178 -33.67 -27.62 27.06
CA ASN B 178 -34.61 -28.00 26.02
C ASN B 178 -34.71 -26.96 24.91
N VAL B 179 -33.69 -26.10 24.76
CA VAL B 179 -33.65 -25.10 23.70
C VAL B 179 -32.65 -25.56 22.64
N TYR B 180 -33.12 -25.62 21.40
CA TYR B 180 -32.33 -26.07 20.27
C TYR B 180 -32.11 -24.87 19.35
N ILE B 181 -30.86 -24.66 18.96
CA ILE B 181 -30.40 -23.37 18.45
C ILE B 181 -29.92 -23.55 17.01
N TYR B 182 -30.54 -22.82 16.08
CA TYR B 182 -30.15 -22.84 14.68
C TYR B 182 -29.83 -21.42 14.22
N LEU B 183 -28.63 -21.23 13.67
CA LEU B 183 -28.26 -19.92 13.14
C LEU B 183 -28.82 -19.75 11.73
N ASP B 184 -29.33 -18.56 11.45
CA ASP B 184 -29.76 -18.27 10.08
C ASP B 184 -28.54 -18.06 9.19
N ILE B 185 -28.59 -18.66 7.99
CA ILE B 185 -27.50 -18.48 7.03
C ILE B 185 -28.08 -18.26 5.62
N ALA B 186 -29.07 -17.38 5.53
CA ALA B 186 -29.58 -16.82 4.25
C ALA B 186 -30.12 -17.96 3.37
N HIS B 187 -29.83 -17.92 2.07
CA HIS B 187 -30.32 -18.89 1.10
C HIS B 187 -29.36 -18.93 -0.06
N SER B 188 -29.58 -19.88 -0.98
CA SER B 188 -28.62 -20.10 -2.05
C SER B 188 -28.51 -18.90 -2.99
N GLY B 189 -29.60 -18.15 -3.18
CA GLY B 189 -29.57 -16.96 -4.00
C GLY B 189 -28.95 -15.74 -3.32
N TRP B 190 -28.40 -15.92 -2.14
CA TRP B 190 -27.62 -14.88 -1.46
C TRP B 190 -26.16 -15.30 -1.33
N LEU B 191 -25.89 -16.45 -0.71
CA LEU B 191 -24.52 -16.84 -0.39
C LEU B 191 -24.01 -18.00 -1.25
N GLY B 192 -24.66 -18.31 -2.37
CA GLY B 192 -24.27 -19.49 -3.12
C GLY B 192 -22.97 -19.33 -3.88
N TRP B 193 -22.70 -18.12 -4.40
CA TRP B 193 -21.47 -17.89 -5.16
C TRP B 193 -20.24 -18.27 -4.34
N ASP B 194 -19.21 -18.76 -5.04
CA ASP B 194 -18.00 -19.26 -4.38
C ASP B 194 -17.47 -18.30 -3.33
N ASN B 195 -17.31 -17.02 -3.69
CA ASN B 195 -16.77 -16.05 -2.74
C ASN B 195 -17.70 -15.89 -1.54
N ASN B 196 -19.01 -15.83 -1.78
CA ASN B 196 -19.96 -15.66 -0.67
C ASN B 196 -20.00 -16.90 0.21
N PHE B 197 -20.00 -18.08 -0.42
CA PHE B 197 -20.08 -19.35 0.30
C PHE B 197 -18.90 -19.51 1.24
N ASN B 198 -17.68 -19.34 0.72
CA ASN B 198 -16.50 -19.52 1.55
C ASN B 198 -16.40 -18.42 2.59
N GLY B 199 -16.72 -17.18 2.22
CA GLY B 199 -16.77 -16.12 3.20
C GLY B 199 -17.70 -16.43 4.35
N ALA B 200 -18.88 -16.97 4.04
CA ALA B 200 -19.85 -17.30 5.09
C ALA B 200 -19.34 -18.41 6.00
N VAL B 201 -18.77 -19.48 5.41
CA VAL B 201 -18.25 -20.56 6.24
C VAL B 201 -17.16 -20.05 7.19
N ASN B 202 -16.25 -19.23 6.66
CA ASN B 202 -15.22 -18.64 7.53
C ASN B 202 -15.85 -17.79 8.63
N LEU B 203 -16.79 -16.93 8.26
CA LEU B 203 -17.37 -16.01 9.23
C LEU B 203 -18.11 -16.77 10.33
N TYR B 204 -19.01 -17.67 9.94
CA TYR B 204 -19.78 -18.38 10.95
C TYR B 204 -18.89 -19.26 11.82
N THR B 205 -17.84 -19.84 11.23
CA THR B 205 -16.90 -20.62 12.05
C THR B 205 -16.23 -19.73 13.10
N GLN B 206 -15.83 -18.51 12.71
CA GLN B 206 -15.22 -17.59 13.69
C GLN B 206 -16.22 -17.18 14.75
N VAL B 207 -17.46 -16.90 14.35
CA VAL B 207 -18.48 -16.46 15.32
C VAL B 207 -18.73 -17.57 16.33
N VAL B 208 -18.92 -18.80 15.86
CA VAL B 208 -19.27 -19.91 16.76
C VAL B 208 -18.06 -20.30 17.61
N GLN B 209 -16.86 -20.31 17.02
CA GLN B 209 -15.67 -20.66 17.79
C GLN B 209 -15.53 -19.80 19.04
N GLY B 210 -15.92 -18.53 18.95
CA GLY B 210 -15.90 -17.64 20.09
C GLY B 210 -17.00 -17.82 21.11
N MET B 211 -17.94 -18.74 20.90
CA MET B 211 -18.99 -19.00 21.89
C MET B 211 -18.45 -19.89 23.02
N ASP B 212 -19.15 -19.87 24.16
CA ASP B 212 -18.68 -20.56 25.36
C ASP B 212 -18.47 -22.04 25.13
N GLN B 213 -19.37 -22.68 24.38
CA GLN B 213 -19.27 -24.11 24.13
C GLN B 213 -18.70 -24.41 22.75
N GLY B 214 -18.04 -23.43 22.13
CA GLY B 214 -17.43 -23.65 20.83
C GLY B 214 -18.44 -24.20 19.85
N PHE B 215 -17.99 -25.18 19.07
CA PHE B 215 -18.83 -25.81 18.06
C PHE B 215 -19.99 -26.61 18.65
N ASN B 216 -20.04 -26.80 19.97
CA ASN B 216 -21.21 -27.42 20.58
C ASN B 216 -22.26 -26.41 21.00
N SER B 217 -22.06 -25.12 20.71
CA SER B 217 -23.00 -24.10 21.15
C SER B 217 -24.30 -24.09 20.35
N ILE B 218 -24.32 -24.64 19.13
CA ILE B 218 -25.51 -24.59 18.30
C ILE B 218 -25.85 -26.01 17.85
N ASP B 219 -27.09 -26.17 17.38
CA ASP B 219 -27.56 -27.44 16.85
C ASP B 219 -27.59 -27.47 15.32
N GLY B 220 -27.39 -26.34 14.67
CA GLY B 220 -27.33 -26.33 13.23
C GLY B 220 -27.63 -24.95 12.67
N PHE B 221 -28.10 -24.94 11.43
CA PHE B 221 -28.34 -23.72 10.69
C PHE B 221 -29.68 -23.85 10.01
N ILE B 222 -30.24 -22.71 9.59
CA ILE B 222 -31.47 -22.69 8.80
C ILE B 222 -31.24 -21.85 7.56
N THR B 223 -31.79 -22.29 6.43
CA THR B 223 -31.75 -21.52 5.20
C THR B 223 -33.15 -21.18 4.74
N ASN B 224 -33.24 -20.14 3.90
CA ASN B 224 -34.43 -19.76 3.15
C ASN B 224 -35.50 -19.06 3.99
N VAL B 225 -35.17 -18.62 5.21
CA VAL B 225 -36.13 -17.93 6.07
C VAL B 225 -36.75 -16.74 5.32
N ALA B 226 -38.07 -16.75 5.21
CA ALA B 226 -38.85 -15.70 4.57
C ALA B 226 -38.53 -15.54 3.09
N ASN B 227 -37.84 -16.50 2.49
CA ASN B 227 -37.61 -16.39 1.08
C ASN B 227 -38.42 -17.46 0.34
N TYR B 228 -38.16 -17.58 -0.96
CA TYR B 228 -38.99 -18.35 -1.88
C TYR B 228 -38.16 -19.33 -2.71
N THR B 229 -36.91 -19.52 -2.38
CA THR B 229 -36.03 -20.31 -3.22
C THR B 229 -36.38 -21.78 -3.10
N PRO B 230 -36.53 -22.50 -4.21
CA PRO B 230 -37.05 -23.87 -4.15
C PRO B 230 -36.15 -24.82 -3.38
N LEU B 231 -36.77 -25.81 -2.74
CA LEU B 231 -36.02 -26.93 -2.18
C LEU B 231 -35.13 -27.56 -3.24
N GLU B 232 -35.67 -27.74 -4.44
CA GLU B 232 -35.00 -28.52 -5.46
C GLU B 232 -35.39 -27.94 -6.81
N GLU B 233 -34.40 -27.81 -7.70
CA GLU B 233 -34.70 -27.53 -9.10
C GLU B 233 -34.58 -28.83 -9.87
N PRO B 234 -35.67 -29.60 -9.97
CA PRO B 234 -35.54 -30.98 -10.50
C PRO B 234 -35.11 -31.04 -11.93
N TYR B 235 -35.41 -30.00 -12.72
CA TYR B 235 -35.07 -29.99 -14.14
C TYR B 235 -33.80 -29.21 -14.43
N LEU B 236 -33.11 -28.72 -13.39
CA LEU B 236 -31.74 -28.22 -13.52
C LEU B 236 -30.87 -28.87 -12.44
N PRO B 237 -30.69 -30.19 -12.49
CA PRO B 237 -29.94 -30.88 -11.41
C PRO B 237 -28.44 -30.74 -11.51
N ASP B 238 -27.90 -30.29 -12.64
CA ASP B 238 -26.46 -30.26 -12.86
C ASP B 238 -26.07 -28.85 -13.30
N PRO B 239 -25.51 -28.04 -12.39
CA PRO B 239 -25.18 -26.66 -12.76
C PRO B 239 -24.08 -26.55 -13.79
N ASN B 240 -23.40 -27.65 -14.13
CA ASN B 240 -22.35 -27.64 -15.15
C ASN B 240 -22.83 -28.17 -16.49
N LEU B 241 -24.09 -28.56 -16.60
CA LEU B 241 -24.64 -29.03 -17.87
C LEU B 241 -24.41 -28.01 -18.99
N THR B 242 -23.81 -28.48 -20.08
CA THR B 242 -23.49 -27.61 -21.21
C THR B 242 -24.72 -27.44 -22.10
N ILE B 243 -25.14 -26.20 -22.29
CA ILE B 243 -26.18 -25.85 -23.26
C ILE B 243 -25.62 -24.73 -24.13
N ALA B 244 -25.74 -24.88 -25.45
CA ALA B 244 -25.22 -23.91 -26.41
C ALA B 244 -23.79 -23.51 -26.07
N GLY B 245 -22.99 -24.50 -25.64
CA GLY B 245 -21.58 -24.30 -25.37
C GLY B 245 -21.25 -23.71 -24.01
N GLN B 246 -22.23 -23.50 -23.13
CA GLN B 246 -22.01 -22.86 -21.85
C GLN B 246 -22.65 -23.67 -20.73
N PRO B 247 -22.09 -23.64 -19.52
CA PRO B 247 -22.76 -24.30 -18.39
C PRO B 247 -24.00 -23.53 -17.97
N VAL B 248 -25.04 -24.26 -17.56
CA VAL B 248 -26.32 -23.61 -17.27
C VAL B 248 -26.20 -22.63 -16.11
N ARG B 249 -25.25 -22.83 -15.20
CA ARG B 249 -25.08 -21.86 -14.13
C ARG B 249 -24.64 -20.48 -14.64
N SER B 250 -24.14 -20.39 -15.87
CA SER B 250 -23.79 -19.10 -16.45
C SER B 250 -25.01 -18.30 -16.88
N ALA B 251 -26.20 -18.88 -16.83
CA ALA B 251 -27.42 -18.19 -17.23
C ALA B 251 -27.60 -16.92 -16.42
N SER B 252 -28.28 -15.94 -17.03
CA SER B 252 -28.47 -14.64 -16.39
C SER B 252 -29.18 -14.75 -15.04
N PHE B 253 -30.10 -15.70 -14.88
CA PHE B 253 -30.81 -15.84 -13.61
C PHE B 253 -29.87 -16.25 -12.48
N TYR B 254 -28.79 -16.99 -12.76
CA TYR B 254 -27.91 -17.50 -11.71
C TYR B 254 -26.58 -16.78 -11.61
N GLU B 255 -26.05 -16.24 -12.72
CA GLU B 255 -24.78 -15.48 -12.73
C GLU B 255 -23.61 -16.28 -12.14
N TRP B 256 -23.47 -17.52 -12.59
CA TRP B 256 -22.40 -18.45 -12.24
C TRP B 256 -22.49 -19.01 -10.82
N ASN B 257 -23.54 -18.70 -10.09
CA ASN B 257 -23.83 -19.36 -8.83
C ASN B 257 -24.15 -20.83 -9.08
N PRO B 258 -23.44 -21.78 -8.46
CA PRO B 258 -23.74 -23.20 -8.72
C PRO B 258 -24.86 -23.75 -7.86
N TYR B 259 -25.40 -22.97 -6.93
CA TYR B 259 -26.47 -23.45 -6.05
C TYR B 259 -27.80 -22.87 -6.52
N PHE B 260 -28.59 -23.71 -7.19
CA PHE B 260 -29.89 -23.34 -7.71
C PHE B 260 -31.03 -23.60 -6.74
N ASP B 261 -30.78 -24.34 -5.66
CA ASP B 261 -31.85 -24.70 -4.73
C ASP B 261 -31.30 -24.85 -3.33
N GLU B 262 -32.21 -25.00 -2.37
CA GLU B 262 -31.83 -24.98 -0.96
C GLU B 262 -31.29 -26.32 -0.48
N LEU B 263 -31.75 -27.44 -1.04
CA LEU B 263 -31.18 -28.73 -0.63
C LEU B 263 -29.70 -28.80 -0.98
N ASP B 264 -29.33 -28.43 -2.20
CA ASP B 264 -27.91 -28.43 -2.56
C ASP B 264 -27.12 -27.53 -1.62
N TYR B 265 -27.64 -26.32 -1.41
CA TYR B 265 -26.94 -25.30 -0.62
C TYR B 265 -26.84 -25.71 0.85
N ALA B 266 -27.95 -26.15 1.45
CA ALA B 266 -27.93 -26.46 2.88
C ALA B 266 -27.03 -27.66 3.17
N LEU B 267 -27.11 -28.70 2.34
CA LEU B 267 -26.28 -29.87 2.57
C LEU B 267 -24.80 -29.57 2.30
N ALA B 268 -24.52 -28.70 1.32
CA ALA B 268 -23.12 -28.32 1.09
C ALA B 268 -22.56 -27.53 2.25
N LEU B 269 -23.34 -26.61 2.80
CA LEU B 269 -22.91 -25.85 3.98
C LEU B 269 -22.64 -26.78 5.15
N ARG B 270 -23.55 -27.73 5.40
CA ARG B 270 -23.37 -28.68 6.51
C ARG B 270 -22.06 -29.44 6.37
N ASN B 271 -21.78 -29.97 5.18
CA ASN B 271 -20.51 -30.67 4.96
C ASN B 271 -19.33 -29.74 5.15
N ALA B 272 -19.42 -28.51 4.65
CA ALA B 272 -18.32 -27.57 4.82
C ALA B 272 -18.07 -27.28 6.30
N PHE B 273 -19.13 -27.12 7.10
CA PHE B 273 -18.95 -26.82 8.52
C PHE B 273 -18.38 -28.01 9.28
N ILE B 274 -18.82 -29.23 8.94
CA ILE B 274 -18.21 -30.40 9.55
C ILE B 274 -16.73 -30.45 9.20
N GLY B 275 -16.38 -30.10 7.97
CA GLY B 275 -14.99 -30.04 7.59
C GLY B 275 -14.18 -29.04 8.39
N ARG B 276 -14.83 -28.03 8.96
CA ARG B 276 -14.14 -27.04 9.78
C ARG B 276 -14.08 -27.42 11.25
N GLY B 277 -14.72 -28.52 11.66
CA GLY B 277 -14.67 -28.97 13.04
C GLY B 277 -16.02 -29.09 13.72
N PHE B 278 -17.11 -28.63 13.10
CA PHE B 278 -18.41 -28.84 13.70
C PHE B 278 -18.69 -30.34 13.81
N PRO B 279 -19.36 -30.79 14.87
CA PRO B 279 -19.74 -32.21 14.94
C PRO B 279 -20.78 -32.55 13.89
N SER B 280 -20.74 -33.80 13.43
CA SER B 280 -21.72 -34.26 12.45
C SER B 280 -23.13 -34.38 13.01
N THR B 281 -23.32 -34.12 14.31
CA THR B 281 -24.66 -34.02 14.87
C THR B 281 -25.40 -32.74 14.48
N ILE B 282 -24.74 -31.78 13.83
CA ILE B 282 -25.47 -30.59 13.37
C ILE B 282 -26.45 -30.99 12.29
N GLY B 283 -27.61 -30.32 12.28
CA GLY B 283 -28.59 -30.50 11.24
C GLY B 283 -29.03 -29.17 10.65
N MET B 284 -29.58 -29.24 9.46
CA MET B 284 -30.08 -28.05 8.76
C MET B 284 -31.60 -28.00 8.79
N LEU B 285 -32.14 -26.79 8.89
CA LEU B 285 -33.54 -26.51 8.67
C LEU B 285 -33.68 -25.73 7.38
N ILE B 286 -34.82 -25.89 6.71
CA ILE B 286 -35.14 -25.09 5.54
C ILE B 286 -36.57 -24.57 5.69
N ASP B 287 -36.76 -23.29 5.42
CA ASP B 287 -38.07 -22.66 5.46
C ASP B 287 -38.78 -22.93 4.14
N THR B 288 -39.82 -23.77 4.18
CA THR B 288 -40.56 -24.15 2.99
C THR B 288 -41.94 -23.49 2.95
N SER B 289 -42.11 -22.40 3.70
CA SER B 289 -43.41 -21.74 3.79
C SER B 289 -43.90 -21.23 2.44
N ARG B 290 -42.99 -20.77 1.57
CA ARG B 290 -43.44 -20.04 0.39
C ARG B 290 -42.61 -20.38 -0.86
N ASN B 291 -42.04 -21.58 -0.91
CA ASN B 291 -41.16 -21.93 -2.02
C ASN B 291 -41.68 -23.11 -2.85
N GLY B 292 -42.98 -23.36 -2.86
CA GLY B 292 -43.53 -24.44 -3.68
C GLY B 292 -43.60 -24.16 -5.18
N TRP B 293 -43.94 -22.93 -5.55
CA TRP B 293 -43.98 -22.51 -6.96
C TRP B 293 -44.91 -23.37 -7.81
N GLY B 294 -46.06 -23.73 -7.24
CA GLY B 294 -47.15 -24.25 -8.04
C GLY B 294 -47.85 -23.12 -8.79
N GLY B 295 -48.92 -23.47 -9.48
CA GLY B 295 -49.72 -22.48 -10.20
C GLY B 295 -48.92 -21.73 -11.24
N CYS B 296 -49.36 -20.51 -11.55
CA CYS B 296 -48.76 -19.71 -12.60
C CYS B 296 -48.65 -18.27 -12.13
N SER B 297 -47.55 -17.61 -12.49
CA SER B 297 -47.32 -16.21 -12.20
C SER B 297 -46.05 -15.81 -12.95
N TYR B 298 -45.83 -14.49 -13.07
CA TYR B 298 -44.65 -13.94 -13.73
C TYR B 298 -44.52 -14.45 -15.17
N GLY B 299 -45.65 -14.69 -15.82
CA GLY B 299 -45.67 -15.09 -17.21
C GLY B 299 -45.40 -16.55 -17.46
N ARG B 300 -45.34 -17.40 -16.43
CA ARG B 300 -44.97 -18.80 -16.58
C ARG B 300 -45.81 -19.66 -15.64
N CYS B 301 -45.98 -20.92 -16.01
CA CYS B 301 -46.44 -21.95 -15.11
C CYS B 301 -45.25 -22.80 -14.68
N ARG B 302 -45.45 -23.62 -13.67
CA ARG B 302 -44.37 -24.47 -13.19
C ARG B 302 -43.92 -25.39 -14.31
N PRO B 303 -42.62 -25.50 -14.57
CA PRO B 303 -42.17 -26.40 -15.63
C PRO B 303 -42.49 -27.85 -15.25
N THR B 304 -42.74 -28.67 -16.26
CA THR B 304 -42.98 -30.08 -16.03
C THR B 304 -41.85 -30.95 -16.56
N GLY B 305 -40.71 -30.34 -16.87
CA GLY B 305 -39.54 -31.02 -17.32
C GLY B 305 -38.55 -30.01 -17.85
N PRO B 306 -37.36 -30.45 -18.22
CA PRO B 306 -36.39 -29.53 -18.83
C PRO B 306 -36.98 -28.91 -20.10
N SER B 307 -36.58 -27.67 -20.38
CA SER B 307 -37.11 -26.98 -21.53
C SER B 307 -36.64 -27.63 -22.83
N SER B 308 -37.55 -27.74 -23.80
CA SER B 308 -37.14 -28.23 -25.11
C SER B 308 -36.37 -27.18 -25.91
N ASP B 309 -36.27 -25.95 -25.42
CA ASP B 309 -35.54 -24.89 -26.12
C ASP B 309 -34.10 -24.90 -25.63
N THR B 310 -33.22 -25.48 -26.45
CA THR B 310 -31.80 -25.55 -26.11
C THR B 310 -30.98 -24.56 -26.94
N SER B 311 -31.61 -23.49 -27.44
CA SER B 311 -30.92 -22.56 -28.32
C SER B 311 -29.92 -21.69 -27.57
N SER B 312 -30.17 -21.43 -26.29
CA SER B 312 -29.24 -20.64 -25.48
C SER B 312 -29.42 -21.05 -24.03
N VAL B 313 -28.37 -20.84 -23.24
CA VAL B 313 -28.43 -21.13 -21.82
C VAL B 313 -29.58 -20.39 -21.16
N ASN B 314 -29.81 -19.13 -21.56
CA ASN B 314 -30.86 -18.37 -20.91
C ASN B 314 -32.24 -18.91 -21.26
N ALA B 315 -32.46 -19.22 -22.54
CA ALA B 315 -33.76 -19.76 -22.92
C ALA B 315 -34.02 -21.09 -22.21
N TYR B 316 -32.98 -21.93 -22.11
CA TYR B 316 -33.12 -23.24 -21.48
C TYR B 316 -33.39 -23.11 -19.99
N VAL B 317 -32.56 -22.35 -19.28
CA VAL B 317 -32.74 -22.18 -17.84
C VAL B 317 -34.10 -21.56 -17.53
N ASP B 318 -34.45 -20.49 -18.25
CA ASP B 318 -35.70 -19.79 -17.94
C ASP B 318 -36.91 -20.69 -18.19
N GLY B 319 -36.81 -21.61 -19.14
CA GLY B 319 -37.91 -22.54 -19.35
C GLY B 319 -37.90 -23.77 -18.46
N SER B 320 -36.80 -24.01 -17.74
CA SER B 320 -36.67 -25.17 -16.88
C SER B 320 -36.76 -24.89 -15.38
N ARG B 321 -36.56 -23.65 -14.94
CA ARG B 321 -36.47 -23.38 -13.52
C ARG B 321 -37.86 -23.29 -12.89
N VAL B 322 -38.01 -23.86 -11.68
CA VAL B 322 -39.30 -23.69 -11.01
C VAL B 322 -39.36 -22.35 -10.29
N ASP B 323 -38.22 -21.80 -9.87
CA ASP B 323 -38.21 -20.43 -9.35
C ASP B 323 -38.40 -19.48 -10.52
N ARG B 324 -39.63 -19.00 -10.71
CA ARG B 324 -39.94 -18.20 -11.88
C ARG B 324 -39.94 -16.70 -11.59
N ARG B 325 -39.32 -16.27 -10.49
CA ARG B 325 -39.15 -14.86 -10.21
C ARG B 325 -38.38 -14.17 -11.34
N TYR B 326 -38.60 -12.86 -11.49
CA TYR B 326 -37.88 -12.13 -12.54
C TYR B 326 -36.39 -12.10 -12.29
N HIS B 327 -36.00 -12.04 -11.02
CA HIS B 327 -34.62 -11.95 -10.61
C HIS B 327 -34.52 -12.60 -9.24
N ARG B 328 -33.39 -13.26 -8.98
CA ARG B 328 -33.26 -14.05 -7.75
C ARG B 328 -33.28 -13.21 -6.48
N GLY B 329 -32.93 -11.94 -6.57
CA GLY B 329 -32.97 -11.04 -5.44
C GLY B 329 -34.32 -10.46 -5.09
N ASN B 330 -35.36 -10.80 -5.86
CA ASN B 330 -36.71 -10.31 -5.59
C ASN B 330 -37.31 -10.99 -4.37
N TRP B 331 -37.16 -10.38 -3.19
CA TRP B 331 -37.57 -11.03 -1.96
C TRP B 331 -38.90 -10.55 -1.40
N CYS B 332 -39.50 -9.51 -1.98
CA CYS B 332 -40.65 -8.87 -1.35
C CYS B 332 -41.97 -9.25 -2.03
N ASN B 333 -42.86 -9.88 -1.27
CA ASN B 333 -44.27 -10.04 -1.65
C ASN B 333 -44.43 -10.69 -3.01
N GLN B 334 -43.81 -11.85 -3.17
CA GLN B 334 -43.76 -12.52 -4.46
C GLN B 334 -44.98 -13.42 -4.64
N ALA B 335 -45.40 -13.56 -5.90
CA ALA B 335 -46.55 -14.37 -6.24
C ALA B 335 -46.13 -15.84 -6.36
N GLY B 336 -45.65 -16.38 -5.23
CA GLY B 336 -45.23 -17.76 -5.15
C GLY B 336 -46.33 -18.64 -4.62
N GLY B 337 -45.92 -19.79 -4.09
CA GLY B 337 -46.86 -20.72 -3.51
C GLY B 337 -46.29 -21.39 -2.28
N ILE B 338 -47.20 -21.83 -1.40
CA ILE B 338 -46.80 -22.60 -0.24
C ILE B 338 -46.05 -23.85 -0.66
N GLY B 339 -44.99 -24.21 0.08
CA GLY B 339 -44.16 -25.36 -0.23
C GLY B 339 -44.49 -26.58 0.61
N GLU B 340 -43.51 -27.47 0.75
CA GLU B 340 -43.70 -28.68 1.55
C GLU B 340 -44.15 -28.32 2.97
N ARG B 341 -45.05 -29.14 3.51
CA ARG B 341 -45.54 -28.92 4.86
C ARG B 341 -44.43 -29.22 5.88
N PRO B 342 -44.51 -28.66 7.08
CA PRO B 342 -43.50 -28.97 8.10
C PRO B 342 -43.43 -30.46 8.33
N GLN B 343 -42.20 -30.98 8.38
CA GLN B 343 -41.98 -32.41 8.55
C GLN B 343 -40.56 -32.64 9.03
N ALA B 344 -40.39 -33.65 9.88
CA ALA B 344 -39.08 -33.99 10.44
C ALA B 344 -38.26 -34.88 9.51
N ALA B 345 -36.95 -34.65 9.54
CA ALA B 345 -35.92 -35.46 8.89
C ALA B 345 -36.30 -35.92 7.47
N PRO B 346 -36.61 -34.98 6.57
CA PRO B 346 -37.00 -35.39 5.21
C PRO B 346 -35.85 -35.93 4.39
N ARG B 347 -34.61 -35.56 4.71
CA ARG B 347 -33.40 -36.02 4.06
C ARG B 347 -32.32 -36.08 5.11
N SER B 348 -31.35 -36.95 4.90
CA SER B 348 -30.21 -37.03 5.81
C SER B 348 -29.50 -35.68 5.86
N GLY B 349 -29.23 -35.19 7.07
CA GLY B 349 -28.62 -33.88 7.22
C GLY B 349 -29.60 -32.73 7.37
N ILE B 350 -30.87 -32.94 7.08
CA ILE B 350 -31.92 -31.94 7.23
C ILE B 350 -32.75 -32.35 8.44
N ASP B 351 -32.71 -31.55 9.51
CA ASP B 351 -33.51 -31.86 10.69
C ASP B 351 -35.00 -31.75 10.38
N ALA B 352 -35.41 -30.75 9.58
CA ALA B 352 -36.82 -30.57 9.31
C ALA B 352 -37.01 -29.55 8.19
N TYR B 353 -38.10 -29.67 7.46
CA TYR B 353 -38.70 -28.53 6.78
C TYR B 353 -39.61 -27.83 7.77
N VAL B 354 -39.58 -26.51 7.78
CA VAL B 354 -40.36 -25.73 8.74
C VAL B 354 -41.00 -24.56 8.02
N TRP B 355 -42.11 -24.07 8.56
CA TRP B 355 -42.71 -22.82 8.12
C TRP B 355 -42.30 -21.75 9.11
N VAL B 356 -41.23 -21.01 8.79
CA VAL B 356 -40.75 -20.00 9.73
C VAL B 356 -41.47 -18.68 9.44
N LYS B 357 -41.32 -18.16 8.22
CA LYS B 357 -42.20 -17.08 7.79
C LYS B 357 -43.63 -17.63 7.72
N PRO B 358 -44.59 -17.01 8.38
CA PRO B 358 -45.98 -17.52 8.33
C PRO B 358 -46.65 -17.12 7.04
N PRO B 359 -47.08 -18.08 6.22
CA PRO B 359 -47.71 -17.72 4.93
C PRO B 359 -48.89 -16.77 5.14
N GLY B 360 -48.91 -15.70 4.36
CA GLY B 360 -49.96 -14.70 4.43
C GLY B 360 -49.53 -13.40 5.09
N GLU B 361 -48.46 -13.42 5.87
CA GLU B 361 -47.94 -12.20 6.45
C GLU B 361 -47.07 -11.45 5.45
N SER B 362 -47.28 -10.14 5.38
CA SER B 362 -46.65 -9.31 4.37
C SER B 362 -45.14 -9.21 4.62
N ASP B 363 -44.39 -9.01 3.53
CA ASP B 363 -42.97 -8.71 3.61
C ASP B 363 -42.68 -7.21 3.71
N GLY B 364 -43.69 -6.37 3.52
CA GLY B 364 -43.45 -4.94 3.49
C GLY B 364 -44.55 -4.19 2.78
N VAL B 365 -44.79 -2.95 3.19
CA VAL B 365 -45.81 -2.12 2.56
C VAL B 365 -45.40 -1.83 1.13
N SER B 366 -46.39 -1.71 0.24
CA SER B 366 -46.06 -1.62 -1.19
C SER B 366 -45.92 -0.19 -1.71
N GLN B 367 -46.13 0.83 -0.89
CA GLN B 367 -45.86 2.18 -1.36
C GLN B 367 -45.52 3.07 -0.18
N PRO B 368 -44.79 4.16 -0.39
CA PRO B 368 -44.48 5.08 0.70
C PRO B 368 -45.68 5.95 1.04
N GLY B 369 -45.57 6.66 2.15
CA GLY B 369 -46.62 7.56 2.58
C GLY B 369 -47.65 6.95 3.52
N ILE B 370 -47.44 5.72 3.98
CA ILE B 370 -48.38 5.00 4.81
C ILE B 370 -47.63 4.55 6.05
N VAL B 371 -48.01 5.07 7.21
CA VAL B 371 -47.34 4.75 8.46
C VAL B 371 -48.19 3.76 9.25
N ASP B 372 -47.58 2.68 9.71
CA ASP B 372 -48.25 1.73 10.60
C ASP B 372 -48.39 2.35 11.99
N PRO B 373 -49.60 2.65 12.47
CA PRO B 373 -49.73 3.25 13.80
C PRO B 373 -49.26 2.32 14.91
N ASP B 374 -49.19 1.02 14.64
CA ASP B 374 -48.73 0.03 15.62
CA ASP B 374 -48.72 0.11 15.68
C ASP B 374 -47.21 -0.07 15.68
N ASP B 375 -46.51 0.41 14.65
CA ASP B 375 -45.05 0.38 14.64
C ASP B 375 -44.51 1.39 13.65
N PRO B 376 -44.23 2.61 14.09
CA PRO B 376 -43.67 3.63 13.19
C PRO B 376 -42.26 3.31 12.73
N ASN B 377 -41.65 2.24 13.21
CA ASN B 377 -40.34 1.86 12.68
C ASN B 377 -40.42 1.12 11.34
N LYS B 378 -41.59 0.61 10.96
CA LYS B 378 -41.70 -0.12 9.71
C LYS B 378 -41.77 0.87 8.55
N LYS B 379 -40.81 0.78 7.62
CA LYS B 379 -40.65 1.76 6.57
CA LYS B 379 -40.66 1.77 6.57
C LYS B 379 -40.65 1.09 5.20
N PHE B 380 -41.20 1.80 4.21
CA PHE B 380 -41.26 1.30 2.84
C PHE B 380 -39.87 1.05 2.26
N ASP B 381 -39.75 -0.06 1.54
CA ASP B 381 -38.54 -0.44 0.83
C ASP B 381 -38.86 -0.56 -0.65
N PRO B 382 -38.05 0.05 -1.53
CA PRO B 382 -38.38 0.01 -2.97
C PRO B 382 -38.46 -1.40 -3.55
N MET B 383 -37.89 -2.41 -2.88
CA MET B 383 -38.05 -3.76 -3.40
C MET B 383 -39.50 -4.22 -3.30
N CYS B 384 -40.33 -3.52 -2.54
CA CYS B 384 -41.73 -3.88 -2.39
C CYS B 384 -42.65 -3.08 -3.30
N ASP B 385 -42.10 -2.17 -4.08
CA ASP B 385 -42.87 -1.36 -5.02
C ASP B 385 -43.33 -2.21 -6.21
N PRO B 386 -44.62 -2.46 -6.36
CA PRO B 386 -45.08 -3.31 -7.48
C PRO B 386 -44.77 -2.74 -8.84
N ASN B 387 -44.56 -1.43 -8.96
CA ASN B 387 -44.27 -0.79 -10.24
C ASN B 387 -42.80 -0.47 -10.40
N GLY B 388 -41.94 -0.91 -9.48
CA GLY B 388 -40.55 -0.54 -9.49
C GLY B 388 -39.66 -1.60 -10.12
N GLN B 389 -38.40 -1.24 -10.29
CA GLN B 389 -37.31 -2.13 -10.66
C GLN B 389 -36.56 -2.62 -9.43
N SER B 390 -35.92 -3.77 -9.57
CA SER B 390 -35.07 -4.29 -8.50
C SER B 390 -33.88 -3.37 -8.27
N ARG B 391 -33.44 -3.26 -7.01
CA ARG B 391 -32.25 -2.46 -6.69
C ARG B 391 -30.96 -3.27 -6.81
N TYR B 392 -31.06 -4.58 -7.04
CA TYR B 392 -29.89 -5.40 -7.31
C TYR B 392 -29.60 -5.54 -8.80
N ASN B 393 -30.61 -5.29 -9.64
CA ASN B 393 -30.40 -5.17 -11.09
C ASN B 393 -31.62 -4.43 -11.65
N SER B 394 -31.46 -3.14 -11.94
CA SER B 394 -32.60 -2.32 -12.36
C SER B 394 -33.16 -2.73 -13.72
N ALA B 395 -32.54 -3.66 -14.43
CA ALA B 395 -33.16 -4.16 -15.64
C ALA B 395 -34.37 -5.05 -15.38
N TYR B 396 -34.65 -5.40 -14.12
CA TYR B 396 -35.74 -6.32 -13.82
C TYR B 396 -36.77 -5.69 -12.89
N PRO B 397 -38.03 -6.06 -13.06
CA PRO B 397 -39.07 -5.63 -12.11
C PRO B 397 -38.89 -6.33 -10.76
N THR B 398 -39.43 -5.69 -9.71
CA THR B 398 -39.38 -6.27 -8.37
C THR B 398 -40.25 -7.51 -8.27
N GLY B 399 -41.32 -7.58 -9.05
CA GLY B 399 -42.30 -8.66 -8.90
C GLY B 399 -43.18 -8.58 -7.68
N ALA B 400 -43.12 -7.48 -6.92
CA ALA B 400 -43.90 -7.40 -5.69
C ALA B 400 -45.38 -7.24 -5.99
N LEU B 401 -46.20 -7.90 -5.20
CA LEU B 401 -47.64 -7.78 -5.36
C LEU B 401 -48.13 -6.43 -4.80
N PRO B 402 -49.15 -5.85 -5.42
CA PRO B 402 -49.65 -4.55 -4.96
C PRO B 402 -50.58 -4.70 -3.75
N ASN B 403 -50.84 -3.56 -3.10
CA ASN B 403 -51.77 -3.45 -1.98
C ASN B 403 -51.28 -4.20 -0.74
N ALA B 404 -49.99 -4.33 -0.58
CA ALA B 404 -49.44 -5.02 0.59
C ALA B 404 -49.46 -4.11 1.82
N PRO B 405 -49.89 -4.60 2.97
CA PRO B 405 -49.77 -3.84 4.22
C PRO B 405 -48.34 -3.92 4.73
N HIS B 406 -48.11 -3.25 5.85
CA HIS B 406 -46.76 -3.24 6.44
C HIS B 406 -46.34 -4.65 6.83
N ALA B 407 -45.02 -4.87 6.86
CA ALA B 407 -44.45 -6.18 7.13
C ALA B 407 -45.09 -6.81 8.36
N GLY B 408 -45.39 -8.11 8.25
CA GLY B 408 -46.02 -8.85 9.32
C GLY B 408 -47.53 -8.78 9.36
N ARG B 409 -48.14 -7.80 8.70
CA ARG B 409 -49.60 -7.72 8.72
C ARG B 409 -50.19 -8.65 7.67
N TRP B 410 -51.45 -8.99 7.87
CA TRP B 410 -52.09 -9.99 7.02
C TRP B 410 -52.29 -9.46 5.62
N PHE B 411 -51.92 -10.26 4.61
CA PHE B 411 -51.90 -9.87 3.20
C PHE B 411 -52.82 -10.82 2.45
N PRO B 412 -54.13 -10.58 2.45
CA PRO B 412 -55.06 -11.60 1.92
C PRO B 412 -54.87 -11.88 0.44
N GLN B 413 -54.52 -10.89 -0.37
CA GLN B 413 -54.33 -11.15 -1.79
C GLN B 413 -53.15 -12.09 -2.00
N GLN B 414 -52.04 -11.88 -1.28
CA GLN B 414 -50.93 -12.81 -1.41
C GLN B 414 -51.27 -14.17 -0.79
N PHE B 415 -52.00 -14.17 0.33
CA PHE B 415 -52.34 -15.46 0.94
C PHE B 415 -53.14 -16.33 -0.03
N GLU B 416 -54.13 -15.75 -0.71
CA GLU B 416 -54.92 -16.54 -1.67
C GLU B 416 -54.03 -17.04 -2.81
N ILE B 417 -53.11 -16.22 -3.28
CA ILE B 417 -52.17 -16.66 -4.32
C ILE B 417 -51.30 -17.81 -3.80
N LEU B 418 -50.78 -17.67 -2.58
CA LEU B 418 -49.91 -18.70 -2.00
C LEU B 418 -50.65 -20.02 -1.84
N VAL B 419 -51.93 -19.97 -1.45
CA VAL B 419 -52.69 -21.21 -1.32
C VAL B 419 -52.96 -21.82 -2.69
N ARG B 420 -53.42 -21.00 -3.64
CA ARG B 420 -53.69 -21.50 -4.98
C ARG B 420 -52.45 -22.09 -5.63
N ASN B 421 -51.29 -21.49 -5.35
CA ASN B 421 -50.04 -21.89 -5.97
C ASN B 421 -49.24 -22.89 -5.15
N ALA B 422 -49.86 -23.49 -4.13
CA ALA B 422 -49.12 -24.41 -3.27
C ALA B 422 -48.60 -25.61 -4.06
N TYR B 423 -47.41 -26.08 -3.70
CA TYR B 423 -46.88 -27.30 -4.29
C TYR B 423 -46.13 -28.13 -3.24
N PRO B 424 -46.62 -29.32 -2.87
CA PRO B 424 -47.83 -29.99 -3.40
C PRO B 424 -49.10 -29.19 -3.11
N PRO B 425 -50.08 -29.26 -4.01
CA PRO B 425 -51.32 -28.51 -3.80
C PRO B 425 -51.95 -28.87 -2.47
N ILE B 426 -52.65 -27.90 -1.88
CA ILE B 426 -53.37 -28.14 -0.63
C ILE B 426 -54.54 -29.06 -0.92
N GLN B 427 -54.70 -30.08 -0.07
CA GLN B 427 -55.86 -30.94 -0.17
C GLN B 427 -56.83 -30.63 0.96
N PRO B 428 -58.07 -30.22 0.64
CA PRO B 428 -59.12 -29.93 1.62
C PRO B 428 -59.31 -31.04 2.66
N MET C 1 19.39 18.27 -34.49
CA MET C 1 20.06 17.59 -33.39
C MET C 1 19.19 17.62 -32.11
N LEU C 2 19.23 16.51 -31.39
CA LEU C 2 18.35 16.31 -30.24
C LEU C 2 18.79 17.16 -29.05
N ASP C 3 17.82 17.48 -28.19
CA ASP C 3 18.16 18.15 -26.93
C ASP C 3 18.97 17.22 -26.02
N ASN C 4 18.64 15.94 -26.03
CA ASN C 4 19.32 14.95 -25.19
C ASN C 4 19.48 13.64 -25.95
N PRO C 5 20.69 13.29 -26.40
CA PRO C 5 20.86 12.10 -27.25
C PRO C 5 20.61 10.79 -26.52
N PHE C 6 20.48 10.81 -25.18
CA PHE C 6 20.21 9.59 -24.43
C PHE C 6 18.73 9.27 -24.32
N ILE C 7 17.85 10.24 -24.58
CA ILE C 7 16.41 10.02 -24.60
C ILE C 7 16.05 9.30 -25.89
N GLY C 8 15.32 8.19 -25.78
CA GLY C 8 14.85 7.51 -26.96
C GLY C 8 15.87 6.62 -27.63
N ALA C 9 16.96 6.28 -26.95
CA ALA C 9 17.99 5.43 -27.52
C ALA C 9 18.42 4.41 -26.48
N ILE C 10 18.90 3.27 -26.94
CA ILE C 10 19.50 2.32 -26.02
C ILE C 10 21.00 2.49 -26.11
N GLY C 11 21.68 2.22 -24.99
CA GLY C 11 23.12 2.38 -24.95
C GLY C 11 23.84 1.24 -25.68
N TYR C 12 24.90 1.60 -26.38
CA TYR C 12 25.78 0.61 -26.99
C TYR C 12 26.33 -0.35 -25.94
N VAL C 13 26.27 -1.65 -26.23
CA VAL C 13 26.85 -2.66 -25.35
C VAL C 13 28.13 -3.14 -26.03
N ASN C 14 29.26 -2.89 -25.37
CA ASN C 14 30.57 -3.22 -25.89
C ASN C 14 30.82 -4.72 -25.75
N PRO C 15 30.83 -5.48 -26.85
CA PRO C 15 30.98 -6.94 -26.71
C PRO C 15 32.33 -7.36 -26.16
N ASP C 16 33.38 -6.59 -26.41
CA ASP C 16 34.70 -6.95 -25.88
C ASP C 16 34.76 -6.76 -24.37
N TRP C 17 34.12 -5.71 -23.85
CA TRP C 17 34.00 -5.57 -22.41
C TRP C 17 33.11 -6.67 -21.83
N ALA C 18 31.96 -6.93 -22.48
CA ALA C 18 31.03 -7.93 -21.98
C ALA C 18 31.69 -9.32 -21.95
N THR C 19 32.52 -9.62 -22.96
CA THR C 19 33.23 -10.90 -22.97
C THR C 19 34.11 -11.09 -21.74
N ASN C 20 34.79 -10.03 -21.31
CA ASN C 20 35.60 -10.12 -20.09
C ASN C 20 34.72 -10.41 -18.87
N VAL C 21 33.57 -9.71 -18.78
CA VAL C 21 32.68 -9.90 -17.64
C VAL C 21 32.17 -11.34 -17.60
N ILE C 22 31.67 -11.82 -18.75
CA ILE C 22 31.12 -13.17 -18.81
C ILE C 22 32.20 -14.22 -18.56
N SER C 23 33.40 -13.98 -19.08
CA SER C 23 34.50 -14.91 -18.82
C SER C 23 34.82 -15.00 -17.34
N GLN C 24 34.78 -13.86 -16.63
CA GLN C 24 35.00 -13.93 -15.19
C GLN C 24 33.83 -14.60 -14.49
N ALA C 25 32.60 -14.34 -14.95
CA ALA C 25 31.44 -15.02 -14.36
C ALA C 25 31.58 -16.53 -14.47
N ASN C 26 32.04 -17.03 -15.62
CA ASN C 26 32.21 -18.46 -15.81
C ASN C 26 33.31 -19.04 -14.94
N GLN C 27 34.20 -18.21 -14.39
CA GLN C 27 35.25 -18.67 -13.50
C GLN C 27 34.93 -18.39 -12.04
N THR C 28 33.69 -18.01 -11.73
CA THR C 28 33.29 -17.61 -10.38
C THR C 28 32.48 -18.74 -9.74
N ALA C 29 32.95 -19.21 -8.57
CA ALA C 29 32.33 -20.36 -7.94
C ALA C 29 30.94 -20.02 -7.41
N ASP C 30 30.81 -18.91 -6.69
CA ASP C 30 29.53 -18.49 -6.12
C ASP C 30 28.50 -18.32 -7.23
N PRO C 31 27.43 -19.11 -7.24
CA PRO C 31 26.45 -19.00 -8.34
C PRO C 31 25.69 -17.68 -8.34
N THR C 32 25.46 -17.09 -7.17
CA THR C 32 24.76 -15.81 -7.12
C THR C 32 25.64 -14.70 -7.68
N LEU C 33 26.88 -14.60 -7.20
CA LEU C 33 27.82 -13.62 -7.71
C LEU C 33 28.03 -13.79 -9.22
N ALA C 34 28.15 -15.03 -9.69
CA ALA C 34 28.33 -15.25 -11.12
C ALA C 34 27.11 -14.77 -11.90
N ALA C 35 25.91 -15.00 -11.38
CA ALA C 35 24.72 -14.50 -12.06
C ALA C 35 24.68 -12.97 -12.03
N GLN C 36 25.12 -12.37 -10.93
CA GLN C 36 25.19 -10.92 -10.89
C GLN C 36 26.14 -10.39 -11.97
N MET C 37 27.32 -11.01 -12.09
CA MET C 37 28.26 -10.62 -13.13
C MET C 37 27.64 -10.72 -14.52
N ARG C 38 26.86 -11.78 -14.79
CA ARG C 38 26.27 -11.90 -16.12
C ARG C 38 25.26 -10.79 -16.38
N LYS C 39 24.57 -10.34 -15.35
CA LYS C 39 23.67 -9.19 -15.51
C LYS C 39 24.45 -7.92 -15.81
N VAL C 40 25.58 -7.72 -15.12
CA VAL C 40 26.41 -6.53 -15.35
C VAL C 40 26.85 -6.45 -16.80
N ALA C 41 27.13 -7.62 -17.41
CA ALA C 41 27.58 -7.66 -18.80
C ALA C 41 26.56 -7.08 -19.78
N THR C 42 25.30 -6.93 -19.38
CA THR C 42 24.28 -6.40 -20.28
C THR C 42 24.25 -4.87 -20.35
N TYR C 43 25.00 -4.17 -19.51
CA TYR C 43 24.91 -2.72 -19.47
C TYR C 43 25.90 -2.05 -20.44
N SER C 44 25.67 -0.76 -20.67
CA SER C 44 26.36 0.02 -21.69
C SER C 44 27.56 0.73 -21.10
N THR C 45 28.72 0.61 -21.78
CA THR C 45 29.95 1.26 -21.35
C THR C 45 30.59 1.99 -22.53
N ALA C 46 31.42 2.98 -22.21
CA ALA C 46 32.03 3.81 -23.24
C ALA C 46 33.25 3.12 -23.86
N VAL C 47 33.60 3.57 -25.05
CA VAL C 47 34.77 3.09 -25.78
C VAL C 47 35.85 4.15 -25.72
N TRP C 48 37.01 3.80 -25.15
CA TRP C 48 38.09 4.74 -24.93
C TRP C 48 39.06 4.73 -26.12
N LEU C 49 39.29 5.90 -26.71
CA LEU C 49 40.30 6.07 -27.75
C LEU C 49 41.48 6.74 -27.07
N ASP C 50 42.38 5.93 -26.52
CA ASP C 50 43.42 6.42 -25.63
C ASP C 50 44.79 6.53 -26.30
N ARG C 51 44.85 6.30 -27.60
CA ARG C 51 46.10 6.37 -28.37
CA ARG C 51 46.10 6.37 -28.37
C ARG C 51 45.72 6.24 -29.84
N ILE C 52 46.64 6.68 -30.71
CA ILE C 52 46.38 6.60 -32.15
C ILE C 52 46.07 5.18 -32.56
N ALA C 53 46.78 4.20 -31.96
CA ALA C 53 46.57 2.80 -32.29
C ALA C 53 45.19 2.29 -31.87
N ALA C 54 44.53 2.96 -30.93
CA ALA C 54 43.20 2.53 -30.53
C ALA C 54 42.18 2.66 -31.64
N ILE C 55 42.44 3.51 -32.65
CA ILE C 55 41.51 3.68 -33.75
C ILE C 55 41.34 2.37 -34.52
N THR C 56 42.39 1.55 -34.58
CA THR C 56 42.39 0.30 -35.35
C THR C 56 42.68 -0.95 -34.52
N ALA C 57 43.24 -0.83 -33.32
CA ALA C 57 43.56 -2.02 -32.55
C ALA C 57 42.29 -2.81 -32.24
N GLY C 58 42.39 -4.13 -32.33
CA GLY C 58 41.21 -4.95 -32.10
C GLY C 58 40.13 -4.59 -33.11
N ARG C 59 38.88 -4.60 -32.65
CA ARG C 59 37.80 -4.33 -33.59
C ARG C 59 37.82 -2.88 -34.07
N GLY C 60 38.51 -1.99 -33.37
CA GLY C 60 38.71 -0.64 -33.86
C GLY C 60 37.49 0.26 -33.78
N LEU C 61 37.68 1.55 -34.05
CA LEU C 61 36.56 2.50 -34.00
C LEU C 61 35.46 2.10 -34.97
N ARG C 62 35.83 1.81 -36.23
CA ARG C 62 34.85 1.34 -37.21
C ARG C 62 34.12 0.09 -36.74
N GLY C 63 34.86 -0.85 -36.13
CA GLY C 63 34.23 -2.08 -35.67
C GLY C 63 33.18 -1.83 -34.59
N HIS C 64 33.49 -0.97 -33.63
CA HIS C 64 32.49 -0.61 -32.63
C HIS C 64 31.30 0.06 -33.27
N LEU C 65 31.54 1.01 -34.20
CA LEU C 65 30.41 1.68 -34.83
C LEU C 65 29.58 0.71 -35.65
N ASP C 66 30.25 -0.22 -36.35
CA ASP C 66 29.52 -1.26 -37.09
C ASP C 66 28.71 -2.14 -36.16
N GLU C 67 29.28 -2.49 -34.99
CA GLU C 67 28.53 -3.27 -34.02
C GLU C 67 27.35 -2.47 -33.47
N ALA C 68 27.53 -1.16 -33.27
CA ALA C 68 26.42 -0.30 -32.88
C ALA C 68 25.31 -0.34 -33.92
N LEU C 69 25.68 -0.34 -35.21
CA LEU C 69 24.67 -0.43 -36.25
C LEU C 69 23.90 -1.73 -36.16
N ARG C 70 24.60 -2.86 -35.95
CA ARG C 70 23.95 -4.15 -35.75
C ARG C 70 22.97 -4.09 -34.60
N GLN C 71 23.40 -3.53 -33.47
CA GLN C 71 22.54 -3.45 -32.29
C GLN C 71 21.33 -2.58 -32.57
N MET C 72 21.51 -1.50 -33.33
CA MET C 72 20.40 -0.63 -33.67
C MET C 72 19.39 -1.34 -34.57
N GLN C 73 19.88 -2.09 -35.56
CA GLN C 73 19.00 -2.89 -36.42
C GLN C 73 18.27 -3.95 -35.60
N GLN C 74 19.00 -4.67 -34.76
CA GLN C 74 18.39 -5.75 -33.99
C GLN C 74 17.35 -5.24 -33.01
N ALA C 75 17.56 -4.07 -32.42
CA ALA C 75 16.60 -3.54 -31.47
C ALA C 75 15.51 -2.71 -32.10
N GLY C 76 15.73 -2.20 -33.32
CA GLY C 76 14.74 -1.33 -33.92
C GLY C 76 14.58 0.00 -33.24
N GLN C 77 15.58 0.46 -32.50
CA GLN C 77 15.58 1.76 -31.87
C GLN C 77 16.98 2.34 -31.96
N PRO C 78 17.11 3.67 -31.91
CA PRO C 78 18.45 4.26 -32.01
C PRO C 78 19.38 3.76 -30.92
N VAL C 79 20.65 3.62 -31.27
CA VAL C 79 21.70 3.30 -30.31
C VAL C 79 22.53 4.56 -30.08
N VAL C 80 22.83 4.85 -28.83
CA VAL C 80 23.75 5.92 -28.47
C VAL C 80 25.04 5.27 -27.98
N ILE C 81 26.14 5.59 -28.63
CA ILE C 81 27.45 5.03 -28.30
C ILE C 81 28.31 6.17 -27.75
N THR C 82 29.02 5.90 -26.67
CA THR C 82 29.87 6.90 -26.04
C THR C 82 31.33 6.60 -26.36
N LEU C 83 32.04 7.62 -26.85
CA LEU C 83 33.46 7.55 -27.15
C LEU C 83 34.21 8.54 -26.27
N VAL C 84 35.34 8.11 -25.70
CA VAL C 84 36.21 8.98 -24.92
C VAL C 84 37.41 9.37 -25.79
N ILE C 85 37.54 10.67 -26.05
CA ILE C 85 38.66 11.23 -26.82
C ILE C 85 39.79 11.52 -25.82
N TYR C 86 40.88 10.76 -25.89
CA TYR C 86 41.84 10.76 -24.77
C TYR C 86 43.28 10.57 -25.27
N ASP C 87 43.83 11.58 -25.98
CA ASP C 87 45.23 11.45 -26.42
C ASP C 87 45.95 12.79 -26.54
N LEU C 88 45.58 13.79 -25.74
CA LEU C 88 46.26 15.07 -25.81
C LEU C 88 47.77 14.90 -25.56
N PRO C 89 48.59 15.77 -26.16
CA PRO C 89 50.02 15.74 -25.83
C PRO C 89 50.25 16.21 -24.41
N ASN C 90 51.29 15.65 -23.77
CA ASN C 90 51.50 15.85 -22.33
C ASN C 90 50.26 15.43 -21.54
N ARG C 91 49.64 14.32 -21.95
CA ARG C 91 48.45 13.83 -21.27
C ARG C 91 48.78 13.45 -19.83
N ASP C 92 47.75 13.42 -18.99
CA ASP C 92 47.91 13.04 -17.59
CA ASP C 92 47.84 13.10 -17.55
C ASP C 92 49.00 13.87 -16.92
N CYS C 93 48.98 15.19 -17.13
CA CYS C 93 50.19 15.92 -16.78
C CYS C 93 50.46 15.96 -15.28
N SER C 94 49.49 15.62 -14.43
CA SER C 94 49.76 15.57 -12.99
C SER C 94 50.09 14.17 -12.50
N ALA C 95 50.09 13.18 -13.36
CA ALA C 95 50.65 11.89 -12.99
C ALA C 95 52.15 12.02 -12.76
N ALA C 96 52.71 11.08 -12.00
CA ALA C 96 54.17 11.00 -11.88
C ALA C 96 54.83 11.05 -13.26
N ALA C 97 54.30 10.27 -14.20
CA ALA C 97 54.74 10.29 -15.59
C ALA C 97 53.53 10.06 -16.49
N SER C 98 53.56 10.66 -17.67
CA SER C 98 52.45 10.58 -18.59
C SER C 98 52.36 9.21 -19.23
N ASN C 99 51.15 8.64 -19.27
CA ASN C 99 50.92 7.46 -20.11
C ASN C 99 50.69 7.82 -21.57
N GLY C 100 50.55 9.12 -21.88
CA GLY C 100 50.23 9.51 -23.25
C GLY C 100 51.44 9.45 -24.17
N GLU C 101 51.17 9.14 -25.44
CA GLU C 101 52.25 8.95 -26.41
C GLU C 101 52.72 10.27 -27.03
N LEU C 102 51.93 11.34 -26.96
CA LEU C 102 52.25 12.58 -27.65
C LEU C 102 52.86 13.58 -26.66
N LEU C 103 53.82 14.37 -27.15
CA LEU C 103 54.56 15.30 -26.31
C LEU C 103 54.54 16.69 -26.92
N VAL C 104 54.16 17.69 -26.12
CA VAL C 104 54.12 19.07 -26.62
C VAL C 104 55.46 19.43 -27.27
N ALA C 105 56.56 19.04 -26.63
CA ALA C 105 57.90 19.39 -27.10
C ALA C 105 58.30 18.69 -28.40
N GLN C 106 57.53 17.69 -28.86
CA GLN C 106 57.91 16.88 -30.02
C GLN C 106 56.75 16.84 -31.02
N ASN C 107 56.30 18.03 -31.44
CA ASN C 107 55.25 18.17 -32.46
C ASN C 107 53.92 17.57 -31.99
N GLY C 108 53.70 17.50 -30.68
CA GLY C 108 52.57 16.74 -30.16
C GLY C 108 51.23 17.32 -30.56
N LEU C 109 51.09 18.66 -30.50
CA LEU C 109 49.83 19.27 -30.89
C LEU C 109 49.53 19.02 -32.37
N ALA C 110 50.55 19.18 -33.22
CA ALA C 110 50.35 18.98 -34.65
C ALA C 110 50.01 17.53 -34.94
N ARG C 111 50.61 16.59 -34.22
CA ARG C 111 50.29 15.19 -34.45
C ARG C 111 48.93 14.82 -33.87
N TYR C 112 48.58 15.40 -32.71
CA TYR C 112 47.24 15.20 -32.16
C TYR C 112 46.17 15.54 -33.19
N LYS C 113 46.31 16.71 -33.83
CA LYS C 113 45.33 17.13 -34.82
C LYS C 113 45.34 16.19 -36.03
N ALA C 114 46.52 15.95 -36.61
CA ALA C 114 46.58 15.29 -37.91
C ALA C 114 46.48 13.77 -37.82
N GLU C 115 46.98 13.15 -36.75
CA GLU C 115 47.02 11.69 -36.68
C GLU C 115 46.04 11.09 -35.70
N PHE C 116 45.38 11.90 -34.89
CA PHE C 116 44.40 11.37 -33.96
C PHE C 116 43.01 11.93 -34.21
N ILE C 117 42.84 13.25 -34.11
CA ILE C 117 41.51 13.83 -34.29
C ILE C 117 41.04 13.64 -35.74
N ASP C 118 41.91 13.98 -36.71
CA ASP C 118 41.49 13.94 -38.11
C ASP C 118 41.02 12.57 -38.55
N PRO C 119 41.73 11.46 -38.28
CA PRO C 119 41.20 10.16 -38.72
C PRO C 119 39.95 9.73 -37.95
N ILE C 120 39.81 10.12 -36.68
CA ILE C 120 38.58 9.81 -35.96
C ILE C 120 37.40 10.51 -36.62
N VAL C 121 37.57 11.80 -36.94
CA VAL C 121 36.51 12.60 -37.55
C VAL C 121 36.12 12.02 -38.91
N ALA C 122 37.11 11.59 -39.69
CA ALA C 122 36.81 10.95 -40.97
C ALA C 122 35.91 9.74 -40.80
N ILE C 123 36.25 8.86 -39.83
CA ILE C 123 35.42 7.68 -39.57
C ILE C 123 34.02 8.09 -39.12
N LEU C 124 33.93 9.00 -38.14
CA LEU C 124 32.62 9.39 -37.63
C LEU C 124 31.78 10.11 -38.67
N SER C 125 32.40 10.62 -39.73
CA SER C 125 31.69 11.32 -40.80
C SER C 125 31.10 10.37 -41.83
N ASP C 126 31.39 9.08 -41.76
CA ASP C 126 30.87 8.09 -42.70
C ASP C 126 29.34 8.13 -42.69
N PRO C 127 28.69 8.35 -43.83
CA PRO C 127 27.22 8.44 -43.86
C PRO C 127 26.53 7.20 -43.33
N ARG C 128 27.21 6.05 -43.29
CA ARG C 128 26.60 4.84 -42.78
C ARG C 128 26.23 4.94 -41.31
N TYR C 129 26.80 5.89 -40.57
CA TYR C 129 26.57 5.98 -39.13
C TYR C 129 25.57 7.08 -38.76
N ALA C 130 24.87 7.65 -39.74
CA ALA C 130 24.04 8.82 -39.48
C ALA C 130 22.89 8.53 -38.54
N GLY C 131 22.48 7.27 -38.40
CA GLY C 131 21.39 6.94 -37.51
C GLY C 131 21.79 6.73 -36.06
N LEU C 132 23.07 6.61 -35.77
CA LEU C 132 23.52 6.53 -34.39
C LEU C 132 23.48 7.90 -33.75
N ARG C 133 23.41 7.92 -32.42
CA ARG C 133 23.81 9.08 -31.64
C ARG C 133 25.23 8.80 -31.14
N ILE C 134 26.18 9.65 -31.51
CA ILE C 134 27.58 9.44 -31.15
C ILE C 134 27.92 10.50 -30.10
N VAL C 135 28.22 10.05 -28.89
CA VAL C 135 28.54 10.93 -27.77
C VAL C 135 30.06 10.88 -27.58
N THR C 136 30.71 12.03 -27.60
CA THR C 136 32.16 12.15 -27.45
C THR C 136 32.48 12.87 -26.15
N ILE C 137 33.18 12.19 -25.25
CA ILE C 137 33.70 12.76 -24.01
C ILE C 137 35.08 13.31 -24.32
N ILE C 138 35.29 14.60 -24.11
CA ILE C 138 36.52 15.25 -24.57
C ILE C 138 37.52 15.32 -23.43
N GLU C 139 38.62 14.57 -23.60
CA GLU C 139 39.87 14.64 -22.84
C GLU C 139 39.71 14.77 -21.33
N PRO C 140 39.30 13.69 -20.66
CA PRO C 140 39.30 13.66 -19.20
C PRO C 140 40.64 14.11 -18.61
N ASP C 141 40.55 14.84 -17.50
CA ASP C 141 41.66 15.23 -16.62
C ASP C 141 42.41 16.47 -17.08
N SER C 142 42.35 16.77 -18.38
CA SER C 142 43.21 17.80 -18.97
C SER C 142 42.93 19.20 -18.41
N LEU C 143 41.81 19.81 -18.78
CA LEU C 143 41.53 21.16 -18.27
C LEU C 143 41.51 21.24 -16.75
N PRO C 144 40.94 20.28 -15.98
CA PRO C 144 41.03 20.40 -14.51
C PRO C 144 42.46 20.55 -13.99
N ASN C 145 43.43 19.89 -14.63
CA ASN C 145 44.83 20.03 -14.24
C ASN C 145 45.33 21.46 -14.43
N LEU C 146 44.80 22.17 -15.43
CA LEU C 146 45.19 23.57 -15.61
C LEU C 146 44.62 24.46 -14.52
N VAL C 147 43.55 24.04 -13.84
CA VAL C 147 43.01 24.84 -12.75
C VAL C 147 43.85 24.65 -11.50
N THR C 148 44.22 23.41 -11.17
CA THR C 148 44.80 23.11 -9.88
C THR C 148 46.29 22.78 -9.91
N ASN C 149 46.87 22.49 -11.07
CA ASN C 149 48.21 21.92 -11.09
C ASN C 149 49.17 22.71 -11.97
N LEU C 150 48.97 24.01 -12.12
CA LEU C 150 49.91 24.82 -12.90
C LEU C 150 51.28 24.90 -12.25
N SER C 151 51.39 24.56 -10.97
CA SER C 151 52.70 24.48 -10.35
C SER C 151 53.48 23.24 -10.80
N ILE C 152 52.85 22.35 -11.57
CA ILE C 152 53.52 21.19 -12.12
C ILE C 152 54.00 21.54 -13.52
N PRO C 153 55.30 21.45 -13.82
CA PRO C 153 55.78 21.95 -15.12
C PRO C 153 55.11 21.30 -16.31
N ALA C 154 54.90 19.98 -16.27
CA ALA C 154 54.24 19.28 -17.38
C ALA C 154 52.86 19.87 -17.67
N CYS C 155 52.14 20.30 -16.63
CA CYS C 155 50.82 20.90 -16.84
C CYS C 155 50.94 22.32 -17.37
N ALA C 156 51.74 23.15 -16.70
CA ALA C 156 51.93 24.53 -17.13
C ALA C 156 52.40 24.59 -18.58
N GLU C 157 53.32 23.70 -18.96
CA GLU C 157 53.83 23.76 -20.32
C GLU C 157 52.82 23.24 -21.35
N ALA C 158 51.79 22.51 -20.90
CA ALA C 158 50.79 21.96 -21.81
C ALA C 158 49.58 22.86 -22.01
N GLN C 159 49.49 23.98 -21.27
CA GLN C 159 48.29 24.82 -21.25
C GLN C 159 47.74 25.08 -22.64
N ASN C 160 48.60 25.60 -23.53
CA ASN C 160 48.09 26.08 -24.81
C ASN C 160 47.82 24.92 -25.76
N ALA C 161 48.54 23.80 -25.60
CA ALA C 161 48.25 22.63 -26.42
C ALA C 161 46.93 21.99 -26.00
N TYR C 162 46.63 22.00 -24.69
CA TYR C 162 45.31 21.55 -24.23
C TYR C 162 44.21 22.40 -24.84
N ILE C 163 44.32 23.72 -24.69
CA ILE C 163 43.28 24.62 -25.15
C ILE C 163 43.07 24.47 -26.65
N GLU C 164 44.15 24.50 -27.42
CA GLU C 164 43.98 24.47 -28.87
C GLU C 164 43.63 23.07 -29.36
N GLY C 165 44.17 22.04 -28.71
CA GLY C 165 43.79 20.69 -29.09
C GLY C 165 42.33 20.41 -28.80
N ILE C 166 41.82 20.90 -27.68
CA ILE C 166 40.41 20.69 -27.35
C ILE C 166 39.52 21.51 -28.26
N ARG C 167 39.91 22.75 -28.57
CA ARG C 167 39.13 23.55 -29.51
C ARG C 167 39.09 22.91 -30.89
N TYR C 168 40.23 22.38 -31.34
CA TYR C 168 40.26 21.73 -32.65
C TYR C 168 39.37 20.48 -32.66
N ALA C 169 39.50 19.64 -31.64
CA ALA C 169 38.65 18.45 -31.54
C ALA C 169 37.16 18.83 -31.58
N VAL C 170 36.76 19.82 -30.79
CA VAL C 170 35.34 20.18 -30.75
C VAL C 170 34.91 20.82 -32.07
N ASN C 171 35.74 21.73 -32.62
CA ASN C 171 35.40 22.39 -33.88
C ASN C 171 35.17 21.38 -35.00
N ARG C 172 36.01 20.35 -35.06
CA ARG C 172 35.86 19.36 -36.13
C ARG C 172 34.66 18.43 -35.86
N LEU C 173 34.52 17.96 -34.61
CA LEU C 173 33.38 17.09 -34.29
C LEU C 173 32.04 17.81 -34.46
N ARG C 174 32.01 19.14 -34.29
CA ARG C 174 30.76 19.89 -34.48
C ARG C 174 30.29 19.90 -35.94
N THR C 175 31.13 19.48 -36.88
CA THR C 175 30.69 19.38 -38.27
C THR C 175 29.93 18.10 -38.55
N ILE C 176 29.80 17.21 -37.58
CA ILE C 176 29.07 15.95 -37.72
C ILE C 176 27.75 16.08 -36.97
N PRO C 177 26.60 16.08 -37.66
CA PRO C 177 25.35 16.50 -37.00
C PRO C 177 24.84 15.53 -35.96
N ASN C 178 25.27 14.26 -35.95
CA ASN C 178 24.82 13.34 -34.93
C ASN C 178 25.86 13.11 -33.83
N VAL C 179 26.80 14.04 -33.65
CA VAL C 179 27.81 13.93 -32.59
C VAL C 179 27.45 14.91 -31.50
N TYR C 180 27.42 14.42 -30.26
CA TYR C 180 27.07 15.20 -29.09
C TYR C 180 28.31 15.28 -28.21
N ILE C 181 28.67 16.48 -27.78
CA ILE C 181 30.00 16.77 -27.28
C ILE C 181 29.90 17.21 -25.83
N TYR C 182 30.59 16.50 -24.94
CA TYR C 182 30.62 16.85 -23.53
C TYR C 182 32.06 17.03 -23.08
N LEU C 183 32.38 18.19 -22.51
CA LEU C 183 33.70 18.41 -21.94
C LEU C 183 33.80 17.79 -20.55
N ASP C 184 34.93 17.16 -20.26
CA ASP C 184 35.15 16.60 -18.95
C ASP C 184 35.49 17.72 -17.98
N ILE C 185 34.89 17.68 -16.78
CA ILE C 185 35.19 18.70 -15.78
C ILE C 185 35.36 18.06 -14.40
N ALA C 186 36.12 16.97 -14.36
CA ALA C 186 36.60 16.39 -13.10
C ALA C 186 35.44 15.94 -12.21
N HIS C 187 35.52 16.22 -10.91
CA HIS C 187 34.53 15.76 -9.93
C HIS C 187 34.59 16.68 -8.72
N SER C 188 33.63 16.51 -7.80
CA SER C 188 33.55 17.44 -6.67
C SER C 188 34.77 17.34 -5.76
N GLY C 189 35.40 16.16 -5.66
CA GLY C 189 36.62 16.00 -4.88
C GLY C 189 37.86 16.58 -5.52
N TRP C 190 37.72 17.23 -6.67
CA TRP C 190 38.80 17.92 -7.37
C TRP C 190 38.57 19.41 -7.44
N LEU C 191 37.43 19.86 -8.02
CA LEU C 191 37.20 21.27 -8.26
C LEU C 191 36.10 21.86 -7.37
N GLY C 192 35.75 21.19 -6.27
CA GLY C 192 34.63 21.66 -5.46
C GLY C 192 34.94 22.93 -4.68
N TRP C 193 36.17 23.06 -4.17
CA TRP C 193 36.54 24.24 -3.41
C TRP C 193 36.30 25.52 -4.20
N ASP C 194 35.93 26.59 -3.48
CA ASP C 194 35.56 27.86 -4.09
C ASP C 194 36.52 28.29 -5.19
N ASN C 195 37.82 28.31 -4.88
CA ASN C 195 38.81 28.80 -5.85
C ASN C 195 38.90 27.90 -7.06
N ASN C 196 38.83 26.58 -6.85
CA ASN C 196 38.88 25.66 -7.98
C ASN C 196 37.62 25.75 -8.82
N PHE C 197 36.46 25.82 -8.17
CA PHE C 197 35.18 25.93 -8.86
C PHE C 197 35.15 27.17 -9.75
N ASN C 198 35.49 28.34 -9.16
CA ASN C 198 35.44 29.57 -9.92
C ASN C 198 36.54 29.60 -10.97
N GLY C 199 37.70 29.03 -10.65
CA GLY C 199 38.75 28.89 -11.66
C GLY C 199 38.29 28.06 -12.84
N ALA C 200 37.59 26.96 -12.56
CA ALA C 200 37.12 26.10 -13.66
C ALA C 200 36.11 26.81 -14.54
N VAL C 201 35.11 27.47 -13.91
CA VAL C 201 34.09 28.16 -14.70
C VAL C 201 34.74 29.22 -15.58
N ASN C 202 35.68 29.98 -15.03
CA ASN C 202 36.43 30.96 -15.81
C ASN C 202 37.15 30.30 -16.97
N LEU C 203 37.92 29.25 -16.69
CA LEU C 203 38.75 28.64 -17.72
C LEU C 203 37.90 28.02 -18.83
N TYR C 204 36.87 27.26 -18.46
CA TYR C 204 36.09 26.58 -19.48
C TYR C 204 35.29 27.58 -20.30
N THR C 205 34.83 28.66 -19.67
CA THR C 205 34.13 29.71 -20.41
C THR C 205 35.06 30.32 -21.45
N GLN C 206 36.32 30.59 -21.08
CA GLN C 206 37.28 31.11 -22.05
C GLN C 206 37.55 30.09 -23.15
N VAL C 207 37.68 28.81 -22.79
CA VAL C 207 38.03 27.81 -23.80
C VAL C 207 36.89 27.68 -24.81
N VAL C 208 35.65 27.59 -24.33
CA VAL C 208 34.52 27.39 -25.22
C VAL C 208 34.22 28.65 -26.03
N GLN C 209 34.37 29.84 -25.43
CA GLN C 209 34.05 31.04 -26.18
C GLN C 209 34.98 31.22 -27.37
N GLY C 210 36.16 30.59 -27.34
CA GLY C 210 37.06 30.60 -28.47
C GLY C 210 36.82 29.54 -29.52
N MET C 211 35.80 28.70 -29.35
CA MET C 211 35.45 27.72 -30.37
C MET C 211 34.59 28.39 -31.47
N ASP C 212 34.48 27.70 -32.61
CA ASP C 212 33.89 28.32 -33.78
C ASP C 212 32.43 28.68 -33.56
N GLN C 213 31.68 27.83 -32.85
CA GLN C 213 30.28 28.12 -32.58
C GLN C 213 30.05 28.69 -31.18
N GLY C 214 31.10 29.21 -30.56
CA GLY C 214 30.96 29.79 -29.22
C GLY C 214 30.34 28.83 -28.23
N PHE C 215 29.41 29.35 -27.43
CA PHE C 215 28.73 28.53 -26.44
C PHE C 215 27.82 27.47 -27.05
N ASN C 216 27.60 27.50 -28.35
CA ASN C 216 26.83 26.47 -29.02
C ASN C 216 27.68 25.30 -29.47
N SER C 217 29.00 25.34 -29.23
CA SER C 217 29.91 24.31 -29.74
C SER C 217 29.84 22.99 -28.96
N ILE C 218 29.33 22.98 -27.74
CA ILE C 218 29.26 21.76 -26.95
C ILE C 218 27.83 21.53 -26.50
N ASP C 219 27.56 20.30 -26.06
CA ASP C 219 26.25 19.96 -25.53
C ASP C 219 26.23 19.90 -24.01
N GLY C 220 27.37 20.01 -23.35
CA GLY C 220 27.39 20.05 -21.91
C GLY C 220 28.73 19.53 -21.38
N PHE C 221 28.67 18.99 -20.16
CA PHE C 221 29.85 18.60 -19.39
C PHE C 221 29.58 17.26 -18.74
N ILE C 222 30.66 16.54 -18.40
CA ILE C 222 30.56 15.30 -17.65
C ILE C 222 31.42 15.42 -16.41
N THR C 223 30.95 14.84 -15.30
CA THR C 223 31.72 14.76 -14.06
C THR C 223 31.94 13.31 -13.66
N ASN C 224 32.94 13.11 -12.79
CA ASN C 224 33.22 11.83 -12.13
C ASN C 224 33.81 10.78 -13.07
N VAL C 225 34.32 11.15 -14.24
CA VAL C 225 34.86 10.16 -15.17
C VAL C 225 35.96 9.38 -14.47
N ALA C 226 35.80 8.06 -14.40
CA ALA C 226 36.77 7.13 -13.85
C ALA C 226 37.03 7.36 -12.37
N ASN C 227 36.18 8.12 -11.68
CA ASN C 227 36.34 8.29 -10.25
C ASN C 227 35.20 7.58 -9.52
N TYR C 228 35.10 7.83 -8.22
CA TYR C 228 34.23 7.06 -7.33
C TYR C 228 33.35 7.95 -6.47
N THR C 229 33.30 9.25 -6.74
CA THR C 229 32.61 10.16 -5.83
C THR C 229 31.10 9.94 -5.93
N PRO C 230 30.40 9.82 -4.81
CA PRO C 230 28.98 9.42 -4.88
C PRO C 230 28.10 10.45 -5.57
N LEU C 231 27.02 9.96 -6.20
CA LEU C 231 25.99 10.85 -6.71
C LEU C 231 25.46 11.75 -5.61
N GLU C 232 25.27 11.18 -4.43
CA GLU C 232 24.58 11.86 -3.35
C GLU C 232 25.17 11.36 -2.04
N GLU C 233 25.40 12.30 -1.10
CA GLU C 233 25.72 11.93 0.28
C GLU C 233 24.43 12.12 1.08
N PRO C 234 23.56 11.12 1.14
CA PRO C 234 22.23 11.35 1.70
C PRO C 234 22.23 11.77 3.16
N TYR C 235 23.23 11.36 3.94
CA TYR C 235 23.29 11.64 5.37
C TYR C 235 24.18 12.83 5.69
N LEU C 236 24.69 13.52 4.66
CA LEU C 236 25.36 14.81 4.82
C LEU C 236 24.82 15.79 3.79
N PRO C 237 23.51 16.10 3.83
CA PRO C 237 22.92 16.96 2.79
C PRO C 237 23.23 18.42 2.95
N ASP C 238 23.71 18.86 4.11
CA ASP C 238 23.89 20.28 4.40
C ASP C 238 25.34 20.50 4.80
N PRO C 239 26.19 20.99 3.89
CA PRO C 239 27.60 21.20 4.26
C PRO C 239 27.80 22.23 5.36
N ASN C 240 26.77 23.00 5.73
CA ASN C 240 26.88 24.00 6.78
C ASN C 240 26.30 23.55 8.11
N LEU C 241 25.80 22.30 8.20
CA LEU C 241 25.26 21.80 9.45
C LEU C 241 26.31 21.88 10.55
N THR C 242 25.93 22.45 11.69
CA THR C 242 26.86 22.60 12.80
C THR C 242 26.92 21.34 13.64
N ILE C 243 28.12 20.83 13.83
CA ILE C 243 28.38 19.68 14.70
C ILE C 243 29.52 20.08 15.62
N ALA C 244 29.27 20.03 16.93
CA ALA C 244 30.27 20.44 17.91
C ALA C 244 30.88 21.80 17.56
N GLY C 245 30.02 22.73 17.14
CA GLY C 245 30.44 24.09 16.91
C GLY C 245 31.05 24.39 15.56
N GLN C 246 31.20 23.39 14.67
CA GLN C 246 31.82 23.60 13.38
C GLN C 246 30.93 23.05 12.26
N PRO C 247 30.95 23.66 11.08
CA PRO C 247 30.20 23.10 9.95
C PRO C 247 30.84 21.82 9.44
N VAL C 248 29.99 20.89 9.00
CA VAL C 248 30.49 19.56 8.67
C VAL C 248 31.49 19.63 7.52
N ARG C 249 31.40 20.65 6.67
CA ARG C 249 32.36 20.73 5.56
C ARG C 249 33.78 21.00 6.05
N SER C 250 33.96 21.45 7.28
CA SER C 250 35.28 21.63 7.85
C SER C 250 35.93 20.32 8.28
N ALA C 251 35.22 19.21 8.16
CA ALA C 251 35.81 17.90 8.46
C ALA C 251 37.06 17.65 7.61
N SER C 252 37.94 16.83 8.17
CA SER C 252 39.21 16.49 7.52
C SER C 252 38.98 15.91 6.14
N PHE C 253 37.95 15.09 5.98
CA PHE C 253 37.70 14.45 4.70
C PHE C 253 37.34 15.48 3.62
N TYR C 254 36.80 16.63 3.99
CA TYR C 254 36.33 17.60 3.00
C TYR C 254 37.18 18.86 2.90
N GLU C 255 37.85 19.26 3.98
CA GLU C 255 38.76 20.42 3.95
C GLU C 255 38.07 21.68 3.45
N TRP C 256 36.84 21.91 3.90
CA TRP C 256 36.03 23.11 3.65
C TRP C 256 35.42 23.11 2.26
N ASN C 257 35.66 22.08 1.46
CA ASN C 257 34.96 21.92 0.20
C ASN C 257 33.48 21.72 0.49
N PRO C 258 32.58 22.55 -0.04
CA PRO C 258 31.16 22.38 0.25
C PRO C 258 30.43 21.40 -0.66
N TYR C 259 31.11 20.83 -1.65
CA TYR C 259 30.50 19.87 -2.57
C TYR C 259 30.93 18.47 -2.15
N PHE C 260 30.00 17.73 -1.53
CA PHE C 260 30.26 16.39 -1.04
C PHE C 260 29.90 15.31 -2.04
N ASP C 261 29.22 15.66 -3.13
CA ASP C 261 28.70 14.66 -4.05
C ASP C 261 28.54 15.27 -5.43
N GLU C 262 28.31 14.40 -6.42
CA GLU C 262 28.34 14.85 -7.81
C GLU C 262 27.07 15.57 -8.22
N LEU C 263 25.91 15.20 -7.69
CA LEU C 263 24.70 15.90 -8.06
C LEU C 263 24.78 17.38 -7.66
N ASP C 264 25.21 17.66 -6.42
CA ASP C 264 25.38 19.06 -6.02
C ASP C 264 26.35 19.77 -6.96
N TYR C 265 27.47 19.12 -7.27
CA TYR C 265 28.55 19.74 -8.04
C TYR C 265 28.15 19.95 -9.50
N ALA C 266 27.65 18.90 -10.16
CA ALA C 266 27.30 19.02 -11.57
C ALA C 266 26.23 20.08 -11.80
N LEU C 267 25.18 20.08 -10.97
CA LEU C 267 24.09 21.04 -11.16
C LEU C 267 24.53 22.46 -10.85
N ALA C 268 25.41 22.64 -9.85
CA ALA C 268 25.93 23.98 -9.57
C ALA C 268 26.79 24.49 -10.73
N LEU C 269 27.65 23.63 -11.29
CA LEU C 269 28.42 24.01 -12.46
C LEU C 269 27.51 24.42 -13.61
N ARG C 270 26.46 23.62 -13.86
CA ARG C 270 25.58 23.93 -14.97
C ARG C 270 24.94 25.30 -14.78
N ASN C 271 24.48 25.59 -13.56
CA ASN C 271 23.89 26.91 -13.30
C ASN C 271 24.92 28.02 -13.47
N ALA C 272 26.15 27.80 -12.95
CA ALA C 272 27.19 28.81 -13.12
C ALA C 272 27.45 29.11 -14.60
N PHE C 273 27.54 28.06 -15.43
CA PHE C 273 27.84 28.27 -16.85
C PHE C 273 26.70 28.98 -17.56
N ILE C 274 25.45 28.62 -17.26
CA ILE C 274 24.32 29.35 -17.82
C ILE C 274 24.41 30.83 -17.45
N GLY C 275 24.80 31.12 -16.20
CA GLY C 275 25.02 32.49 -15.79
C GLY C 275 26.11 33.21 -16.57
N ARG C 276 27.04 32.48 -17.16
CA ARG C 276 28.09 33.09 -17.96
C ARG C 276 27.72 33.18 -19.43
N GLY C 277 26.55 32.71 -19.82
CA GLY C 277 26.09 32.82 -21.20
C GLY C 277 25.88 31.51 -21.93
N PHE C 278 26.15 30.34 -21.34
CA PHE C 278 25.85 29.09 -22.02
C PHE C 278 24.33 28.93 -22.10
N PRO C 279 23.81 28.36 -23.18
CA PRO C 279 22.36 28.20 -23.29
C PRO C 279 21.85 27.18 -22.27
N SER C 280 20.59 27.35 -21.86
CA SER C 280 19.95 26.47 -20.88
C SER C 280 19.78 25.04 -21.41
N THR C 281 20.02 24.83 -22.70
CA THR C 281 19.99 23.50 -23.29
C THR C 281 21.20 22.63 -22.96
N ILE C 282 22.23 23.16 -22.30
CA ILE C 282 23.34 22.30 -21.90
C ILE C 282 22.85 21.30 -20.87
N GLY C 283 23.39 20.08 -20.91
CA GLY C 283 23.09 19.09 -19.89
C GLY C 283 24.38 18.49 -19.35
N MET C 284 24.27 17.89 -18.18
CA MET C 284 25.42 17.28 -17.53
C MET C 284 25.31 15.76 -17.56
N LEU C 285 26.46 15.11 -17.69
CA LEU C 285 26.57 13.67 -17.50
C LEU C 285 27.34 13.39 -16.22
N ILE C 286 27.07 12.25 -15.58
CA ILE C 286 27.85 11.80 -14.43
C ILE C 286 28.21 10.34 -14.65
N ASP C 287 29.48 10.01 -14.50
CA ASP C 287 29.94 8.63 -14.60
C ASP C 287 29.62 7.91 -13.29
N THR C 288 28.67 6.98 -13.34
CA THR C 288 28.23 6.23 -12.17
C THR C 288 28.78 4.82 -12.16
N SER C 289 29.85 4.56 -12.91
CA SER C 289 30.35 3.20 -13.08
C SER C 289 30.78 2.60 -11.75
N ARG C 290 31.34 3.42 -10.84
CA ARG C 290 32.02 2.85 -9.69
C ARG C 290 31.80 3.67 -8.43
N ASN C 291 30.70 4.40 -8.33
CA ASN C 291 30.47 5.28 -7.18
C ASN C 291 29.27 4.87 -6.33
N GLY C 292 28.91 3.58 -6.34
CA GLY C 292 27.76 3.11 -5.56
C GLY C 292 28.02 2.98 -4.07
N TRP C 293 29.20 2.49 -3.69
CA TRP C 293 29.61 2.35 -2.28
C TRP C 293 28.63 1.49 -1.46
N GLY C 294 28.13 0.40 -2.04
CA GLY C 294 27.54 -0.65 -1.24
C GLY C 294 28.61 -1.49 -0.56
N GLY C 295 28.18 -2.55 0.11
CA GLY C 295 29.11 -3.49 0.71
C GLY C 295 29.94 -2.87 1.81
N CYS C 296 31.14 -3.42 2.00
CA CYS C 296 32.01 -2.98 3.07
C CYS C 296 33.45 -2.99 2.56
N SER C 297 34.25 -2.01 3.01
CA SER C 297 35.67 -1.89 2.66
C SER C 297 36.22 -0.70 3.43
N TYR C 298 37.55 -0.62 3.51
CA TYR C 298 38.22 0.46 4.24
C TYR C 298 37.71 0.56 5.68
N GLY C 299 37.39 -0.60 6.26
CA GLY C 299 37.00 -0.69 7.65
C GLY C 299 35.60 -0.20 7.95
N ARG C 300 34.76 0.05 6.95
CA ARG C 300 33.40 0.54 7.19
C ARG C 300 32.42 -0.20 6.29
N CYS C 301 31.17 -0.24 6.73
CA CYS C 301 30.07 -0.59 5.85
C CYS C 301 29.34 0.69 5.48
N ARG C 302 28.48 0.61 4.48
CA ARG C 302 27.75 1.78 4.05
C ARG C 302 26.91 2.31 5.21
N PRO C 303 26.96 3.60 5.50
CA PRO C 303 26.11 4.12 6.56
C PRO C 303 24.65 3.96 6.19
N THR C 304 23.82 3.72 7.20
CA THR C 304 22.37 3.65 6.99
C THR C 304 21.67 4.86 7.57
N GLY C 305 22.43 5.91 7.88
CA GLY C 305 21.88 7.13 8.40
C GLY C 305 22.98 8.03 8.92
N PRO C 306 22.63 9.24 9.35
CA PRO C 306 23.62 10.10 9.99
C PRO C 306 24.21 9.41 11.21
N SER C 307 25.49 9.66 11.46
CA SER C 307 26.16 9.05 12.60
C SER C 307 25.53 9.53 13.91
N SER C 308 25.37 8.61 14.85
CA SER C 308 24.95 8.98 16.19
C SER C 308 26.07 9.63 16.99
N ASP C 309 27.30 9.61 16.47
CA ASP C 309 28.44 10.21 17.16
C ASP C 309 28.54 11.66 16.73
N THR C 310 28.06 12.56 17.59
CA THR C 310 28.10 13.99 17.36
C THR C 310 29.15 14.68 18.22
N SER C 311 30.13 13.92 18.74
CA SER C 311 31.15 14.50 19.61
C SER C 311 32.16 15.36 18.86
N SER C 312 32.33 15.13 17.56
CA SER C 312 33.22 15.96 16.76
C SER C 312 32.78 15.90 15.31
N VAL C 313 33.12 16.94 14.55
CA VAL C 313 32.74 16.98 13.15
C VAL C 313 33.40 15.85 12.37
N ASN C 314 34.64 15.49 12.71
CA ASN C 314 35.31 14.40 12.00
C ASN C 314 34.66 13.05 12.29
N ALA C 315 34.33 12.78 13.56
CA ALA C 315 33.67 11.52 13.88
C ALA C 315 32.30 11.46 13.22
N TYR C 316 31.57 12.57 13.23
CA TYR C 316 30.25 12.61 12.61
C TYR C 316 30.33 12.35 11.11
N VAL C 317 31.18 13.12 10.42
CA VAL C 317 31.28 12.98 8.96
C VAL C 317 31.77 11.59 8.59
N ASP C 318 32.80 11.10 9.29
CA ASP C 318 33.37 9.80 8.92
C ASP C 318 32.40 8.66 9.16
N GLY C 319 31.50 8.80 10.14
CA GLY C 319 30.47 7.80 10.32
C GLY C 319 29.21 8.00 9.50
N SER C 320 29.12 9.12 8.77
CA SER C 320 27.96 9.43 7.96
C SER C 320 28.20 9.33 6.47
N ARG C 321 29.45 9.41 6.02
CA ARG C 321 29.72 9.52 4.59
C ARG C 321 29.62 8.17 3.90
N VAL C 322 29.01 8.18 2.72
CA VAL C 322 28.97 7.00 1.87
C VAL C 322 30.32 6.75 1.21
N ASP C 323 30.99 7.82 0.77
CA ASP C 323 32.35 7.70 0.22
C ASP C 323 33.29 7.33 1.37
N ARG C 324 33.66 6.06 1.48
CA ARG C 324 34.47 5.64 2.62
C ARG C 324 35.95 5.51 2.27
N ARG C 325 36.41 6.21 1.23
CA ARG C 325 37.84 6.23 0.96
C ARG C 325 38.59 6.89 2.12
N TYR C 326 39.87 6.53 2.28
CA TYR C 326 40.66 7.14 3.35
C TYR C 326 40.85 8.63 3.10
N HIS C 327 40.93 9.04 1.84
CA HIS C 327 41.15 10.42 1.47
C HIS C 327 40.49 10.63 0.13
N ARG C 328 39.84 11.78 -0.05
CA ARG C 328 39.05 12.02 -1.26
C ARG C 328 39.89 12.00 -2.53
N GLY C 329 41.20 12.22 -2.43
CA GLY C 329 42.04 12.18 -3.60
C GLY C 329 42.49 10.80 -4.02
N ASN C 330 42.01 9.76 -3.34
CA ASN C 330 42.42 8.38 -3.60
C ASN C 330 41.70 7.88 -4.83
N TRP C 331 42.31 8.07 -6.00
CA TRP C 331 41.64 7.82 -7.28
C TRP C 331 41.95 6.45 -7.88
N CYS C 332 42.91 5.70 -7.34
CA CYS C 332 43.43 4.54 -8.07
C CYS C 332 42.96 3.22 -7.45
N ASN C 333 42.21 2.45 -8.24
CA ASN C 333 41.93 1.03 -7.95
C ASN C 333 41.27 0.86 -6.59
N GLN C 334 40.22 1.64 -6.36
CA GLN C 334 39.58 1.70 -5.07
C GLN C 334 38.57 0.59 -4.92
N ALA C 335 38.38 0.14 -3.67
CA ALA C 335 37.46 -0.95 -3.37
C ALA C 335 36.04 -0.41 -3.21
N GLY C 336 35.51 0.16 -4.29
CA GLY C 336 34.18 0.73 -4.28
C GLY C 336 33.13 -0.25 -4.77
N GLY C 337 32.05 0.30 -5.30
CA GLY C 337 30.99 -0.54 -5.87
C GLY C 337 30.38 0.13 -7.08
N ILE C 338 29.89 -0.71 -8.00
CA ILE C 338 29.13 -0.22 -9.15
C ILE C 338 27.98 0.66 -8.66
N GLY C 339 27.77 1.78 -9.35
CA GLY C 339 26.73 2.73 -8.99
C GLY C 339 25.47 2.54 -9.79
N GLU C 340 24.69 3.63 -9.90
CA GLU C 340 23.44 3.59 -10.67
C GLU C 340 23.73 3.15 -12.09
N ARG C 341 22.82 2.37 -12.67
CA ARG C 341 22.99 1.92 -14.04
C ARG C 341 22.77 3.08 -15.02
N PRO C 342 23.32 2.98 -16.23
CA PRO C 342 23.13 4.06 -17.21
C PRO C 342 21.65 4.29 -17.44
N GLN C 343 21.26 5.57 -17.42
CA GLN C 343 19.86 5.92 -17.58
C GLN C 343 19.75 7.37 -18.03
N ALA C 344 18.74 7.63 -18.86
CA ALA C 344 18.51 8.97 -19.40
C ALA C 344 17.74 9.84 -18.42
N ALA C 345 18.12 11.13 -18.38
CA ALA C 345 17.42 12.20 -17.66
C ALA C 345 16.99 11.81 -16.24
N PRO C 346 17.92 11.41 -15.36
CA PRO C 346 17.52 11.08 -13.98
C PRO C 346 17.10 12.29 -13.17
N ARG C 347 17.58 13.48 -13.50
CA ARG C 347 17.25 14.72 -12.81
C ARG C 347 17.27 15.84 -13.83
N SER C 348 16.47 16.88 -13.58
CA SER C 348 16.55 18.07 -14.41
CA SER C 348 16.55 18.07 -14.41
C SER C 348 17.99 18.58 -14.46
N GLY C 349 18.47 18.88 -15.66
CA GLY C 349 19.83 19.33 -15.84
C GLY C 349 20.85 18.21 -16.06
N ILE C 350 20.50 16.98 -15.74
CA ILE C 350 21.36 15.81 -15.95
C ILE C 350 20.85 15.09 -17.19
N ASP C 351 21.63 15.09 -18.28
CA ASP C 351 21.23 14.33 -19.47
C ASP C 351 21.18 12.83 -19.21
N ALA C 352 22.12 12.31 -18.41
CA ALA C 352 22.19 10.87 -18.19
C ALA C 352 23.20 10.53 -17.10
N TYR C 353 22.97 9.40 -16.45
CA TYR C 353 24.06 8.64 -15.82
C TYR C 353 24.61 7.71 -16.88
N VAL C 354 25.94 7.63 -16.95
CA VAL C 354 26.63 6.80 -17.95
C VAL C 354 27.73 6.03 -17.24
N TRP C 355 28.13 4.91 -17.85
CA TRP C 355 29.32 4.19 -17.39
C TRP C 355 30.42 4.51 -18.40
N VAL C 356 31.30 5.44 -18.05
CA VAL C 356 32.33 5.87 -18.98
C VAL C 356 33.58 5.02 -18.74
N LYS C 357 34.11 5.06 -17.52
CA LYS C 357 35.05 4.04 -17.08
C LYS C 357 34.33 2.70 -17.10
N PRO C 358 34.82 1.69 -17.83
CA PRO C 358 34.15 0.37 -17.77
C PRO C 358 34.53 -0.36 -16.49
N PRO C 359 33.54 -0.76 -15.68
CA PRO C 359 33.87 -1.47 -14.44
C PRO C 359 34.68 -2.72 -14.72
N GLY C 360 35.71 -2.94 -13.91
CA GLY C 360 36.60 -4.07 -14.06
C GLY C 360 37.92 -3.74 -14.73
N GLU C 361 38.01 -2.61 -15.43
CA GLU C 361 39.27 -2.18 -16.02
C GLU C 361 40.11 -1.43 -15.00
N SER C 362 41.41 -1.69 -15.00
CA SER C 362 42.26 -1.19 -13.93
C SER C 362 42.55 0.29 -14.16
N ASP C 363 42.86 0.99 -13.07
CA ASP C 363 43.28 2.38 -13.14
C ASP C 363 44.80 2.52 -13.30
N GLY C 364 45.54 1.43 -13.13
CA GLY C 364 47.00 1.47 -13.19
C GLY C 364 47.64 0.27 -12.53
N VAL C 365 48.85 -0.08 -12.96
CA VAL C 365 49.57 -1.21 -12.37
C VAL C 365 49.90 -0.88 -10.91
N SER C 366 49.91 -1.91 -10.06
CA SER C 366 50.04 -1.64 -8.63
C SER C 366 51.48 -1.61 -8.14
N GLN C 367 52.47 -1.78 -9.01
CA GLN C 367 53.86 -1.71 -8.57
C GLN C 367 54.73 -1.49 -9.80
N PRO C 368 55.92 -0.92 -9.63
CA PRO C 368 56.86 -0.76 -10.75
C PRO C 368 57.53 -2.08 -11.08
N GLY C 369 58.27 -2.09 -12.18
CA GLY C 369 58.98 -3.26 -12.62
C GLY C 369 58.26 -4.11 -13.64
N ILE C 370 57.06 -3.71 -14.07
CA ILE C 370 56.24 -4.51 -14.96
C ILE C 370 55.89 -3.64 -16.16
N VAL C 371 56.37 -4.03 -17.35
CA VAL C 371 56.13 -3.25 -18.56
C VAL C 371 54.97 -3.89 -19.31
N ASP C 372 54.00 -3.09 -19.73
CA ASP C 372 52.89 -3.62 -20.50
C ASP C 372 53.36 -4.09 -21.87
N PRO C 373 53.14 -5.35 -22.24
CA PRO C 373 53.63 -5.83 -23.55
C PRO C 373 53.00 -5.11 -24.74
N ASP C 374 51.86 -4.46 -24.57
CA ASP C 374 51.22 -3.77 -25.68
C ASP C 374 51.43 -2.27 -25.69
N ASP C 375 51.84 -1.70 -24.56
CA ASP C 375 51.99 -0.24 -24.46
C ASP C 375 53.06 0.06 -23.42
N PRO C 376 54.33 0.18 -23.85
CA PRO C 376 55.40 0.56 -22.91
C PRO C 376 55.29 2.00 -22.40
N ASN C 377 54.35 2.81 -22.91
CA ASN C 377 54.13 4.14 -22.36
C ASN C 377 53.38 4.15 -21.04
N LYS C 378 52.69 3.06 -20.68
CA LYS C 378 51.96 3.02 -19.41
C LYS C 378 52.94 2.82 -18.27
N LYS C 379 52.90 3.72 -17.28
CA LYS C 379 53.92 3.76 -16.24
C LYS C 379 53.27 3.79 -14.86
N PHE C 380 53.87 3.05 -13.92
CA PHE C 380 53.40 2.98 -12.55
C PHE C 380 53.32 4.37 -11.92
N ASP C 381 52.21 4.64 -11.24
CA ASP C 381 52.02 5.84 -10.44
C ASP C 381 51.90 5.46 -8.97
N PRO C 382 52.61 6.14 -8.07
CA PRO C 382 52.55 5.75 -6.65
C PRO C 382 51.17 5.87 -6.01
N MET C 383 50.22 6.59 -6.62
CA MET C 383 48.86 6.57 -6.04
C MET C 383 48.21 5.20 -6.16
N CYS C 384 48.75 4.33 -7.02
CA CYS C 384 48.33 2.94 -7.16
C CYS C 384 49.09 1.96 -6.27
N ASP C 385 49.97 2.45 -5.41
CA ASP C 385 50.75 1.58 -4.52
C ASP C 385 49.89 1.13 -3.35
N PRO C 386 49.55 -0.15 -3.25
CA PRO C 386 48.74 -0.61 -2.10
C PRO C 386 49.42 -0.39 -0.76
N ASN C 387 50.74 -0.27 -0.71
CA ASN C 387 51.46 -0.11 0.55
C ASN C 387 51.88 1.33 0.82
N GLY C 388 51.54 2.27 -0.06
CA GLY C 388 52.02 3.63 0.05
C GLY C 388 51.00 4.59 0.63
N GLN C 389 51.44 5.84 0.76
CA GLN C 389 50.60 6.94 1.19
C GLN C 389 50.20 7.81 0.01
N SER C 390 49.07 8.50 0.17
CA SER C 390 48.62 9.48 -0.80
C SER C 390 49.65 10.61 -0.92
N ARG C 391 49.86 11.09 -2.15
CA ARG C 391 50.72 12.25 -2.32
C ARG C 391 49.98 13.57 -2.11
N TYR C 392 48.65 13.54 -1.97
CA TYR C 392 47.92 14.77 -1.67
C TYR C 392 47.80 15.00 -0.17
N ASN C 393 47.99 13.94 0.64
CA ASN C 393 48.14 14.09 2.08
C ASN C 393 48.77 12.79 2.57
N SER C 394 50.07 12.85 2.89
CA SER C 394 50.80 11.62 3.22
C SER C 394 50.37 11.00 4.54
N ALA C 395 49.53 11.68 5.34
CA ALA C 395 48.97 11.03 6.53
C ALA C 395 48.02 9.87 6.19
N TYR C 396 47.61 9.73 4.93
CA TYR C 396 46.60 8.73 4.59
C TYR C 396 47.15 7.69 3.62
N PRO C 397 46.72 6.44 3.74
CA PRO C 397 47.06 5.43 2.74
C PRO C 397 46.34 5.69 1.42
N THR C 398 46.89 5.10 0.34
CA THR C 398 46.29 5.27 -0.99
C THR C 398 44.97 4.54 -1.12
N GLY C 399 44.77 3.46 -0.34
CA GLY C 399 43.61 2.61 -0.54
C GLY C 399 43.65 1.75 -1.80
N ALA C 400 44.75 1.76 -2.55
CA ALA C 400 44.78 1.06 -3.83
C ALA C 400 44.82 -0.45 -3.64
N LEU C 401 44.02 -1.17 -4.42
CA LEU C 401 43.97 -2.61 -4.32
C LEU C 401 45.25 -3.23 -4.89
N PRO C 402 45.71 -4.35 -4.31
CA PRO C 402 46.92 -5.02 -4.83
C PRO C 402 46.62 -5.84 -6.07
N ASN C 403 47.70 -6.26 -6.74
CA ASN C 403 47.65 -7.15 -7.91
C ASN C 403 46.95 -6.51 -9.10
N ALA C 404 47.02 -5.20 -9.22
CA ALA C 404 46.38 -4.55 -10.37
C ALA C 404 47.26 -4.63 -11.60
N PRO C 405 46.70 -4.95 -12.76
CA PRO C 405 47.43 -4.85 -14.02
C PRO C 405 47.45 -3.40 -14.51
N HIS C 406 48.13 -3.18 -15.62
CA HIS C 406 48.25 -1.84 -16.18
C HIS C 406 46.87 -1.26 -16.51
N ALA C 407 46.82 0.07 -16.55
CA ALA C 407 45.58 0.79 -16.75
C ALA C 407 44.86 0.26 -17.98
N GLY C 408 43.56 0.01 -17.83
CA GLY C 408 42.74 -0.44 -18.92
C GLY C 408 42.65 -1.94 -19.07
N ARG C 409 43.56 -2.70 -18.44
CA ARG C 409 43.52 -4.15 -18.50
C ARG C 409 42.54 -4.70 -17.46
N TRP C 410 42.08 -5.92 -17.70
CA TRP C 410 41.06 -6.51 -16.83
C TRP C 410 41.64 -6.80 -15.45
N PHE C 411 40.91 -6.38 -14.41
CA PHE C 411 41.33 -6.44 -13.01
C PHE C 411 40.29 -7.28 -12.27
N PRO C 412 40.40 -8.61 -12.32
CA PRO C 412 39.29 -9.44 -11.83
C PRO C 412 39.01 -9.32 -10.35
N GLN C 413 40.04 -9.11 -9.52
CA GLN C 413 39.79 -8.93 -8.08
C GLN C 413 38.99 -7.67 -7.81
N GLN C 414 39.31 -6.58 -8.51
CA GLN C 414 38.50 -5.37 -8.32
C GLN C 414 37.11 -5.56 -8.88
N PHE C 415 36.99 -6.23 -10.03
CA PHE C 415 35.66 -6.43 -10.60
C PHE C 415 34.75 -7.18 -9.64
N GLU C 416 35.27 -8.24 -9.00
CA GLU C 416 34.46 -8.96 -8.03
C GLU C 416 34.00 -8.05 -6.89
N ILE C 417 34.91 -7.22 -6.37
CA ILE C 417 34.56 -6.29 -5.31
C ILE C 417 33.53 -5.28 -5.79
N LEU C 418 33.71 -4.73 -6.99
CA LEU C 418 32.77 -3.74 -7.50
C LEU C 418 31.37 -4.33 -7.66
N VAL C 419 31.27 -5.57 -8.13
CA VAL C 419 29.97 -6.21 -8.26
C VAL C 419 29.38 -6.47 -6.88
N ARG C 420 30.17 -7.05 -5.96
CA ARG C 420 29.65 -7.35 -4.64
C ARG C 420 29.19 -6.08 -3.92
N ASN C 421 29.90 -4.97 -4.14
CA ASN C 421 29.61 -3.71 -3.45
C ASN C 421 28.66 -2.82 -4.23
N ALA C 422 28.01 -3.33 -5.27
CA ALA C 422 27.13 -2.50 -6.10
C ALA C 422 26.02 -1.89 -5.26
N TYR C 423 25.64 -0.66 -5.62
CA TYR C 423 24.50 -0.03 -4.97
C TYR C 423 23.78 0.86 -5.96
N PRO C 424 22.52 0.54 -6.33
CA PRO C 424 21.74 -0.59 -5.81
C PRO C 424 22.36 -1.93 -6.17
N PRO C 425 22.24 -2.92 -5.29
CA PRO C 425 22.87 -4.21 -5.56
C PRO C 425 22.40 -4.80 -6.88
N ILE C 426 23.31 -5.54 -7.54
CA ILE C 426 22.95 -6.21 -8.77
C ILE C 426 21.93 -7.30 -8.46
N GLN C 427 20.90 -7.39 -9.30
CA GLN C 427 19.97 -8.50 -9.21
C GLN C 427 20.16 -9.43 -10.39
N PRO C 428 20.45 -10.72 -10.15
CA PRO C 428 20.64 -11.75 -11.18
C PRO C 428 19.53 -11.75 -12.24
#